data_2M4L
#
_entry.id   2M4L
#
_entity_poly.entity_id   1
_entity_poly.type   'polypeptide(L)'
_entity_poly.pdbx_seq_one_letter_code
;GEDWTELNSNNIIGYWSTGIEGTHKLLSFDEDGTGSFGIYSNATPISFQMFDYKIEEGRIYIYDVYPDEKTPYYLDCKIS
GTTLKVETGSEAGTYKKQK
;
_entity_poly.pdbx_strand_id   A
#
# COMPACT_ATOMS: atom_id res chain seq x y z
N GLY A 1 -5.39 23.91 0.65
CA GLY A 1 -4.11 23.61 -0.01
C GLY A 1 -4.10 22.18 -0.50
N GLU A 2 -3.33 21.28 0.13
CA GLU A 2 -3.50 19.85 -0.04
C GLU A 2 -4.56 19.41 0.96
N ASP A 3 -5.78 19.24 0.47
CA ASP A 3 -6.95 18.91 1.25
C ASP A 3 -7.21 17.44 0.98
N TRP A 4 -6.71 16.59 1.87
CA TRP A 4 -6.80 15.15 1.76
C TRP A 4 -8.03 14.64 2.52
N THR A 5 -8.51 13.42 2.23
CA THR A 5 -9.60 12.82 2.99
C THR A 5 -9.06 11.99 4.15
N GLU A 6 -9.95 11.61 5.06
CA GLU A 6 -9.71 10.51 5.97
C GLU A 6 -9.44 9.23 5.17
N LEU A 7 -8.23 8.72 5.33
CA LEU A 7 -7.89 7.33 5.09
C LEU A 7 -8.85 6.47 5.89
N ASN A 8 -9.54 5.55 5.22
CA ASN A 8 -10.45 4.62 5.87
C ASN A 8 -10.41 3.28 5.16
N SER A 9 -11.09 2.33 5.76
CA SER A 9 -11.22 0.96 5.34
C SER A 9 -11.91 0.76 3.99
N ASN A 10 -12.36 1.81 3.30
CA ASN A 10 -13.13 1.67 2.07
C ASN A 10 -12.49 2.39 0.89
N ASN A 11 -11.88 3.56 1.09
CA ASN A 11 -11.23 4.27 -0.01
C ASN A 11 -9.90 3.63 -0.45
N ILE A 12 -9.16 2.98 0.46
CA ILE A 12 -7.86 2.37 0.12
C ILE A 12 -8.00 1.18 -0.84
N ILE A 13 -9.18 0.56 -0.88
CA ILE A 13 -9.42 -0.75 -1.47
C ILE A 13 -9.20 -0.71 -2.98
N GLY A 14 -8.35 -1.62 -3.46
CA GLY A 14 -7.97 -1.81 -4.85
C GLY A 14 -6.44 -1.90 -4.99
N TYR A 15 -5.95 -1.93 -6.23
CA TYR A 15 -4.51 -1.98 -6.55
C TYR A 15 -3.92 -0.58 -6.72
N TRP A 16 -2.58 -0.43 -6.66
CA TRP A 16 -1.90 0.87 -6.71
C TRP A 16 -0.53 0.74 -7.38
N SER A 17 -0.26 1.49 -8.47
CA SER A 17 0.96 1.39 -9.28
C SER A 17 1.65 2.75 -9.47
N THR A 18 2.93 2.72 -9.84
CA THR A 18 3.77 3.86 -10.21
C THR A 18 3.70 3.99 -11.74
N GLY A 19 4.24 2.98 -12.43
CA GLY A 19 4.51 2.89 -13.84
C GLY A 19 5.21 1.54 -14.07
N ILE A 20 5.57 1.23 -15.31
CA ILE A 20 5.81 -0.16 -15.73
C ILE A 20 7.29 -0.46 -16.04
N GLU A 21 8.23 0.38 -15.61
CA GLU A 21 9.63 0.39 -16.07
C GLU A 21 10.62 0.05 -14.96
N GLY A 22 11.91 0.06 -15.31
CA GLY A 22 13.07 0.23 -14.44
C GLY A 22 13.05 -0.61 -13.17
N THR A 23 12.56 -0.06 -12.07
CA THR A 23 12.31 -0.78 -10.83
C THR A 23 11.00 -0.23 -10.29
N HIS A 24 9.88 -0.87 -10.62
CA HIS A 24 8.56 -0.44 -10.15
C HIS A 24 8.11 -1.31 -8.98
N LYS A 25 7.04 -0.85 -8.33
CA LYS A 25 6.46 -1.44 -7.14
C LYS A 25 4.95 -1.47 -7.37
N LEU A 26 4.28 -2.49 -6.84
CA LEU A 26 2.85 -2.70 -7.02
C LEU A 26 2.24 -3.05 -5.66
N LEU A 27 1.00 -2.62 -5.41
CA LEU A 27 0.28 -2.87 -4.16
C LEU A 27 -1.14 -3.30 -4.47
N SER A 28 -1.78 -3.96 -3.51
CA SER A 28 -3.20 -4.21 -3.41
C SER A 28 -3.61 -4.16 -1.95
N PHE A 29 -4.90 -3.86 -1.73
CA PHE A 29 -5.61 -3.95 -0.46
C PHE A 29 -7.05 -4.39 -0.77
N ASP A 30 -7.52 -5.45 -0.11
CA ASP A 30 -8.88 -5.94 -0.17
C ASP A 30 -9.61 -5.49 1.09
N GLU A 31 -10.95 -5.48 1.03
CA GLU A 31 -11.76 -4.97 2.13
C GLU A 31 -11.91 -6.03 3.22
N ASP A 32 -12.05 -7.29 2.82
CA ASP A 32 -12.42 -8.39 3.72
C ASP A 32 -11.43 -9.55 3.57
N GLY A 33 -10.24 -9.27 3.04
CA GLY A 33 -9.12 -10.17 2.93
C GLY A 33 -7.86 -9.51 3.48
N THR A 34 -6.90 -9.22 2.62
CA THR A 34 -5.52 -8.88 2.94
C THR A 34 -5.02 -7.78 1.99
N GLY A 35 -3.81 -7.29 2.21
CA GLY A 35 -3.05 -6.56 1.22
C GLY A 35 -2.03 -7.46 0.52
N SER A 36 -1.41 -6.97 -0.54
CA SER A 36 -0.25 -7.60 -1.16
C SER A 36 0.69 -6.52 -1.68
N PHE A 37 2.01 -6.73 -1.61
CA PHE A 37 3.04 -5.80 -2.05
C PHE A 37 4.02 -6.58 -2.92
N GLY A 38 4.27 -6.09 -4.15
CA GLY A 38 5.25 -6.65 -5.05
C GLY A 38 6.29 -5.62 -5.47
N ILE A 39 7.44 -6.09 -5.93
CA ILE A 39 8.55 -5.28 -6.41
C ILE A 39 9.05 -5.98 -7.68
N TYR A 40 9.31 -5.19 -8.72
CA TYR A 40 9.67 -5.66 -10.04
C TYR A 40 11.01 -5.04 -10.43
N SER A 41 11.62 -5.57 -11.49
CA SER A 41 12.64 -4.87 -12.23
C SER A 41 12.30 -5.02 -13.71
N ASN A 42 12.25 -3.89 -14.40
CA ASN A 42 11.90 -3.63 -15.80
C ASN A 42 10.66 -4.35 -16.27
N ALA A 43 10.76 -5.67 -16.47
CA ALA A 43 9.66 -6.55 -16.83
C ALA A 43 9.79 -7.94 -16.18
N THR A 44 10.13 -8.03 -14.89
CA THR A 44 10.22 -9.26 -14.12
C THR A 44 9.76 -9.00 -12.67
N PRO A 45 8.93 -9.86 -12.04
CA PRO A 45 8.64 -9.84 -10.61
C PRO A 45 9.82 -10.37 -9.79
N ILE A 46 10.27 -9.63 -8.76
CA ILE A 46 11.47 -9.95 -7.98
C ILE A 46 11.16 -10.10 -6.49
N SER A 47 10.08 -9.52 -5.98
CA SER A 47 9.58 -9.79 -4.62
C SER A 47 8.09 -10.10 -4.69
N PHE A 48 7.58 -10.55 -3.57
CA PHE A 48 6.17 -10.66 -3.21
C PHE A 48 6.14 -10.74 -1.69
N GLN A 49 5.14 -10.16 -1.07
CA GLN A 49 4.73 -10.39 0.31
C GLN A 49 3.23 -10.10 0.38
N MET A 50 2.58 -10.58 1.43
CA MET A 50 1.22 -10.20 1.79
C MET A 50 1.23 -9.82 3.27
N PHE A 51 0.19 -9.11 3.69
CA PHE A 51 -0.05 -8.79 5.08
C PHE A 51 -1.54 -8.50 5.29
N ASP A 52 -2.07 -8.85 6.46
CA ASP A 52 -3.34 -8.28 6.93
C ASP A 52 -3.07 -6.82 7.25
N TYR A 53 -4.13 -6.01 7.30
CA TYR A 53 -4.05 -4.68 7.87
C TYR A 53 -5.38 -4.29 8.49
N LYS A 54 -5.36 -3.21 9.29
CA LYS A 54 -6.56 -2.52 9.77
C LYS A 54 -6.36 -1.02 9.59
N ILE A 55 -7.43 -0.25 9.72
CA ILE A 55 -7.41 1.21 9.71
C ILE A 55 -8.02 1.66 11.04
N GLU A 56 -7.20 1.76 12.08
CA GLU A 56 -7.65 2.01 13.44
C GLU A 56 -6.97 3.26 14.00
N GLU A 57 -6.53 4.14 13.11
CA GLU A 57 -5.83 5.36 13.43
C GLU A 57 -5.72 6.36 12.28
N GLY A 58 -6.50 6.20 11.22
CA GLY A 58 -6.30 6.95 9.98
C GLY A 58 -4.91 6.68 9.39
N ARG A 59 -4.37 5.49 9.67
CA ARG A 59 -3.12 4.96 9.18
C ARG A 59 -3.38 3.50 8.88
N ILE A 60 -2.52 2.89 8.07
CA ILE A 60 -2.47 1.45 7.98
C ILE A 60 -1.88 0.97 9.30
N TYR A 61 -2.49 -0.04 9.93
CA TYR A 61 -1.90 -0.85 10.99
C TYR A 61 -1.45 -2.16 10.35
N ILE A 62 -0.17 -2.48 10.42
CA ILE A 62 0.42 -3.74 9.96
C ILE A 62 0.73 -4.54 11.21
N TYR A 63 0.46 -5.85 11.22
CA TYR A 63 0.66 -6.71 12.38
C TYR A 63 0.73 -8.20 12.03
N ASP A 64 0.63 -8.58 10.75
CA ASP A 64 0.86 -9.92 10.27
C ASP A 64 1.40 -9.75 8.88
N VAL A 65 2.63 -10.20 8.66
CA VAL A 65 3.34 -10.18 7.38
C VAL A 65 3.84 -11.61 7.16
N TYR A 66 4.07 -12.01 5.92
CA TYR A 66 4.66 -13.30 5.58
C TYR A 66 5.55 -13.13 4.34
N PRO A 67 6.47 -14.07 4.06
CA PRO A 67 6.85 -15.20 4.91
C PRO A 67 7.75 -14.82 6.08
N ASP A 68 8.44 -13.68 6.02
CA ASP A 68 9.23 -13.18 7.14
C ASP A 68 8.32 -12.18 7.83
N GLU A 69 7.61 -12.66 8.83
CA GLU A 69 6.75 -11.85 9.69
C GLU A 69 7.60 -10.83 10.44
N LYS A 70 7.09 -9.62 10.59
CA LYS A 70 7.80 -8.48 11.19
C LYS A 70 6.96 -7.86 12.30
N THR A 71 7.58 -6.98 13.09
CA THR A 71 6.91 -6.30 14.20
C THR A 71 5.67 -5.57 13.68
N PRO A 72 4.60 -5.43 14.48
CA PRO A 72 3.48 -4.57 14.16
C PRO A 72 3.88 -3.10 14.24
N TYR A 73 3.41 -2.27 13.30
CA TYR A 73 3.62 -0.82 13.28
C TYR A 73 2.45 -0.15 12.55
N TYR A 74 2.44 1.19 12.55
CA TYR A 74 1.49 2.00 11.78
C TYR A 74 2.24 2.75 10.68
N LEU A 75 1.52 3.17 9.64
CA LEU A 75 2.07 3.82 8.45
C LEU A 75 1.29 5.09 8.15
N ASP A 76 1.94 6.25 8.31
CA ASP A 76 1.42 7.57 7.96
C ASP A 76 1.18 7.59 6.45
N CYS A 77 -0.05 7.87 6.03
CA CYS A 77 -0.38 8.02 4.63
C CYS A 77 -1.62 8.89 4.47
N LYS A 78 -1.82 9.39 3.24
CA LYS A 78 -2.99 10.18 2.87
C LYS A 78 -3.64 9.56 1.64
N ILE A 79 -4.92 9.85 1.41
CA ILE A 79 -5.66 9.40 0.24
C ILE A 79 -6.75 10.43 -0.06
N SER A 80 -7.19 10.52 -1.31
CA SER A 80 -8.37 11.32 -1.71
C SER A 80 -9.28 10.71 -2.79
N GLY A 81 -8.87 9.61 -3.43
CA GLY A 81 -9.63 8.90 -4.45
C GLY A 81 -8.66 8.04 -5.24
N THR A 82 -7.84 8.66 -6.10
CA THR A 82 -7.03 7.97 -7.08
C THR A 82 -5.51 8.17 -6.89
N THR A 83 -5.06 8.90 -5.86
CA THR A 83 -3.66 9.12 -5.48
C THR A 83 -3.40 8.60 -4.07
N LEU A 84 -2.71 7.49 -3.91
CA LEU A 84 -2.13 7.10 -2.62
C LEU A 84 -0.92 7.97 -2.36
N LYS A 85 -0.85 8.61 -1.19
CA LYS A 85 0.42 9.19 -0.70
C LYS A 85 0.85 8.52 0.59
N VAL A 86 1.71 7.50 0.54
CA VAL A 86 2.32 6.98 1.76
C VAL A 86 3.57 7.79 2.09
N GLU A 87 3.68 8.20 3.35
CA GLU A 87 4.76 9.03 3.84
C GLU A 87 5.95 8.21 4.37
N THR A 88 5.72 7.02 4.93
CA THR A 88 6.74 6.17 5.57
C THR A 88 6.51 4.69 5.23
N GLY A 89 7.48 3.82 5.44
CA GLY A 89 7.40 2.41 5.12
C GLY A 89 8.09 2.05 3.80
N SER A 90 8.04 0.78 3.45
CA SER A 90 8.49 0.22 2.18
C SER A 90 7.79 0.85 0.99
N GLU A 91 6.55 1.26 1.16
CA GLU A 91 5.67 1.64 0.06
C GLU A 91 5.56 3.17 -0.02
N ALA A 92 6.42 3.88 0.72
CA ALA A 92 6.52 5.33 0.81
C ALA A 92 6.84 5.93 -0.55
N GLY A 93 5.93 6.75 -1.06
CA GLY A 93 6.07 7.47 -2.31
C GLY A 93 4.76 8.08 -2.77
N THR A 94 4.37 7.72 -3.98
CA THR A 94 3.12 8.07 -4.62
C THR A 94 2.68 6.88 -5.47
N TYR A 95 1.37 6.59 -5.53
CA TYR A 95 0.81 5.67 -6.50
C TYR A 95 -0.55 6.13 -7.00
N LYS A 96 -0.91 5.75 -8.23
CA LYS A 96 -2.28 5.89 -8.74
C LYS A 96 -3.07 4.60 -8.46
N LYS A 97 -4.37 4.71 -8.22
CA LYS A 97 -5.29 3.57 -8.14
C LYS A 97 -5.23 2.79 -9.47
N GLN A 98 -5.40 1.47 -9.45
CA GLN A 98 -5.39 0.58 -10.61
C GLN A 98 -6.56 -0.38 -10.53
N LYS A 99 -7.74 0.18 -10.34
CA LYS A 99 -9.00 -0.37 -10.79
C LYS A 99 -9.87 0.80 -11.20
N GLY A 1 -0.10 23.08 1.71
CA GLY A 1 -1.49 22.90 1.32
C GLY A 1 -1.69 21.53 0.74
N GLU A 2 -2.29 20.61 1.49
CA GLU A 2 -2.63 19.29 1.00
C GLU A 2 -3.83 18.77 1.80
N ASP A 3 -5.02 19.10 1.32
CA ASP A 3 -6.30 18.73 1.89
C ASP A 3 -6.54 17.30 1.45
N TRP A 4 -6.37 16.37 2.36
CA TRP A 4 -6.57 14.94 2.14
C TRP A 4 -7.93 14.48 2.70
N THR A 5 -8.40 13.30 2.29
CA THR A 5 -9.59 12.68 2.88
C THR A 5 -9.17 11.59 3.86
N GLU A 6 -10.10 11.22 4.73
CA GLU A 6 -9.94 10.17 5.70
C GLU A 6 -9.59 8.85 5.03
N LEU A 7 -8.41 8.35 5.37
CA LEU A 7 -8.01 7.00 5.10
C LEU A 7 -8.89 6.08 5.95
N ASN A 8 -9.82 5.43 5.27
CA ASN A 8 -10.71 4.44 5.86
C ASN A 8 -10.66 3.14 5.08
N SER A 9 -11.32 2.16 5.68
CA SER A 9 -11.32 0.75 5.33
C SER A 9 -12.02 0.47 3.99
N ASN A 10 -12.64 1.48 3.36
CA ASN A 10 -13.18 1.36 2.00
C ASN A 10 -12.34 2.19 1.02
N ASN A 11 -11.71 3.28 1.47
CA ASN A 11 -11.06 4.25 0.61
C ASN A 11 -9.85 3.69 -0.13
N ILE A 12 -9.11 2.79 0.51
CA ILE A 12 -7.84 2.26 -0.02
C ILE A 12 -8.04 1.09 -0.99
N ILE A 13 -9.23 0.49 -1.01
CA ILE A 13 -9.47 -0.84 -1.54
C ILE A 13 -9.32 -0.85 -3.08
N GLY A 14 -8.43 -1.69 -3.60
CA GLY A 14 -8.09 -1.81 -5.01
C GLY A 14 -6.57 -1.95 -5.22
N TYR A 15 -6.12 -1.84 -6.47
CA TYR A 15 -4.71 -1.87 -6.85
C TYR A 15 -4.11 -0.45 -6.80
N TRP A 16 -2.78 -0.33 -6.71
CA TRP A 16 -2.04 0.93 -6.72
C TRP A 16 -0.73 0.75 -7.50
N SER A 17 -0.48 1.59 -8.51
CA SER A 17 0.67 1.47 -9.41
C SER A 17 1.54 2.74 -9.44
N THR A 18 2.77 2.62 -9.96
CA THR A 18 3.78 3.67 -10.02
C THR A 18 4.39 3.83 -11.42
N GLY A 19 4.04 2.99 -12.38
CA GLY A 19 4.71 2.87 -13.67
C GLY A 19 5.17 1.42 -13.83
N ILE A 20 5.74 1.09 -14.99
CA ILE A 20 5.84 -0.29 -15.46
C ILE A 20 7.22 -0.65 -16.02
N GLU A 21 8.22 0.23 -15.92
CA GLU A 21 9.55 0.09 -16.51
C GLU A 21 10.61 0.11 -15.41
N GLY A 22 11.82 -0.33 -15.79
CA GLY A 22 13.03 -0.20 -15.00
C GLY A 22 12.94 -0.92 -13.65
N THR A 23 12.37 -0.26 -12.63
CA THR A 23 12.23 -0.77 -11.28
C THR A 23 10.94 -0.18 -10.69
N HIS A 24 9.82 -0.91 -10.75
CA HIS A 24 8.56 -0.46 -10.20
C HIS A 24 8.15 -1.35 -9.03
N LYS A 25 7.03 -1.01 -8.40
CA LYS A 25 6.43 -1.76 -7.30
C LYS A 25 4.94 -1.90 -7.62
N LEU A 26 4.19 -2.66 -6.84
CA LEU A 26 2.73 -2.76 -6.96
C LEU A 26 2.19 -3.00 -5.54
N LEU A 27 1.10 -2.33 -5.14
CA LEU A 27 0.33 -2.68 -3.95
C LEU A 27 -1.07 -3.10 -4.39
N SER A 28 -1.70 -3.95 -3.60
CA SER A 28 -3.08 -4.36 -3.77
C SER A 28 -3.71 -4.56 -2.39
N PHE A 29 -4.98 -4.20 -2.22
CA PHE A 29 -5.70 -4.31 -0.96
C PHE A 29 -7.10 -4.82 -1.23
N ASP A 30 -7.50 -5.92 -0.59
CA ASP A 30 -8.88 -6.37 -0.48
C ASP A 30 -9.50 -5.64 0.70
N GLU A 31 -10.82 -5.51 0.71
CA GLU A 31 -11.54 -5.13 1.90
C GLU A 31 -11.53 -6.29 2.88
N ASP A 32 -11.87 -7.46 2.36
CA ASP A 32 -12.32 -8.65 3.08
C ASP A 32 -11.24 -9.72 3.14
N GLY A 33 -10.08 -9.45 2.52
CA GLY A 33 -8.92 -10.30 2.53
C GLY A 33 -7.80 -9.59 3.27
N THR A 34 -6.68 -9.39 2.60
CA THR A 34 -5.43 -8.83 3.12
C THR A 34 -4.95 -7.77 2.11
N GLY A 35 -3.77 -7.20 2.35
CA GLY A 35 -3.03 -6.44 1.35
C GLY A 35 -1.82 -7.24 0.87
N SER A 36 -1.26 -6.81 -0.26
CA SER A 36 -0.17 -7.47 -0.93
C SER A 36 0.76 -6.42 -1.52
N PHE A 37 2.06 -6.72 -1.57
CA PHE A 37 3.10 -5.84 -2.09
C PHE A 37 3.99 -6.67 -2.99
N GLY A 38 4.44 -6.13 -4.12
CA GLY A 38 5.54 -6.71 -4.87
C GLY A 38 6.48 -5.64 -5.40
N ILE A 39 7.70 -6.06 -5.73
CA ILE A 39 8.75 -5.24 -6.34
C ILE A 39 9.11 -5.94 -7.63
N TYR A 40 9.46 -5.17 -8.66
CA TYR A 40 9.69 -5.64 -10.01
C TYR A 40 10.97 -5.01 -10.53
N SER A 41 11.47 -5.55 -11.65
CA SER A 41 12.36 -4.84 -12.54
C SER A 41 11.96 -5.14 -13.96
N ASN A 42 11.99 -4.13 -14.83
CA ASN A 42 11.74 -4.10 -16.27
C ASN A 42 10.53 -4.87 -16.75
N ALA A 43 10.61 -6.20 -16.81
CA ALA A 43 9.44 -7.06 -17.02
C ALA A 43 9.57 -8.39 -16.25
N THR A 44 9.94 -8.32 -14.97
CA THR A 44 10.14 -9.45 -14.09
C THR A 44 9.67 -9.09 -12.67
N PRO A 45 8.89 -9.94 -11.98
CA PRO A 45 8.64 -9.83 -10.55
C PRO A 45 9.87 -10.29 -9.77
N ILE A 46 10.32 -9.51 -8.76
CA ILE A 46 11.54 -9.78 -8.00
C ILE A 46 11.27 -9.89 -6.49
N SER A 47 10.19 -9.29 -5.97
CA SER A 47 9.76 -9.54 -4.59
C SER A 47 8.24 -9.60 -4.54
N PHE A 48 7.79 -10.16 -3.44
CA PHE A 48 6.44 -10.57 -3.15
C PHE A 48 6.31 -10.71 -1.64
N GLN A 49 5.20 -10.23 -1.07
CA GLN A 49 4.78 -10.48 0.30
C GLN A 49 3.28 -10.16 0.38
N MET A 50 2.65 -10.60 1.46
CA MET A 50 1.29 -10.23 1.82
C MET A 50 1.27 -9.89 3.30
N PHE A 51 0.22 -9.21 3.74
CA PHE A 51 0.01 -8.83 5.12
C PHE A 51 -1.44 -8.44 5.35
N ASP A 52 -1.98 -8.73 6.54
CA ASP A 52 -3.21 -8.08 7.01
C ASP A 52 -2.87 -6.63 7.35
N TYR A 53 -3.91 -5.80 7.40
CA TYR A 53 -3.83 -4.48 8.02
C TYR A 53 -5.15 -4.16 8.72
N LYS A 54 -5.18 -3.06 9.48
CA LYS A 54 -6.41 -2.48 10.01
C LYS A 54 -6.37 -0.97 9.86
N ILE A 55 -7.53 -0.33 9.93
CA ILE A 55 -7.67 1.10 10.11
C ILE A 55 -8.09 1.33 11.57
N GLU A 56 -7.17 1.77 12.43
CA GLU A 56 -7.49 2.20 13.80
C GLU A 56 -6.81 3.51 14.20
N GLU A 57 -6.45 4.36 13.24
CA GLU A 57 -5.75 5.63 13.40
C GLU A 57 -5.79 6.59 12.19
N GLY A 58 -6.67 6.38 11.20
CA GLY A 58 -6.60 7.11 9.93
C GLY A 58 -5.29 6.84 9.15
N ARG A 59 -4.60 5.76 9.50
CA ARG A 59 -3.29 5.32 9.02
C ARG A 59 -3.40 3.81 8.72
N ILE A 60 -2.33 3.08 8.43
CA ILE A 60 -2.43 1.63 8.21
C ILE A 60 -1.68 0.94 9.33
N TYR A 61 -2.40 0.21 10.18
CA TYR A 61 -1.83 -0.66 11.19
C TYR A 61 -1.48 -1.99 10.52
N ILE A 62 -0.21 -2.23 10.21
CA ILE A 62 0.30 -3.53 9.80
C ILE A 62 0.51 -4.32 11.10
N TYR A 63 0.14 -5.61 11.13
CA TYR A 63 0.32 -6.44 12.32
C TYR A 63 0.51 -7.94 12.04
N ASP A 64 0.32 -8.40 10.80
CA ASP A 64 0.57 -9.78 10.42
C ASP A 64 1.09 -9.77 9.01
N VAL A 65 2.36 -10.15 8.86
CA VAL A 65 3.09 -10.19 7.60
C VAL A 65 3.58 -11.62 7.39
N TYR A 66 3.80 -12.01 6.13
CA TYR A 66 4.41 -13.26 5.74
C TYR A 66 5.36 -13.00 4.57
N PRO A 67 6.30 -13.91 4.28
CA PRO A 67 6.66 -15.09 5.08
C PRO A 67 7.65 -14.79 6.21
N ASP A 68 8.30 -13.63 6.19
CA ASP A 68 9.13 -13.16 7.31
C ASP A 68 8.23 -12.16 8.01
N GLU A 69 7.85 -12.44 9.25
CA GLU A 69 6.95 -11.60 10.01
C GLU A 69 7.77 -10.63 10.87
N LYS A 70 7.26 -9.41 11.01
CA LYS A 70 7.96 -8.28 11.63
C LYS A 70 7.03 -7.59 12.63
N THR A 71 7.58 -6.64 13.39
CA THR A 71 6.82 -5.92 14.40
C THR A 71 5.57 -5.30 13.75
N PRO A 72 4.44 -5.21 14.48
CA PRO A 72 3.33 -4.37 14.07
C PRO A 72 3.74 -2.90 14.11
N TYR A 73 3.25 -2.08 13.18
CA TYR A 73 3.51 -0.64 13.13
C TYR A 73 2.38 0.08 12.41
N TYR A 74 2.33 1.41 12.57
CA TYR A 74 1.41 2.28 11.84
C TYR A 74 2.16 2.99 10.72
N LEU A 75 1.65 2.91 9.50
CA LEU A 75 2.13 3.64 8.34
C LEU A 75 1.28 4.89 8.16
N ASP A 76 1.88 6.06 8.36
CA ASP A 76 1.30 7.35 8.01
C ASP A 76 1.08 7.36 6.50
N CYS A 77 -0.15 7.57 6.05
CA CYS A 77 -0.48 7.72 4.64
C CYS A 77 -1.78 8.49 4.48
N LYS A 78 -1.93 9.10 3.30
CA LYS A 78 -3.05 9.96 2.93
C LYS A 78 -3.67 9.53 1.61
N ILE A 79 -4.95 9.87 1.39
CA ILE A 79 -5.69 9.38 0.24
C ILE A 79 -6.78 10.39 -0.18
N SER A 80 -7.07 10.49 -1.48
CA SER A 80 -8.02 11.42 -2.09
C SER A 80 -8.68 10.83 -3.35
N GLY A 81 -9.08 9.57 -3.29
CA GLY A 81 -9.62 8.83 -4.43
C GLY A 81 -8.49 8.17 -5.20
N THR A 82 -7.93 8.86 -6.20
CA THR A 82 -6.97 8.23 -7.11
C THR A 82 -5.52 8.31 -6.64
N THR A 83 -5.09 9.20 -5.75
CA THR A 83 -3.69 9.41 -5.34
C THR A 83 -3.42 8.77 -3.96
N LEU A 84 -2.68 7.67 -3.88
CA LEU A 84 -2.18 7.15 -2.60
C LEU A 84 -0.86 7.82 -2.28
N LYS A 85 -0.77 8.46 -1.12
CA LYS A 85 0.44 9.11 -0.62
C LYS A 85 0.87 8.46 0.69
N VAL A 86 1.71 7.44 0.65
CA VAL A 86 2.28 6.86 1.88
C VAL A 86 3.52 7.67 2.23
N GLU A 87 3.61 8.09 3.49
CA GLU A 87 4.68 8.94 3.96
C GLU A 87 5.91 8.12 4.38
N THR A 88 5.73 6.90 4.91
CA THR A 88 6.78 6.12 5.55
C THR A 88 6.61 4.62 5.23
N GLY A 89 7.61 3.80 5.54
CA GLY A 89 7.61 2.37 5.26
C GLY A 89 8.20 2.05 3.91
N SER A 90 8.25 0.75 3.61
CA SER A 90 8.67 0.19 2.33
C SER A 90 7.94 0.81 1.14
N GLU A 91 6.71 1.30 1.33
CA GLU A 91 5.88 1.84 0.25
C GLU A 91 5.87 3.37 0.21
N ALA A 92 6.75 4.03 0.97
CA ALA A 92 6.84 5.48 1.02
C ALA A 92 7.12 6.05 -0.37
N GLY A 93 6.13 6.65 -1.03
CA GLY A 93 6.27 7.07 -2.42
C GLY A 93 5.03 7.79 -2.93
N THR A 94 4.62 7.45 -4.15
CA THR A 94 3.58 8.16 -4.89
C THR A 94 2.91 7.19 -5.87
N TYR A 95 1.61 6.92 -5.69
CA TYR A 95 0.93 5.84 -6.38
C TYR A 95 -0.46 6.27 -6.83
N LYS A 96 -0.98 5.67 -7.90
CA LYS A 96 -2.35 5.92 -8.33
C LYS A 96 -3.17 4.65 -8.25
N LYS A 97 -4.46 4.79 -7.92
CA LYS A 97 -5.43 3.69 -7.94
C LYS A 97 -5.39 3.05 -9.32
N GLN A 98 -5.64 1.76 -9.39
CA GLN A 98 -5.92 1.04 -10.61
C GLN A 98 -7.19 0.23 -10.35
N LYS A 99 -7.95 0.04 -11.43
CA LYS A 99 -9.21 -0.67 -11.47
C LYS A 99 -10.19 -0.07 -10.48
N GLY A 1 -0.49 24.10 1.32
CA GLY A 1 -1.71 23.38 1.62
C GLY A 1 -1.72 22.02 0.95
N GLU A 2 -2.22 21.01 1.64
CA GLU A 2 -2.40 19.65 1.15
C GLU A 2 -3.80 19.24 1.59
N ASP A 3 -4.52 18.49 0.76
CA ASP A 3 -5.98 18.45 0.80
C ASP A 3 -6.42 17.00 0.78
N TRP A 4 -6.40 16.35 1.93
CA TRP A 4 -6.58 14.91 2.02
C TRP A 4 -7.83 14.55 2.85
N THR A 5 -8.49 13.44 2.50
CA THR A 5 -9.62 12.91 3.23
C THR A 5 -9.14 12.06 4.41
N GLU A 6 -10.08 11.68 5.26
CA GLU A 6 -9.95 10.51 6.11
C GLU A 6 -9.71 9.28 5.25
N LEU A 7 -8.61 8.60 5.53
CA LEU A 7 -8.40 7.23 5.22
C LEU A 7 -9.37 6.35 5.96
N ASN A 8 -9.97 5.40 5.26
CA ASN A 8 -10.65 4.28 5.87
C ASN A 8 -10.36 3.03 5.05
N SER A 9 -10.81 1.86 5.51
CA SER A 9 -10.82 0.60 4.77
C SER A 9 -11.84 0.66 3.63
N ASN A 10 -11.97 1.76 2.90
CA ASN A 10 -12.95 1.93 1.82
C ASN A 10 -12.25 2.54 0.61
N ASN A 11 -11.68 3.72 0.81
CA ASN A 11 -10.94 4.44 -0.23
C ASN A 11 -9.58 3.79 -0.50
N ILE A 12 -8.98 3.08 0.47
CA ILE A 12 -7.71 2.39 0.30
C ILE A 12 -7.84 1.10 -0.55
N ILE A 13 -9.05 0.55 -0.68
CA ILE A 13 -9.29 -0.76 -1.26
C ILE A 13 -8.98 -0.72 -2.75
N GLY A 14 -8.44 -1.82 -3.29
CA GLY A 14 -8.13 -1.98 -4.69
C GLY A 14 -6.62 -2.09 -4.90
N TYR A 15 -6.15 -1.71 -6.09
CA TYR A 15 -4.80 -1.95 -6.56
C TYR A 15 -4.12 -0.61 -6.89
N TRP A 16 -2.78 -0.56 -6.82
CA TRP A 16 -2.02 0.68 -6.72
C TRP A 16 -0.63 0.47 -7.35
N SER A 17 -0.26 1.19 -8.42
CA SER A 17 1.06 1.06 -9.05
C SER A 17 1.80 2.40 -9.10
N THR A 18 3.10 2.34 -9.39
CA THR A 18 3.98 3.49 -9.60
C THR A 18 4.69 3.42 -10.95
N GLY A 19 4.44 2.43 -11.82
CA GLY A 19 5.03 2.37 -13.15
C GLY A 19 4.97 0.96 -13.72
N ILE A 20 5.54 0.80 -14.92
CA ILE A 20 5.53 -0.44 -15.70
C ILE A 20 6.94 -0.83 -16.16
N GLU A 21 7.96 -0.10 -15.72
CA GLU A 21 9.31 -0.10 -16.27
C GLU A 21 10.34 0.14 -15.16
N GLY A 22 11.61 0.30 -15.54
CA GLY A 22 12.72 0.70 -14.68
C GLY A 22 12.76 -0.11 -13.39
N THR A 23 12.35 0.48 -12.28
CA THR A 23 12.19 -0.23 -11.03
C THR A 23 10.88 0.27 -10.40
N HIS A 24 9.78 -0.47 -10.58
CA HIS A 24 8.46 -0.10 -10.09
C HIS A 24 8.02 -1.03 -8.97
N LYS A 25 6.84 -0.78 -8.40
CA LYS A 25 6.31 -1.51 -7.25
C LYS A 25 4.78 -1.42 -7.26
N LEU A 26 4.13 -2.39 -6.63
CA LEU A 26 2.69 -2.64 -6.72
C LEU A 26 2.16 -2.89 -5.31
N LEU A 27 1.08 -2.22 -4.91
CA LEU A 27 0.31 -2.48 -3.68
C LEU A 27 -1.09 -2.94 -4.07
N SER A 28 -1.72 -3.72 -3.19
CA SER A 28 -3.14 -4.03 -3.27
C SER A 28 -3.68 -4.18 -1.86
N PHE A 29 -4.97 -3.93 -1.67
CA PHE A 29 -5.67 -4.05 -0.40
C PHE A 29 -7.09 -4.54 -0.67
N ASP A 30 -7.60 -5.42 0.21
CA ASP A 30 -8.98 -5.89 0.20
C ASP A 30 -9.68 -5.31 1.42
N GLU A 31 -11.01 -5.26 1.38
CA GLU A 31 -11.77 -4.68 2.49
C GLU A 31 -11.91 -5.65 3.64
N ASP A 32 -11.93 -6.94 3.32
CA ASP A 32 -12.35 -8.03 4.19
C ASP A 32 -11.36 -9.19 4.12
N GLY A 33 -10.20 -8.96 3.48
CA GLY A 33 -9.24 -9.99 3.12
C GLY A 33 -7.88 -9.64 3.70
N THR A 34 -6.85 -9.55 2.85
CA THR A 34 -5.54 -9.01 3.19
C THR A 34 -5.05 -8.19 2.00
N GLY A 35 -4.01 -7.39 2.17
CA GLY A 35 -3.34 -6.72 1.07
C GLY A 35 -2.16 -7.52 0.55
N SER A 36 -1.54 -7.01 -0.52
CA SER A 36 -0.28 -7.53 -1.07
C SER A 36 0.68 -6.39 -1.33
N PHE A 37 1.98 -6.69 -1.47
CA PHE A 37 2.98 -5.74 -1.95
C PHE A 37 3.97 -6.51 -2.84
N GLY A 38 4.57 -5.85 -3.84
CA GLY A 38 5.76 -6.37 -4.50
C GLY A 38 6.53 -5.26 -5.20
N ILE A 39 7.79 -5.53 -5.52
CA ILE A 39 8.76 -4.62 -6.16
C ILE A 39 9.26 -5.37 -7.41
N TYR A 40 9.61 -4.63 -8.46
CA TYR A 40 9.92 -5.15 -9.78
C TYR A 40 11.20 -4.52 -10.32
N SER A 41 11.76 -5.11 -11.37
CA SER A 41 12.85 -4.60 -12.17
C SER A 41 12.43 -4.83 -13.63
N ASN A 42 12.35 -3.75 -14.38
CA ASN A 42 11.85 -3.60 -15.74
C ASN A 42 10.54 -4.31 -16.03
N ALA A 43 10.59 -5.62 -16.30
CA ALA A 43 9.45 -6.48 -16.56
C ALA A 43 9.69 -7.85 -15.91
N THR A 44 10.20 -7.84 -14.68
CA THR A 44 10.45 -9.01 -13.86
C THR A 44 10.00 -8.67 -12.42
N PRO A 45 9.17 -9.50 -11.76
CA PRO A 45 8.91 -9.37 -10.34
C PRO A 45 10.16 -9.77 -9.55
N ILE A 46 10.50 -8.99 -8.51
CA ILE A 46 11.70 -9.21 -7.71
C ILE A 46 11.36 -9.46 -6.24
N SER A 47 10.19 -9.03 -5.75
CA SER A 47 9.76 -9.36 -4.41
C SER A 47 8.28 -9.70 -4.37
N PHE A 48 7.85 -10.21 -3.23
CA PHE A 48 6.45 -10.47 -2.93
C PHE A 48 6.30 -10.55 -1.41
N GLN A 49 5.11 -10.23 -0.94
CA GLN A 49 4.62 -10.50 0.39
C GLN A 49 3.10 -10.25 0.33
N MET A 50 2.38 -10.79 1.30
CA MET A 50 1.04 -10.33 1.64
C MET A 50 1.09 -9.94 3.11
N PHE A 51 0.14 -9.11 3.51
CA PHE A 51 -0.01 -8.71 4.89
C PHE A 51 -1.42 -8.28 5.16
N ASP A 52 -1.97 -8.63 6.32
CA ASP A 52 -3.21 -8.01 6.78
C ASP A 52 -2.88 -6.64 7.35
N TYR A 53 -3.89 -5.78 7.35
CA TYR A 53 -3.79 -4.40 7.77
C TYR A 53 -5.14 -3.93 8.29
N LYS A 54 -5.16 -2.75 8.93
CA LYS A 54 -6.38 -2.03 9.26
C LYS A 54 -6.15 -0.53 9.07
N ILE A 55 -7.23 0.26 8.98
CA ILE A 55 -7.18 1.73 8.99
C ILE A 55 -8.00 2.18 10.21
N GLU A 56 -7.34 2.32 11.35
CA GLU A 56 -7.94 2.75 12.61
C GLU A 56 -7.22 4.00 13.16
N GLU A 57 -6.61 4.78 12.28
CA GLU A 57 -5.81 5.94 12.62
C GLU A 57 -5.54 6.84 11.42
N GLY A 58 -6.28 6.66 10.33
CA GLY A 58 -5.98 7.38 9.10
C GLY A 58 -4.59 6.99 8.56
N ARG A 59 -4.15 5.77 8.88
CA ARG A 59 -2.81 5.20 8.73
C ARG A 59 -3.00 3.70 8.56
N ILE A 60 -1.98 3.00 8.09
CA ILE A 60 -2.07 1.57 7.84
C ILE A 60 -1.42 0.87 9.03
N TYR A 61 -2.24 0.21 9.83
CA TYR A 61 -1.78 -0.66 10.91
C TYR A 61 -1.42 -1.99 10.28
N ILE A 62 -0.13 -2.32 10.14
CA ILE A 62 0.36 -3.62 9.71
C ILE A 62 0.44 -4.50 10.95
N TYR A 63 0.07 -5.78 10.86
CA TYR A 63 0.14 -6.68 12.01
C TYR A 63 0.24 -8.18 11.70
N ASP A 64 0.21 -8.57 10.43
CA ASP A 64 0.38 -9.94 10.00
C ASP A 64 1.05 -9.81 8.66
N VAL A 65 2.24 -10.38 8.50
CA VAL A 65 3.01 -10.38 7.27
C VAL A 65 3.51 -11.82 7.02
N TYR A 66 3.76 -12.17 5.77
CA TYR A 66 4.38 -13.44 5.38
C TYR A 66 5.33 -13.20 4.19
N PRO A 67 6.24 -14.14 3.89
CA PRO A 67 6.54 -15.34 4.68
C PRO A 67 7.31 -15.06 5.96
N ASP A 68 8.00 -13.93 6.05
CA ASP A 68 8.73 -13.51 7.23
C ASP A 68 7.85 -12.49 7.92
N GLU A 69 7.16 -12.93 8.98
CA GLU A 69 6.30 -12.11 9.81
C GLU A 69 7.12 -10.99 10.48
N LYS A 70 6.55 -9.79 10.54
CA LYS A 70 7.16 -8.59 11.08
C LYS A 70 6.38 -8.15 12.32
N THR A 71 7.01 -7.36 13.19
CA THR A 71 6.31 -6.76 14.32
C THR A 71 5.26 -5.77 13.78
N PRO A 72 4.12 -5.57 14.46
CA PRO A 72 3.11 -4.62 14.04
C PRO A 72 3.55 -3.17 14.19
N TYR A 73 3.13 -2.29 13.28
CA TYR A 73 3.38 -0.84 13.32
C TYR A 73 2.32 -0.08 12.53
N TYR A 74 2.27 1.24 12.68
CA TYR A 74 1.39 2.13 11.92
C TYR A 74 2.25 2.88 10.89
N LEU A 75 1.82 2.89 9.62
CA LEU A 75 2.45 3.60 8.52
C LEU A 75 1.61 4.81 8.17
N ASP A 76 2.30 5.94 8.02
CA ASP A 76 1.73 7.19 7.59
C ASP A 76 1.37 7.13 6.11
N CYS A 77 0.12 7.50 5.81
CA CYS A 77 -0.37 7.75 4.47
C CYS A 77 -1.49 8.79 4.54
N LYS A 78 -1.82 9.33 3.37
CA LYS A 78 -3.06 10.00 3.05
C LYS A 78 -3.71 9.44 1.79
N ILE A 79 -4.99 9.75 1.58
CA ILE A 79 -5.72 9.40 0.38
C ILE A 79 -6.88 10.40 0.22
N SER A 80 -7.42 10.52 -1.00
CA SER A 80 -8.64 11.25 -1.36
C SER A 80 -9.57 10.33 -2.16
N GLY A 81 -9.14 9.95 -3.36
CA GLY A 81 -9.75 8.94 -4.21
C GLY A 81 -8.62 8.15 -4.85
N THR A 82 -8.06 8.65 -5.95
CA THR A 82 -7.16 7.88 -6.80
C THR A 82 -5.66 8.05 -6.53
N THR A 83 -5.21 8.98 -5.68
CA THR A 83 -3.81 9.13 -5.30
C THR A 83 -3.59 8.52 -3.90
N LEU A 84 -3.08 7.30 -3.77
CA LEU A 84 -2.59 6.83 -2.48
C LEU A 84 -1.25 7.52 -2.27
N LYS A 85 -1.15 8.30 -1.21
CA LYS A 85 0.11 8.91 -0.81
C LYS A 85 0.60 8.22 0.45
N VAL A 86 1.36 7.14 0.35
CA VAL A 86 2.05 6.57 1.51
C VAL A 86 3.32 7.39 1.76
N GLU A 87 3.53 7.86 2.99
CA GLU A 87 4.74 8.56 3.39
C GLU A 87 5.90 7.60 3.68
N THR A 88 5.68 6.51 4.44
CA THR A 88 6.74 5.64 4.96
C THR A 88 6.50 4.16 4.57
N GLY A 89 7.30 3.23 5.09
CA GLY A 89 7.31 1.84 4.71
C GLY A 89 8.10 1.66 3.42
N SER A 90 8.22 0.40 2.98
CA SER A 90 8.66 0.12 1.61
C SER A 90 7.71 0.72 0.57
N GLU A 91 6.48 1.04 0.97
CA GLU A 91 5.42 1.43 0.06
C GLU A 91 5.39 2.94 -0.19
N ALA A 92 6.32 3.67 0.43
CA ALA A 92 6.51 5.11 0.33
C ALA A 92 6.69 5.51 -1.14
N GLY A 93 5.68 6.17 -1.71
CA GLY A 93 5.57 6.41 -3.14
C GLY A 93 4.48 7.41 -3.49
N THR A 94 3.91 7.23 -4.68
CA THR A 94 2.66 7.83 -5.13
C THR A 94 1.99 6.77 -6.00
N TYR A 95 0.73 6.42 -5.72
CA TYR A 95 0.01 5.40 -6.48
C TYR A 95 -1.28 5.96 -7.05
N LYS A 96 -1.48 5.88 -8.36
CA LYS A 96 -2.61 6.51 -9.07
C LYS A 96 -3.89 5.65 -9.16
N LYS A 97 -4.03 4.63 -8.32
CA LYS A 97 -5.06 3.59 -8.36
C LYS A 97 -4.97 2.78 -9.65
N GLN A 98 -5.47 1.55 -9.64
CA GLN A 98 -5.42 0.56 -10.72
C GLN A 98 -6.75 -0.19 -10.70
N LYS A 99 -7.83 0.56 -10.61
CA LYS A 99 -9.20 0.06 -10.66
C LYS A 99 -10.14 1.13 -11.18
N GLY A 1 -3.55 23.89 1.02
CA GLY A 1 -2.24 23.55 1.59
C GLY A 1 -1.81 22.20 1.07
N GLU A 2 -2.18 21.14 1.78
CA GLU A 2 -1.99 19.77 1.36
C GLU A 2 -3.23 18.99 1.77
N ASP A 3 -4.30 19.19 1.01
CA ASP A 3 -5.66 18.86 1.42
C ASP A 3 -5.92 17.43 1.01
N TRP A 4 -5.88 16.56 2.01
CA TRP A 4 -6.10 15.13 1.92
C TRP A 4 -7.44 14.76 2.57
N THR A 5 -8.00 13.59 2.27
CA THR A 5 -9.19 13.09 2.98
C THR A 5 -8.77 12.26 4.19
N GLU A 6 -9.75 11.97 5.05
CA GLU A 6 -9.68 10.88 6.01
C GLU A 6 -9.31 9.59 5.27
N LEU A 7 -8.25 8.94 5.72
CA LEU A 7 -8.00 7.56 5.41
C LEU A 7 -9.07 6.73 6.09
N ASN A 8 -9.85 6.01 5.30
CA ASN A 8 -10.78 4.98 5.73
C ASN A 8 -10.31 3.71 5.07
N SER A 9 -10.76 2.55 5.56
CA SER A 9 -10.51 1.28 4.89
C SER A 9 -11.14 1.32 3.51
N ASN A 10 -12.37 1.83 3.46
CA ASN A 10 -13.17 2.03 2.25
C ASN A 10 -12.45 2.84 1.17
N ASN A 11 -11.45 3.65 1.52
CA ASN A 11 -10.74 4.49 0.54
C ASN A 11 -9.52 3.79 -0.08
N ILE A 12 -8.86 2.87 0.65
CA ILE A 12 -7.55 2.30 0.27
C ILE A 12 -7.70 1.07 -0.64
N ILE A 13 -8.92 0.54 -0.79
CA ILE A 13 -9.20 -0.67 -1.53
C ILE A 13 -8.79 -0.55 -3.01
N GLY A 14 -8.13 -1.58 -3.54
CA GLY A 14 -7.82 -1.77 -4.94
C GLY A 14 -6.33 -2.06 -5.13
N TYR A 15 -5.92 -2.36 -6.38
CA TYR A 15 -4.52 -2.34 -6.75
C TYR A 15 -4.07 -0.88 -6.95
N TRP A 16 -2.76 -0.61 -6.87
CA TRP A 16 -2.17 0.72 -7.10
C TRP A 16 -0.75 0.54 -7.67
N SER A 17 -0.26 1.45 -8.55
CA SER A 17 1.05 1.32 -9.21
C SER A 17 1.84 2.64 -9.22
N THR A 18 3.09 2.61 -9.70
CA THR A 18 3.99 3.76 -9.76
C THR A 18 4.70 3.92 -11.13
N GLY A 19 4.26 3.20 -12.16
CA GLY A 19 4.87 3.17 -13.49
C GLY A 19 5.19 1.72 -13.84
N ILE A 20 5.71 1.47 -15.05
CA ILE A 20 6.00 0.12 -15.55
C ILE A 20 7.42 0.02 -16.15
N GLU A 21 8.29 0.99 -15.87
CA GLU A 21 9.68 1.04 -16.36
C GLU A 21 10.67 0.78 -15.23
N GLY A 22 11.93 0.50 -15.61
CA GLY A 22 13.06 0.60 -14.72
C GLY A 22 12.99 -0.46 -13.63
N THR A 23 12.58 -0.10 -12.42
CA THR A 23 12.10 -1.01 -11.40
C THR A 23 10.94 -0.29 -10.72
N HIS A 24 9.73 -0.85 -10.80
CA HIS A 24 8.50 -0.29 -10.30
C HIS A 24 7.96 -1.19 -9.17
N LYS A 25 6.83 -0.80 -8.60
CA LYS A 25 6.25 -1.40 -7.41
C LYS A 25 4.73 -1.39 -7.56
N LEU A 26 4.09 -2.49 -7.13
CA LEU A 26 2.65 -2.71 -7.17
C LEU A 26 2.17 -2.95 -5.74
N LEU A 27 0.96 -2.47 -5.42
CA LEU A 27 0.25 -2.67 -4.16
C LEU A 27 -1.12 -3.27 -4.44
N SER A 28 -1.69 -3.97 -3.47
CA SER A 28 -3.11 -4.33 -3.40
C SER A 28 -3.53 -4.26 -1.95
N PHE A 29 -4.82 -3.98 -1.77
CA PHE A 29 -5.54 -3.94 -0.51
C PHE A 29 -6.98 -4.35 -0.80
N ASP A 30 -7.52 -5.33 -0.07
CA ASP A 30 -8.92 -5.71 -0.12
C ASP A 30 -9.69 -5.20 1.09
N GLU A 31 -11.02 -5.19 0.99
CA GLU A 31 -11.87 -4.62 2.03
C GLU A 31 -12.09 -5.57 3.20
N ASP A 32 -12.08 -6.87 2.94
CA ASP A 32 -12.43 -7.87 3.94
C ASP A 32 -11.43 -9.02 3.96
N GLY A 33 -10.40 -8.92 3.11
CA GLY A 33 -9.35 -9.90 2.94
C GLY A 33 -8.04 -9.35 3.49
N THR A 34 -6.99 -9.43 2.68
CA THR A 34 -5.62 -9.04 2.96
C THR A 34 -5.10 -8.32 1.70
N GLY A 35 -3.83 -7.95 1.69
CA GLY A 35 -3.23 -7.17 0.62
C GLY A 35 -1.77 -7.56 0.46
N SER A 36 -1.10 -6.89 -0.46
CA SER A 36 0.18 -7.39 -0.96
C SER A 36 1.05 -6.33 -1.61
N PHE A 37 2.37 -6.54 -1.56
CA PHE A 37 3.41 -5.64 -2.04
C PHE A 37 4.35 -6.45 -2.94
N GLY A 38 4.39 -6.19 -4.25
CA GLY A 38 5.20 -6.93 -5.22
C GLY A 38 6.05 -6.01 -6.09
N ILE A 39 7.37 -6.02 -5.88
CA ILE A 39 8.34 -5.24 -6.64
C ILE A 39 8.55 -5.93 -7.99
N TYR A 40 8.73 -5.14 -9.06
CA TYR A 40 9.03 -5.62 -10.40
C TYR A 40 10.21 -4.82 -10.97
N SER A 41 11.26 -5.50 -11.39
CA SER A 41 12.32 -4.91 -12.20
C SER A 41 11.91 -5.04 -13.65
N ASN A 42 11.63 -3.91 -14.30
CA ASN A 42 11.09 -3.76 -15.65
C ASN A 42 9.81 -4.56 -15.85
N ALA A 43 9.91 -5.87 -16.06
CA ALA A 43 8.80 -6.81 -16.22
C ALA A 43 9.07 -8.16 -15.52
N THR A 44 9.98 -8.19 -14.54
CA THR A 44 10.34 -9.37 -13.78
C THR A 44 9.96 -9.12 -12.32
N PRO A 45 9.05 -9.88 -11.68
CA PRO A 45 8.79 -9.78 -10.25
C PRO A 45 10.05 -10.21 -9.49
N ILE A 46 10.56 -9.38 -8.59
CA ILE A 46 11.76 -9.67 -7.80
C ILE A 46 11.44 -9.72 -6.30
N SER A 47 10.20 -9.44 -5.89
CA SER A 47 9.79 -9.63 -4.50
C SER A 47 8.31 -9.90 -4.46
N PHE A 48 7.90 -10.42 -3.31
CA PHE A 48 6.53 -10.72 -2.96
C PHE A 48 6.46 -10.75 -1.44
N GLN A 49 5.35 -10.31 -0.87
CA GLN A 49 4.95 -10.51 0.51
C GLN A 49 3.48 -10.10 0.59
N MET A 50 2.74 -10.66 1.54
CA MET A 50 1.35 -10.34 1.80
C MET A 50 1.17 -10.12 3.30
N PHE A 51 0.16 -9.33 3.65
CA PHE A 51 -0.08 -8.91 5.03
C PHE A 51 -1.51 -8.38 5.14
N ASP A 52 -2.07 -8.46 6.35
CA ASP A 52 -3.35 -7.89 6.78
C ASP A 52 -3.17 -6.41 7.15
N TYR A 53 -4.28 -5.68 7.34
CA TYR A 53 -4.30 -4.32 7.86
C TYR A 53 -5.49 -4.12 8.77
N LYS A 54 -5.43 -3.07 9.60
CA LYS A 54 -6.59 -2.47 10.24
C LYS A 54 -6.47 -0.95 10.08
N ILE A 55 -7.51 -0.25 9.65
CA ILE A 55 -7.59 1.20 9.81
C ILE A 55 -8.12 1.43 11.21
N GLU A 56 -7.25 1.89 12.09
CA GLU A 56 -7.54 2.03 13.51
C GLU A 56 -6.67 3.15 14.09
N GLU A 57 -6.63 4.27 13.37
CA GLU A 57 -6.18 5.61 13.79
C GLU A 57 -6.32 6.65 12.67
N GLY A 58 -7.06 6.35 11.60
CA GLY A 58 -6.91 7.06 10.33
C GLY A 58 -5.53 6.80 9.72
N ARG A 59 -4.92 5.65 10.06
CA ARG A 59 -3.64 5.17 9.56
C ARG A 59 -3.81 3.68 9.36
N ILE A 60 -2.95 3.12 8.53
CA ILE A 60 -2.85 1.68 8.34
C ILE A 60 -2.11 1.13 9.56
N TYR A 61 -2.56 0.01 10.12
CA TYR A 61 -1.92 -0.75 11.18
C TYR A 61 -1.55 -2.12 10.62
N ILE A 62 -0.26 -2.43 10.55
CA ILE A 62 0.27 -3.71 10.08
C ILE A 62 0.56 -4.56 11.31
N TYR A 63 0.33 -5.87 11.27
CA TYR A 63 0.55 -6.72 12.45
C TYR A 63 0.73 -8.21 12.15
N ASP A 64 0.62 -8.65 10.90
CA ASP A 64 0.90 -10.02 10.48
C ASP A 64 1.42 -9.87 9.07
N VAL A 65 2.60 -10.41 8.82
CA VAL A 65 3.28 -10.38 7.53
C VAL A 65 3.76 -11.79 7.22
N TYR A 66 3.89 -12.11 5.94
CA TYR A 66 4.44 -13.34 5.42
C TYR A 66 5.17 -12.98 4.12
N PRO A 67 6.21 -13.73 3.72
CA PRO A 67 6.71 -14.96 4.35
C PRO A 67 7.66 -14.71 5.53
N ASP A 68 8.04 -13.45 5.76
CA ASP A 68 8.81 -13.01 6.93
C ASP A 68 7.85 -12.18 7.77
N GLU A 69 7.43 -12.72 8.91
CA GLU A 69 6.70 -12.00 9.95
C GLU A 69 7.59 -10.86 10.45
N LYS A 70 7.06 -9.63 10.49
CA LYS A 70 7.79 -8.46 10.97
C LYS A 70 6.99 -7.77 12.06
N THR A 71 7.68 -6.96 12.86
CA THR A 71 7.11 -6.26 14.01
C THR A 71 5.92 -5.40 13.55
N PRO A 72 4.86 -5.22 14.37
CA PRO A 72 3.77 -4.31 14.04
C PRO A 72 4.27 -2.86 13.98
N TYR A 73 3.67 -2.06 13.10
CA TYR A 73 3.81 -0.61 13.03
C TYR A 73 2.59 -0.05 12.30
N TYR A 74 2.26 1.19 12.66
CA TYR A 74 1.33 2.00 11.88
C TYR A 74 2.11 2.60 10.71
N LEU A 75 1.38 3.03 9.67
CA LEU A 75 1.93 3.69 8.50
C LEU A 75 1.13 4.94 8.23
N ASP A 76 1.85 6.05 8.12
CA ASP A 76 1.31 7.34 7.76
C ASP A 76 1.18 7.35 6.24
N CYS A 77 -0.05 7.44 5.77
CA CYS A 77 -0.40 7.50 4.37
C CYS A 77 -1.62 8.38 4.23
N LYS A 78 -1.74 9.02 3.06
CA LYS A 78 -2.80 9.96 2.74
C LYS A 78 -3.60 9.41 1.57
N ILE A 79 -4.86 9.85 1.38
CA ILE A 79 -5.64 9.41 0.24
C ILE A 79 -6.65 10.49 -0.13
N SER A 80 -7.05 10.57 -1.41
CA SER A 80 -8.06 11.54 -1.86
C SER A 80 -9.04 11.02 -2.92
N GLY A 81 -8.86 9.83 -3.47
CA GLY A 81 -9.75 9.26 -4.48
C GLY A 81 -9.00 8.26 -5.32
N THR A 82 -8.25 8.73 -6.32
CA THR A 82 -7.32 7.92 -7.08
C THR A 82 -5.85 8.19 -6.68
N THR A 83 -5.54 9.26 -5.95
CA THR A 83 -4.19 9.52 -5.44
C THR A 83 -4.01 8.87 -4.07
N LEU A 84 -3.35 7.72 -3.99
CA LEU A 84 -2.75 7.24 -2.73
C LEU A 84 -1.41 7.94 -2.57
N LYS A 85 -1.08 8.36 -1.35
CA LYS A 85 0.29 8.73 -0.99
C LYS A 85 0.68 7.96 0.27
N VAL A 86 1.94 7.56 0.37
CA VAL A 86 2.48 6.85 1.53
C VAL A 86 3.72 7.61 1.97
N GLU A 87 3.79 7.97 3.25
CA GLU A 87 4.83 8.88 3.77
C GLU A 87 6.02 8.14 4.41
N THR A 88 5.84 6.87 4.80
CA THR A 88 6.81 6.05 5.51
C THR A 88 6.49 4.58 5.24
N GLY A 89 7.36 3.67 5.68
CA GLY A 89 7.25 2.25 5.38
C GLY A 89 7.94 1.92 4.07
N SER A 90 7.93 0.63 3.74
CA SER A 90 8.50 0.13 2.50
C SER A 90 7.82 0.74 1.28
N GLU A 91 6.55 1.14 1.39
CA GLU A 91 5.77 1.58 0.24
C GLU A 91 5.75 3.09 0.07
N ALA A 92 6.51 3.84 0.86
CA ALA A 92 6.59 5.30 0.87
C ALA A 92 6.72 5.83 -0.57
N GLY A 93 5.62 6.33 -1.15
CA GLY A 93 5.44 6.44 -2.58
C GLY A 93 4.16 7.21 -2.95
N THR A 94 3.85 7.25 -4.24
CA THR A 94 2.83 8.10 -4.82
C THR A 94 2.11 7.28 -5.91
N TYR A 95 0.93 6.75 -5.59
CA TYR A 95 0.26 5.76 -6.44
C TYR A 95 -1.05 6.33 -6.99
N LYS A 96 -1.47 5.87 -8.17
CA LYS A 96 -2.57 6.50 -8.93
C LYS A 96 -3.76 5.58 -9.21
N LYS A 97 -3.87 4.46 -8.48
CA LYS A 97 -4.91 3.45 -8.45
C LYS A 97 -4.94 2.64 -9.76
N GLN A 98 -5.21 1.34 -9.65
CA GLN A 98 -5.30 0.35 -10.72
C GLN A 98 -6.58 -0.46 -10.50
N LYS A 99 -7.65 0.28 -10.25
CA LYS A 99 -9.02 -0.17 -10.18
C LYS A 99 -9.84 1.01 -10.63
N GLY A 1 -5.98 23.11 -0.30
CA GLY A 1 -4.56 23.09 -0.65
C GLY A 1 -3.97 21.69 -0.56
N GLU A 2 -3.01 21.45 0.34
CA GLU A 2 -2.51 20.13 0.74
C GLU A 2 -3.62 19.44 1.54
N ASP A 3 -4.60 18.98 0.78
CA ASP A 3 -5.94 18.70 1.21
C ASP A 3 -6.32 17.39 0.54
N TRP A 4 -6.46 16.40 1.39
CA TRP A 4 -6.64 14.99 1.12
C TRP A 4 -7.75 14.46 2.02
N THR A 5 -8.41 13.37 1.63
CA THR A 5 -9.43 12.76 2.46
C THR A 5 -8.82 11.95 3.60
N GLU A 6 -9.69 11.56 4.54
CA GLU A 6 -9.42 10.54 5.54
C GLU A 6 -9.00 9.26 4.84
N LEU A 7 -8.08 8.55 5.48
CA LEU A 7 -7.78 7.18 5.17
C LEU A 7 -8.80 6.30 5.92
N ASN A 8 -9.54 5.48 5.19
CA ASN A 8 -10.55 4.57 5.76
C ASN A 8 -10.36 3.18 5.17
N SER A 9 -11.11 2.21 5.70
CA SER A 9 -11.13 0.85 5.17
C SER A 9 -11.70 0.77 3.76
N ASN A 10 -12.31 1.82 3.19
CA ASN A 10 -13.05 1.68 1.94
C ASN A 10 -12.34 2.28 0.75
N ASN A 11 -11.57 3.35 0.95
CA ASN A 11 -10.91 4.06 -0.13
C ASN A 11 -9.55 3.45 -0.49
N ILE A 12 -8.83 2.79 0.43
CA ILE A 12 -7.56 2.12 0.08
C ILE A 12 -7.80 0.94 -0.88
N ILE A 13 -8.98 0.32 -0.84
CA ILE A 13 -9.31 -0.93 -1.51
C ILE A 13 -9.00 -0.84 -3.01
N GLY A 14 -8.15 -1.74 -3.50
CA GLY A 14 -7.81 -1.81 -4.91
C GLY A 14 -6.31 -2.05 -5.10
N TYR A 15 -5.92 -2.21 -6.35
CA TYR A 15 -4.52 -2.30 -6.76
C TYR A 15 -3.92 -0.89 -6.86
N TRP A 16 -2.59 -0.76 -6.78
CA TRP A 16 -1.89 0.52 -6.86
C TRP A 16 -0.54 0.31 -7.52
N SER A 17 -0.06 1.26 -8.33
CA SER A 17 1.28 1.23 -8.92
C SER A 17 1.90 2.62 -8.92
N THR A 18 3.21 2.68 -9.16
CA THR A 18 4.03 3.88 -9.28
C THR A 18 4.69 3.97 -10.67
N GLY A 19 4.57 2.95 -11.54
CA GLY A 19 5.22 2.98 -12.84
C GLY A 19 5.02 1.67 -13.58
N ILE A 20 5.49 1.62 -14.82
CA ILE A 20 5.30 0.51 -15.74
C ILE A 20 6.64 0.15 -16.42
N GLU A 21 7.75 0.64 -15.87
CA GLU A 21 9.06 0.68 -16.50
C GLU A 21 10.15 0.56 -15.42
N GLY A 22 11.41 0.66 -15.84
CA GLY A 22 12.59 0.89 -15.00
C GLY A 22 12.67 -0.08 -13.84
N THR A 23 12.28 0.35 -12.65
CA THR A 23 12.06 -0.50 -11.50
C THR A 23 10.92 0.18 -10.72
N HIS A 24 9.88 -0.55 -10.36
CA HIS A 24 8.68 -0.01 -9.71
C HIS A 24 8.16 -1.03 -8.68
N LYS A 25 7.01 -0.75 -8.07
CA LYS A 25 6.36 -1.59 -7.06
C LYS A 25 4.86 -1.66 -7.35
N LEU A 26 4.17 -2.62 -6.74
CA LEU A 26 2.75 -2.91 -6.96
C LEU A 26 2.13 -3.32 -5.63
N LEU A 27 0.98 -2.76 -5.27
CA LEU A 27 0.23 -3.13 -4.06
C LEU A 27 -1.16 -3.62 -4.45
N SER A 28 -1.79 -4.35 -3.53
CA SER A 28 -3.23 -4.58 -3.47
C SER A 28 -3.62 -4.45 -1.99
N PHE A 29 -4.88 -4.10 -1.78
CA PHE A 29 -5.54 -4.10 -0.47
C PHE A 29 -7.00 -4.50 -0.68
N ASP A 30 -7.47 -5.46 0.10
CA ASP A 30 -8.84 -5.95 0.07
C ASP A 30 -9.60 -5.44 1.28
N GLU A 31 -10.92 -5.30 1.10
CA GLU A 31 -11.85 -4.81 2.11
C GLU A 31 -12.01 -5.84 3.22
N ASP A 32 -12.04 -7.12 2.84
CA ASP A 32 -12.36 -8.24 3.72
C ASP A 32 -11.32 -9.35 3.59
N GLY A 33 -10.13 -9.01 3.11
CA GLY A 33 -9.02 -9.93 2.90
C GLY A 33 -7.73 -9.39 3.52
N THR A 34 -6.67 -9.37 2.74
CA THR A 34 -5.33 -8.94 3.11
C THR A 34 -4.90 -7.84 2.14
N GLY A 35 -3.65 -7.38 2.26
CA GLY A 35 -2.97 -6.63 1.22
C GLY A 35 -1.74 -7.39 0.76
N SER A 36 -1.15 -6.98 -0.35
CA SER A 36 0.07 -7.57 -0.89
C SER A 36 0.98 -6.45 -1.38
N PHE A 37 2.30 -6.68 -1.41
CA PHE A 37 3.31 -5.73 -1.89
C PHE A 37 4.32 -6.52 -2.72
N GLY A 38 4.51 -6.17 -3.98
CA GLY A 38 5.53 -6.74 -4.84
C GLY A 38 6.39 -5.65 -5.44
N ILE A 39 7.56 -6.05 -5.94
CA ILE A 39 8.55 -5.17 -6.56
C ILE A 39 8.86 -5.77 -7.92
N TYR A 40 9.07 -4.90 -8.91
CA TYR A 40 9.11 -5.26 -10.31
C TYR A 40 10.29 -4.55 -10.96
N SER A 41 11.16 -5.31 -11.60
CA SER A 41 12.19 -4.80 -12.51
C SER A 41 11.53 -4.66 -13.87
N ASN A 42 11.55 -3.48 -14.48
CA ASN A 42 11.06 -3.11 -15.81
C ASN A 42 9.67 -3.65 -16.15
N ALA A 43 9.57 -4.92 -16.51
CA ALA A 43 8.33 -5.67 -16.60
C ALA A 43 8.66 -7.13 -16.28
N THR A 44 9.02 -7.40 -15.03
CA THR A 44 9.18 -8.73 -14.45
C THR A 44 8.93 -8.59 -12.93
N PRO A 45 8.10 -9.45 -12.31
CA PRO A 45 7.94 -9.50 -10.86
C PRO A 45 9.18 -10.13 -10.21
N ILE A 46 9.67 -9.53 -9.11
CA ILE A 46 10.93 -9.92 -8.46
C ILE A 46 10.75 -10.11 -6.95
N SER A 47 9.72 -9.55 -6.32
CA SER A 47 9.52 -9.62 -4.88
C SER A 47 8.03 -9.77 -4.58
N PHE A 48 7.71 -10.34 -3.42
CA PHE A 48 6.35 -10.69 -3.02
C PHE A 48 6.26 -10.75 -1.50
N GLN A 49 5.13 -10.32 -0.95
CA GLN A 49 4.72 -10.53 0.44
C GLN A 49 3.21 -10.32 0.50
N MET A 50 2.56 -10.85 1.53
CA MET A 50 1.15 -10.64 1.84
C MET A 50 1.07 -10.32 3.34
N PHE A 51 0.11 -9.52 3.75
CA PHE A 51 0.01 -9.04 5.11
C PHE A 51 -1.42 -8.59 5.40
N ASP A 52 -1.90 -8.85 6.62
CA ASP A 52 -3.17 -8.32 7.11
C ASP A 52 -2.93 -6.86 7.50
N TYR A 53 -4.01 -6.07 7.53
CA TYR A 53 -3.95 -4.69 7.98
C TYR A 53 -5.29 -4.27 8.57
N LYS A 54 -5.29 -3.15 9.30
CA LYS A 54 -6.50 -2.41 9.68
C LYS A 54 -6.27 -0.94 9.38
N ILE A 55 -7.35 -0.19 9.22
CA ILE A 55 -7.35 1.27 9.19
C ILE A 55 -8.11 1.70 10.45
N GLU A 56 -7.39 1.82 11.55
CA GLU A 56 -8.00 2.03 12.87
C GLU A 56 -7.42 3.27 13.55
N GLU A 57 -6.87 4.16 12.74
CA GLU A 57 -6.08 5.31 13.13
C GLU A 57 -5.89 6.32 12.00
N GLY A 58 -6.67 6.24 10.92
CA GLY A 58 -6.44 7.08 9.75
C GLY A 58 -5.10 6.75 9.08
N ARG A 59 -4.53 5.60 9.43
CA ARG A 59 -3.20 5.11 9.12
C ARG A 59 -3.34 3.61 8.95
N ILE A 60 -2.35 2.99 8.32
CA ILE A 60 -2.39 1.56 8.05
C ILE A 60 -1.70 0.89 9.23
N TYR A 61 -2.47 0.20 10.06
CA TYR A 61 -1.96 -0.68 11.10
C TYR A 61 -1.55 -1.97 10.40
N ILE A 62 -0.26 -2.20 10.22
CA ILE A 62 0.32 -3.45 9.76
C ILE A 62 0.58 -4.26 11.03
N TYR A 63 0.16 -5.53 11.07
CA TYR A 63 0.31 -6.32 12.31
C TYR A 63 0.40 -7.83 12.13
N ASP A 64 0.31 -8.37 10.92
CA ASP A 64 0.74 -9.72 10.62
C ASP A 64 1.22 -9.69 9.18
N VAL A 65 2.46 -10.11 8.97
CA VAL A 65 3.17 -10.06 7.69
C VAL A 65 3.74 -11.45 7.42
N TYR A 66 3.70 -11.87 6.17
CA TYR A 66 4.32 -13.10 5.70
C TYR A 66 5.07 -12.79 4.39
N PRO A 67 5.98 -13.66 3.94
CA PRO A 67 6.55 -14.76 4.70
C PRO A 67 7.55 -14.25 5.75
N ASP A 68 8.08 -13.05 5.59
CA ASP A 68 9.10 -12.49 6.47
C ASP A 68 8.38 -11.58 7.47
N GLU A 69 8.21 -12.10 8.67
CA GLU A 69 7.35 -11.50 9.69
C GLU A 69 8.15 -10.50 10.52
N LYS A 70 7.59 -9.31 10.72
CA LYS A 70 8.12 -8.28 11.60
C LYS A 70 7.04 -7.80 12.59
N THR A 71 7.44 -6.93 13.51
CA THR A 71 6.59 -6.35 14.53
C THR A 71 5.43 -5.52 13.90
N PRO A 72 4.31 -5.35 14.61
CA PRO A 72 3.24 -4.44 14.20
C PRO A 72 3.64 -2.97 14.33
N TYR A 73 3.12 -2.12 13.44
CA TYR A 73 3.24 -0.67 13.52
C TYR A 73 2.18 0.00 12.65
N TYR A 74 1.96 1.31 12.87
CA TYR A 74 1.14 2.12 11.99
C TYR A 74 2.03 2.76 10.94
N LEU A 75 1.49 2.99 9.74
CA LEU A 75 2.13 3.67 8.63
C LEU A 75 1.22 4.82 8.20
N ASP A 76 1.83 5.97 7.92
CA ASP A 76 1.11 7.20 7.61
C ASP A 76 1.07 7.36 6.10
N CYS A 77 -0.12 7.68 5.59
CA CYS A 77 -0.34 8.05 4.20
C CYS A 77 -1.55 8.98 4.12
N LYS A 78 -1.72 9.63 2.97
CA LYS A 78 -3.00 10.20 2.60
C LYS A 78 -3.52 9.51 1.34
N ILE A 79 -4.81 9.63 1.08
CA ILE A 79 -5.44 9.14 -0.13
C ILE A 79 -6.43 10.21 -0.59
N SER A 80 -6.60 10.34 -1.91
CA SER A 80 -7.56 11.27 -2.50
C SER A 80 -8.72 10.54 -3.18
N GLY A 81 -8.59 9.22 -3.34
CA GLY A 81 -9.46 8.38 -4.15
C GLY A 81 -8.57 7.62 -5.11
N THR A 82 -7.88 8.33 -6.00
CA THR A 82 -7.07 7.75 -7.07
C THR A 82 -5.56 7.98 -6.91
N THR A 83 -5.10 8.89 -6.06
CA THR A 83 -3.69 9.01 -5.69
C THR A 83 -3.53 8.44 -4.28
N LEU A 84 -2.48 7.65 -4.05
CA LEU A 84 -1.95 7.32 -2.72
C LEU A 84 -0.75 8.24 -2.49
N LYS A 85 -0.54 8.71 -1.27
CA LYS A 85 0.65 9.43 -0.86
C LYS A 85 1.12 8.84 0.46
N VAL A 86 1.92 7.78 0.38
CA VAL A 86 2.56 7.19 1.54
C VAL A 86 3.73 8.06 1.98
N GLU A 87 3.74 8.48 3.25
CA GLU A 87 4.79 9.30 3.85
C GLU A 87 5.87 8.46 4.55
N THR A 88 5.56 7.24 4.99
CA THR A 88 6.51 6.37 5.69
C THR A 88 6.15 4.91 5.46
N GLY A 89 7.13 4.03 5.71
CA GLY A 89 7.05 2.59 5.52
C GLY A 89 7.97 2.14 4.40
N SER A 90 8.03 0.82 4.20
CA SER A 90 8.67 0.20 3.05
C SER A 90 8.10 0.73 1.73
N GLU A 91 6.84 1.19 1.73
CA GLU A 91 6.13 1.61 0.53
C GLU A 91 6.06 3.13 0.37
N ALA A 92 6.83 3.90 1.15
CA ALA A 92 6.88 5.36 1.11
C ALA A 92 7.16 5.87 -0.30
N GLY A 93 6.16 6.45 -0.94
CA GLY A 93 6.19 6.79 -2.36
C GLY A 93 4.90 7.42 -2.86
N THR A 94 4.79 7.55 -4.18
CA THR A 94 3.69 8.16 -4.90
C THR A 94 3.10 7.08 -5.80
N TYR A 95 1.78 6.86 -5.72
CA TYR A 95 1.11 5.79 -6.45
C TYR A 95 -0.24 6.27 -6.98
N LYS A 96 -0.74 5.57 -7.99
CA LYS A 96 -2.09 5.74 -8.50
C LYS A 96 -2.82 4.42 -8.39
N LYS A 97 -4.14 4.50 -8.20
CA LYS A 97 -5.01 3.34 -8.18
C LYS A 97 -4.92 2.65 -9.54
N GLN A 98 -4.95 1.32 -9.59
CA GLN A 98 -4.97 0.51 -10.81
C GLN A 98 -6.31 -0.22 -10.79
N LYS A 99 -7.34 0.60 -10.72
CA LYS A 99 -8.75 0.26 -10.60
C LYS A 99 -9.49 1.52 -11.05
N GLY A 1 -1.54 23.98 0.15
CA GLY A 1 -2.26 23.05 -0.72
C GLY A 1 -1.64 21.68 -0.56
N GLU A 2 -2.20 20.85 0.33
CA GLU A 2 -1.90 19.44 0.51
C GLU A 2 -3.18 18.86 1.09
N ASP A 3 -4.17 18.68 0.24
CA ASP A 3 -5.57 18.78 0.65
C ASP A 3 -6.21 17.43 0.43
N TRP A 4 -5.70 16.48 1.20
CA TRP A 4 -6.03 15.07 1.13
C TRP A 4 -7.26 14.77 1.99
N THR A 5 -8.06 13.79 1.58
CA THR A 5 -9.12 13.21 2.38
C THR A 5 -8.54 12.38 3.52
N GLU A 6 -9.42 12.02 4.45
CA GLU A 6 -9.20 10.89 5.33
C GLU A 6 -8.96 9.64 4.49
N LEU A 7 -7.97 8.87 4.91
CA LEU A 7 -7.92 7.45 4.62
C LEU A 7 -9.07 6.79 5.38
N ASN A 8 -9.77 5.84 4.78
CA ASN A 8 -10.66 4.89 5.46
C ASN A 8 -10.45 3.54 4.80
N SER A 9 -11.02 2.51 5.42
CA SER A 9 -11.15 1.13 4.96
C SER A 9 -11.57 1.12 3.49
N ASN A 10 -12.74 1.70 3.25
CA ASN A 10 -13.41 1.62 1.96
C ASN A 10 -12.68 2.48 0.93
N ASN A 11 -11.80 3.41 1.37
CA ASN A 11 -11.06 4.25 0.46
C ASN A 11 -9.82 3.52 -0.06
N ILE A 12 -9.10 2.71 0.73
CA ILE A 12 -7.79 2.14 0.33
C ILE A 12 -7.91 1.01 -0.69
N ILE A 13 -9.10 0.43 -0.88
CA ILE A 13 -9.32 -0.75 -1.71
C ILE A 13 -8.82 -0.51 -3.14
N GLY A 14 -8.14 -1.50 -3.71
CA GLY A 14 -7.76 -1.55 -5.12
C GLY A 14 -6.29 -1.89 -5.32
N TYR A 15 -5.87 -1.85 -6.59
CA TYR A 15 -4.52 -2.02 -7.05
C TYR A 15 -3.81 -0.68 -7.05
N TRP A 16 -2.51 -0.64 -6.76
CA TRP A 16 -1.75 0.59 -6.58
C TRP A 16 -0.37 0.46 -7.22
N SER A 17 -0.11 1.19 -8.30
CA SER A 17 1.14 1.11 -9.07
C SER A 17 1.85 2.47 -9.02
N THR A 18 3.18 2.48 -8.96
CA THR A 18 3.97 3.72 -9.04
C THR A 18 4.15 4.12 -10.51
N GLY A 19 4.46 3.17 -11.39
CA GLY A 19 4.72 3.38 -12.81
C GLY A 19 5.03 2.05 -13.51
N ILE A 20 5.15 2.05 -14.83
CA ILE A 20 5.12 0.84 -15.66
C ILE A 20 6.48 0.66 -16.37
N GLU A 21 7.54 0.83 -15.57
CA GLU A 21 8.87 1.19 -16.03
C GLU A 21 9.94 0.27 -15.42
N GLY A 22 11.21 0.49 -15.78
CA GLY A 22 12.34 -0.41 -15.63
C GLY A 22 12.56 -0.95 -14.23
N THR A 23 12.11 -0.26 -13.18
CA THR A 23 12.08 -0.76 -11.81
C THR A 23 10.88 -0.08 -11.14
N HIS A 24 9.91 -0.84 -10.63
CA HIS A 24 8.70 -0.29 -10.04
C HIS A 24 8.19 -1.18 -8.89
N LYS A 25 7.08 -0.82 -8.27
CA LYS A 25 6.55 -1.43 -7.04
C LYS A 25 5.03 -1.48 -7.13
N LEU A 26 4.40 -2.51 -6.58
CA LEU A 26 2.97 -2.77 -6.72
C LEU A 26 2.41 -3.05 -5.33
N LEU A 27 1.27 -2.46 -4.99
CA LEU A 27 0.51 -2.74 -3.77
C LEU A 27 -0.89 -3.17 -4.18
N SER A 28 -1.57 -3.91 -3.31
CA SER A 28 -2.98 -4.19 -3.41
C SER A 28 -3.58 -4.31 -2.01
N PHE A 29 -4.88 -3.99 -1.89
CA PHE A 29 -5.64 -4.08 -0.66
C PHE A 29 -7.02 -4.58 -1.05
N ASP A 30 -7.43 -5.73 -0.51
CA ASP A 30 -8.80 -6.21 -0.60
C ASP A 30 -9.62 -5.59 0.53
N GLU A 31 -10.93 -5.75 0.47
CA GLU A 31 -11.88 -5.12 1.36
C GLU A 31 -12.26 -5.98 2.55
N ASP A 32 -12.14 -7.30 2.44
CA ASP A 32 -12.55 -8.26 3.45
C ASP A 32 -11.56 -9.43 3.45
N GLY A 33 -10.29 -9.15 3.14
CA GLY A 33 -9.19 -10.09 3.12
C GLY A 33 -7.96 -9.44 3.74
N THR A 34 -6.92 -9.18 2.95
CA THR A 34 -5.61 -8.71 3.41
C THR A 34 -5.08 -7.64 2.43
N GLY A 35 -3.79 -7.30 2.52
CA GLY A 35 -3.07 -6.53 1.51
C GLY A 35 -1.88 -7.34 0.98
N SER A 36 -1.25 -6.82 -0.08
CA SER A 36 -0.09 -7.44 -0.71
C SER A 36 0.85 -6.36 -1.20
N PHE A 37 2.16 -6.63 -1.21
CA PHE A 37 3.20 -5.70 -1.66
C PHE A 37 4.23 -6.48 -2.48
N GLY A 38 4.50 -6.08 -3.72
CA GLY A 38 5.52 -6.65 -4.57
C GLY A 38 6.43 -5.57 -5.14
N ILE A 39 7.56 -6.00 -5.69
CA ILE A 39 8.55 -5.17 -6.37
C ILE A 39 8.72 -5.80 -7.74
N TYR A 40 9.01 -5.00 -8.76
CA TYR A 40 9.04 -5.43 -10.15
C TYR A 40 10.21 -4.72 -10.85
N SER A 41 10.58 -5.21 -12.02
CA SER A 41 11.52 -4.63 -12.95
C SER A 41 10.92 -4.75 -14.36
N ASN A 42 10.57 -3.62 -14.98
CA ASN A 42 10.01 -3.48 -16.32
C ASN A 42 8.76 -4.31 -16.58
N ALA A 43 8.94 -5.61 -16.82
CA ALA A 43 7.90 -6.59 -17.07
C ALA A 43 8.29 -7.94 -16.44
N THR A 44 8.73 -7.96 -15.18
CA THR A 44 9.01 -9.14 -14.37
C THR A 44 8.87 -8.77 -12.88
N PRO A 45 8.25 -9.62 -12.03
CA PRO A 45 8.22 -9.45 -10.59
C PRO A 45 9.56 -9.85 -9.96
N ILE A 46 9.98 -9.11 -8.94
CA ILE A 46 11.26 -9.25 -8.26
C ILE A 46 11.06 -9.30 -6.72
N SER A 47 9.86 -9.06 -6.19
CA SER A 47 9.52 -9.43 -4.82
C SER A 47 8.02 -9.65 -4.71
N PHE A 48 7.65 -10.30 -3.61
CA PHE A 48 6.30 -10.66 -3.21
C PHE A 48 6.33 -10.84 -1.69
N GLN A 49 5.49 -10.11 -0.98
CA GLN A 49 5.13 -10.35 0.43
C GLN A 49 3.62 -10.10 0.57
N MET A 50 3.02 -10.56 1.66
CA MET A 50 1.62 -10.36 1.98
C MET A 50 1.53 -9.98 3.46
N PHE A 51 0.46 -9.30 3.85
CA PHE A 51 0.22 -8.90 5.23
C PHE A 51 -1.26 -8.61 5.44
N ASP A 52 -1.77 -8.77 6.66
CA ASP A 52 -3.08 -8.26 7.03
C ASP A 52 -2.96 -6.78 7.40
N TYR A 53 -4.09 -6.10 7.50
CA TYR A 53 -4.16 -4.74 7.99
C TYR A 53 -5.47 -4.46 8.71
N LYS A 54 -5.51 -3.40 9.53
CA LYS A 54 -6.74 -2.82 10.05
C LYS A 54 -6.64 -1.33 9.83
N ILE A 55 -7.80 -0.68 9.74
CA ILE A 55 -7.92 0.74 9.86
C ILE A 55 -8.48 1.01 11.24
N GLU A 56 -7.65 1.53 12.16
CA GLU A 56 -8.17 1.99 13.45
C GLU A 56 -7.57 3.32 13.94
N GLU A 57 -7.09 4.17 13.03
CA GLU A 57 -6.59 5.51 13.29
C GLU A 57 -6.43 6.40 12.04
N GLY A 58 -7.01 6.03 10.88
CA GLY A 58 -6.76 6.78 9.65
C GLY A 58 -5.40 6.53 9.00
N ARG A 59 -4.66 5.52 9.44
CA ARG A 59 -3.40 5.05 8.87
C ARG A 59 -3.58 3.58 8.47
N ILE A 60 -2.53 2.82 8.19
CA ILE A 60 -2.68 1.38 7.97
C ILE A 60 -1.94 0.68 9.09
N TYR A 61 -2.68 0.03 9.99
CA TYR A 61 -2.10 -0.80 11.04
C TYR A 61 -1.69 -2.12 10.39
N ILE A 62 -0.40 -2.33 10.13
CA ILE A 62 0.17 -3.60 9.71
C ILE A 62 0.57 -4.32 11.01
N TYR A 63 0.36 -5.65 11.10
CA TYR A 63 0.61 -6.41 12.32
C TYR A 63 0.82 -7.91 12.12
N ASP A 64 0.65 -8.43 10.89
CA ASP A 64 0.81 -9.83 10.52
C ASP A 64 1.39 -9.75 9.12
N VAL A 65 2.64 -10.17 8.96
CA VAL A 65 3.36 -10.14 7.69
C VAL A 65 4.00 -11.51 7.50
N TYR A 66 4.23 -11.90 6.25
CA TYR A 66 4.84 -13.15 5.86
C TYR A 66 5.63 -12.87 4.56
N PRO A 67 6.59 -13.73 4.17
CA PRO A 67 7.12 -14.85 4.95
C PRO A 67 8.10 -14.38 6.03
N ASP A 68 8.75 -13.25 5.81
CA ASP A 68 9.51 -12.55 6.83
C ASP A 68 8.49 -11.66 7.53
N GLU A 69 8.12 -12.01 8.75
CA GLU A 69 7.25 -11.16 9.56
C GLU A 69 8.00 -9.91 10.02
N LYS A 70 7.25 -8.88 10.40
CA LYS A 70 7.78 -7.67 11.03
C LYS A 70 6.83 -7.25 12.15
N THR A 71 7.36 -6.55 13.14
CA THR A 71 6.64 -5.93 14.26
C THR A 71 5.47 -5.06 13.77
N PRO A 72 4.38 -4.90 14.55
CA PRO A 72 3.27 -4.05 14.17
C PRO A 72 3.60 -2.56 14.17
N TYR A 73 2.89 -1.76 13.38
CA TYR A 73 2.99 -0.30 13.33
C TYR A 73 1.84 0.28 12.51
N TYR A 74 1.62 1.59 12.60
CA TYR A 74 0.65 2.33 11.80
C TYR A 74 1.44 3.08 10.72
N LEU A 75 1.30 2.70 9.45
CA LEU A 75 1.90 3.39 8.32
C LEU A 75 1.08 4.64 8.00
N ASP A 76 1.68 5.80 8.20
CA ASP A 76 1.15 7.12 7.87
C ASP A 76 0.95 7.19 6.36
N CYS A 77 -0.29 7.34 5.89
CA CYS A 77 -0.55 7.59 4.48
C CYS A 77 -1.83 8.38 4.26
N LYS A 78 -1.90 9.02 3.09
CA LYS A 78 -3.09 9.75 2.63
C LYS A 78 -3.66 9.12 1.37
N ILE A 79 -4.92 9.45 1.05
CA ILE A 79 -5.57 9.11 -0.21
C ILE A 79 -6.43 10.30 -0.63
N SER A 80 -6.60 10.49 -1.94
CA SER A 80 -7.38 11.58 -2.52
C SER A 80 -8.44 11.14 -3.55
N GLY A 81 -8.47 9.86 -3.92
CA GLY A 81 -9.37 9.31 -4.92
C GLY A 81 -8.65 8.23 -5.70
N THR A 82 -7.70 8.62 -6.56
CA THR A 82 -6.86 7.68 -7.31
C THR A 82 -5.37 7.85 -7.03
N THR A 83 -4.97 8.74 -6.12
CA THR A 83 -3.57 8.83 -5.65
C THR A 83 -3.54 8.27 -4.23
N LEU A 84 -2.57 7.41 -3.94
CA LEU A 84 -2.14 6.96 -2.62
C LEU A 84 -0.78 7.59 -2.34
N LYS A 85 -0.63 8.20 -1.17
CA LYS A 85 0.60 8.86 -0.71
C LYS A 85 1.01 8.30 0.63
N VAL A 86 1.98 7.38 0.67
CA VAL A 86 2.48 6.85 1.94
C VAL A 86 3.72 7.66 2.35
N GLU A 87 3.74 8.09 3.62
CA GLU A 87 4.79 8.93 4.19
C GLU A 87 5.97 8.11 4.76
N THR A 88 5.76 6.84 5.13
CA THR A 88 6.75 6.01 5.82
C THR A 88 6.50 4.53 5.49
N GLY A 89 7.46 3.67 5.81
CA GLY A 89 7.39 2.25 5.48
C GLY A 89 8.12 1.96 4.18
N SER A 90 8.19 0.68 3.84
CA SER A 90 8.80 0.20 2.60
C SER A 90 8.09 0.77 1.35
N GLU A 91 6.84 1.21 1.50
CA GLU A 91 5.95 1.63 0.42
C GLU A 91 5.84 3.16 0.28
N ALA A 92 6.66 3.88 1.05
CA ALA A 92 6.79 5.33 1.06
C ALA A 92 7.14 5.80 -0.35
N GLY A 93 6.21 6.49 -1.01
CA GLY A 93 6.34 6.89 -2.41
C GLY A 93 5.14 7.66 -2.90
N THR A 94 4.68 7.33 -4.11
CA THR A 94 3.64 8.04 -4.83
C THR A 94 3.01 7.03 -5.78
N TYR A 95 1.73 6.66 -5.58
CA TYR A 95 1.12 5.53 -6.27
C TYR A 95 -0.24 5.95 -6.80
N LYS A 96 -0.67 5.29 -7.87
CA LYS A 96 -1.94 5.55 -8.52
C LYS A 96 -2.77 4.29 -8.47
N LYS A 97 -4.08 4.46 -8.25
CA LYS A 97 -5.05 3.39 -8.35
C LYS A 97 -4.97 2.83 -9.75
N GLN A 98 -4.95 1.51 -9.91
CA GLN A 98 -4.97 0.85 -11.20
C GLN A 98 -5.98 -0.29 -11.13
N LYS A 99 -7.26 0.06 -11.07
CA LYS A 99 -8.33 -0.88 -10.73
C LYS A 99 -8.18 -1.29 -9.26
N GLY A 1 -2.07 23.79 -0.46
CA GLY A 1 -1.41 22.71 0.30
C GLY A 1 -1.86 21.36 -0.24
N GLU A 2 -1.84 20.31 0.58
CA GLU A 2 -2.33 18.99 0.17
C GLU A 2 -3.33 18.53 1.21
N ASP A 3 -4.60 18.71 0.88
CA ASP A 3 -5.72 18.38 1.73
C ASP A 3 -6.21 17.04 1.22
N TRP A 4 -6.25 16.12 2.15
CA TRP A 4 -6.55 14.72 1.95
C TRP A 4 -7.91 14.36 2.56
N THR A 5 -8.46 13.18 2.23
CA THR A 5 -9.61 12.65 2.94
C THR A 5 -9.14 11.92 4.18
N GLU A 6 -10.07 11.67 5.09
CA GLU A 6 -9.98 10.55 6.01
C GLU A 6 -9.73 9.27 5.22
N LEU A 7 -8.66 8.58 5.57
CA LEU A 7 -8.52 7.19 5.29
C LEU A 7 -9.59 6.42 6.03
N ASN A 8 -10.20 5.51 5.29
CA ASN A 8 -11.00 4.43 5.85
C ASN A 8 -10.67 3.20 5.05
N SER A 9 -11.12 2.03 5.51
CA SER A 9 -10.99 0.78 4.78
C SER A 9 -11.50 0.97 3.35
N ASN A 10 -12.76 1.40 3.16
CA ASN A 10 -13.38 1.40 1.83
C ASN A 10 -12.69 2.35 0.85
N ASN A 11 -11.88 3.30 1.34
CA ASN A 11 -11.11 4.23 0.50
C ASN A 11 -9.86 3.54 -0.04
N ILE A 12 -9.13 2.78 0.77
CA ILE A 12 -7.82 2.27 0.38
C ILE A 12 -7.92 1.08 -0.61
N ILE A 13 -9.05 0.36 -0.61
CA ILE A 13 -9.31 -0.84 -1.42
C ILE A 13 -8.93 -0.67 -2.89
N GLY A 14 -8.09 -1.55 -3.43
CA GLY A 14 -7.84 -1.66 -4.86
C GLY A 14 -6.36 -1.84 -5.19
N TYR A 15 -6.05 -1.91 -6.48
CA TYR A 15 -4.70 -1.93 -7.03
C TYR A 15 -4.07 -0.54 -6.93
N TRP A 16 -2.76 -0.51 -6.76
CA TRP A 16 -1.96 0.70 -6.71
C TRP A 16 -0.68 0.46 -7.51
N SER A 17 -0.44 1.21 -8.59
CA SER A 17 0.75 1.15 -9.43
C SER A 17 1.52 2.47 -9.36
N THR A 18 2.70 2.50 -9.98
CA THR A 18 3.62 3.64 -9.99
C THR A 18 4.32 3.79 -11.36
N GLY A 19 4.00 2.92 -12.33
CA GLY A 19 4.67 2.78 -13.61
C GLY A 19 4.86 1.29 -13.88
N ILE A 20 5.40 0.94 -15.05
CA ILE A 20 5.56 -0.45 -15.49
C ILE A 20 6.95 -0.75 -16.08
N GLU A 21 7.90 0.17 -15.93
CA GLU A 21 9.24 0.08 -16.48
C GLU A 21 10.27 -0.06 -15.36
N GLY A 22 11.55 0.04 -15.72
CA GLY A 22 12.66 0.46 -14.88
C GLY A 22 12.71 -0.21 -13.52
N THR A 23 12.07 0.36 -12.51
CA THR A 23 11.87 -0.27 -11.22
C THR A 23 10.50 0.21 -10.75
N HIS A 24 9.48 -0.62 -10.90
CA HIS A 24 8.13 -0.31 -10.47
C HIS A 24 7.72 -1.26 -9.37
N LYS A 25 6.58 -0.99 -8.75
CA LYS A 25 6.06 -1.72 -7.61
C LYS A 25 4.55 -1.70 -7.75
N LEU A 26 3.89 -2.73 -7.23
CA LEU A 26 2.44 -2.90 -7.26
C LEU A 26 2.01 -3.16 -5.82
N LEU A 27 0.83 -2.71 -5.42
CA LEU A 27 0.15 -3.22 -4.24
C LEU A 27 -1.28 -3.55 -4.60
N SER A 28 -1.92 -4.38 -3.79
CA SER A 28 -3.36 -4.55 -3.79
C SER A 28 -3.89 -4.52 -2.37
N PHE A 29 -5.14 -4.15 -2.22
CA PHE A 29 -5.86 -4.02 -0.95
C PHE A 29 -7.25 -4.58 -1.22
N ASP A 30 -7.69 -5.54 -0.42
CA ASP A 30 -9.03 -6.11 -0.48
C ASP A 30 -9.75 -5.65 0.78
N GLU A 31 -11.08 -5.72 0.79
CA GLU A 31 -11.84 -5.08 1.86
C GLU A 31 -12.24 -6.07 2.95
N ASP A 32 -12.26 -7.37 2.65
CA ASP A 32 -12.67 -8.40 3.61
C ASP A 32 -11.58 -9.46 3.80
N GLY A 33 -10.51 -9.38 3.00
CA GLY A 33 -9.34 -10.23 3.06
C GLY A 33 -8.15 -9.44 3.60
N THR A 34 -7.09 -9.34 2.81
CA THR A 34 -5.77 -8.79 3.11
C THR A 34 -5.24 -8.20 1.79
N GLY A 35 -4.08 -7.53 1.79
CA GLY A 35 -3.53 -6.90 0.61
C GLY A 35 -2.36 -7.67 0.03
N SER A 36 -1.60 -7.06 -0.89
CA SER A 36 -0.31 -7.61 -1.31
C SER A 36 0.63 -6.48 -1.69
N PHE A 37 1.91 -6.79 -1.80
CA PHE A 37 2.95 -5.86 -2.24
C PHE A 37 3.95 -6.65 -3.08
N GLY A 38 4.21 -6.19 -4.30
CA GLY A 38 5.28 -6.73 -5.14
C GLY A 38 6.20 -5.62 -5.62
N ILE A 39 7.43 -5.99 -6.01
CA ILE A 39 8.48 -5.08 -6.47
C ILE A 39 9.04 -5.72 -7.73
N TYR A 40 9.35 -4.88 -8.71
CA TYR A 40 9.75 -5.30 -10.04
C TYR A 40 11.00 -4.54 -10.47
N SER A 41 11.74 -5.13 -11.41
CA SER A 41 12.82 -4.55 -12.16
C SER A 41 12.47 -4.77 -13.62
N ASN A 42 12.29 -3.67 -14.36
CA ASN A 42 11.87 -3.56 -15.76
C ASN A 42 10.66 -4.40 -16.12
N ALA A 43 10.84 -5.71 -16.27
CA ALA A 43 9.80 -6.68 -16.60
C ALA A 43 9.93 -8.00 -15.80
N THR A 44 10.46 -7.94 -14.58
CA THR A 44 10.75 -9.11 -13.73
C THR A 44 10.32 -8.81 -12.28
N PRO A 45 9.56 -9.68 -11.59
CA PRO A 45 9.30 -9.57 -10.15
C PRO A 45 10.54 -9.94 -9.34
N ILE A 46 10.87 -9.12 -8.33
CA ILE A 46 12.05 -9.25 -7.48
C ILE A 46 11.66 -9.20 -5.98
N SER A 47 10.40 -9.01 -5.62
CA SER A 47 9.90 -9.26 -4.26
C SER A 47 8.49 -9.76 -4.36
N PHE A 48 7.96 -10.20 -3.23
CA PHE A 48 6.55 -10.52 -3.01
C PHE A 48 6.35 -10.66 -1.50
N GLN A 49 5.23 -10.17 -0.99
CA GLN A 49 4.74 -10.39 0.37
C GLN A 49 3.22 -10.15 0.35
N MET A 50 2.51 -10.63 1.36
CA MET A 50 1.15 -10.25 1.66
C MET A 50 1.08 -9.91 3.14
N PHE A 51 0.10 -9.09 3.51
CA PHE A 51 -0.12 -8.65 4.88
C PHE A 51 -1.52 -8.08 5.01
N ASP A 52 -2.07 -8.08 6.23
CA ASP A 52 -3.31 -7.38 6.56
C ASP A 52 -2.99 -5.98 7.06
N TYR A 53 -4.01 -5.13 7.17
CA TYR A 53 -3.92 -3.77 7.71
C TYR A 53 -5.09 -3.50 8.65
N LYS A 54 -4.98 -2.45 9.45
CA LYS A 54 -6.12 -1.80 10.09
C LYS A 54 -5.98 -0.31 9.81
N ILE A 55 -7.03 0.30 9.26
CA ILE A 55 -7.13 1.75 9.12
C ILE A 55 -7.87 2.21 10.37
N GLU A 56 -7.13 2.60 11.41
CA GLU A 56 -7.71 2.83 12.74
C GLU A 56 -7.19 4.13 13.38
N GLU A 57 -6.74 5.04 12.54
CA GLU A 57 -6.38 6.40 12.90
C GLU A 57 -6.12 7.30 11.69
N GLY A 58 -6.50 6.85 10.49
CA GLY A 58 -6.08 7.53 9.27
C GLY A 58 -4.65 7.17 8.87
N ARG A 59 -4.10 6.13 9.48
CA ARG A 59 -2.78 5.56 9.24
C ARG A 59 -2.97 4.07 9.08
N ILE A 60 -1.95 3.38 8.58
CA ILE A 60 -2.01 1.97 8.22
C ILE A 60 -1.26 1.20 9.30
N TYR A 61 -2.00 0.55 10.18
CA TYR A 61 -1.48 -0.32 11.23
C TYR A 61 -1.24 -1.71 10.64
N ILE A 62 -0.01 -2.23 10.71
CA ILE A 62 0.40 -3.55 10.21
C ILE A 62 0.42 -4.51 11.39
N TYR A 63 0.19 -5.83 11.20
CA TYR A 63 0.28 -6.78 12.31
C TYR A 63 0.45 -8.25 11.93
N ASP A 64 0.15 -8.64 10.69
CA ASP A 64 0.25 -9.98 10.15
C ASP A 64 0.90 -9.81 8.79
N VAL A 65 2.14 -10.25 8.67
CA VAL A 65 2.94 -10.27 7.46
C VAL A 65 3.35 -11.73 7.20
N TYR A 66 3.52 -12.11 5.94
CA TYR A 66 4.04 -13.41 5.53
C TYR A 66 5.06 -13.18 4.40
N PRO A 67 5.94 -14.15 4.12
CA PRO A 67 6.10 -15.42 4.84
C PRO A 67 6.95 -15.31 6.11
N ASP A 68 7.62 -14.19 6.33
CA ASP A 68 8.36 -13.90 7.55
C ASP A 68 7.55 -12.83 8.26
N GLU A 69 6.92 -13.18 9.38
CA GLU A 69 6.13 -12.24 10.16
C GLU A 69 7.03 -11.16 10.76
N LYS A 70 6.52 -9.94 10.87
CA LYS A 70 7.25 -8.77 11.36
C LYS A 70 6.46 -8.05 12.44
N THR A 71 7.14 -7.18 13.19
CA THR A 71 6.56 -6.42 14.28
C THR A 71 5.43 -5.50 13.75
N PRO A 72 4.40 -5.19 14.55
CA PRO A 72 3.39 -4.19 14.21
C PRO A 72 3.96 -2.76 14.28
N TYR A 73 3.47 -1.87 13.43
CA TYR A 73 3.77 -0.43 13.38
C TYR A 73 2.70 0.31 12.57
N TYR A 74 2.55 1.62 12.84
CA TYR A 74 1.67 2.51 12.08
C TYR A 74 2.50 3.21 10.98
N LEU A 75 2.12 3.01 9.73
CA LEU A 75 2.67 3.72 8.59
C LEU A 75 1.82 4.95 8.30
N ASP A 76 2.52 6.04 7.99
CA ASP A 76 1.94 7.32 7.63
C ASP A 76 1.55 7.25 6.15
N CYS A 77 0.28 7.50 5.85
CA CYS A 77 -0.17 7.77 4.48
C CYS A 77 -1.36 8.72 4.53
N LYS A 78 -1.70 9.23 3.36
CA LYS A 78 -3.00 9.79 3.01
C LYS A 78 -3.57 9.21 1.73
N ILE A 79 -4.86 9.42 1.53
CA ILE A 79 -5.58 9.13 0.30
C ILE A 79 -6.68 10.22 0.17
N SER A 80 -7.18 10.40 -1.04
CA SER A 80 -8.29 11.26 -1.47
C SER A 80 -9.31 10.42 -2.27
N GLY A 81 -8.82 9.45 -3.05
CA GLY A 81 -9.58 8.46 -3.80
C GLY A 81 -8.63 7.54 -4.58
N THR A 82 -7.71 8.11 -5.37
CA THR A 82 -7.05 7.43 -6.49
C THR A 82 -5.54 7.73 -6.63
N THR A 83 -4.95 8.41 -5.64
CA THR A 83 -3.54 8.71 -5.45
C THR A 83 -3.18 8.37 -4.00
N LEU A 84 -2.48 7.27 -3.76
CA LEU A 84 -1.97 6.92 -2.43
C LEU A 84 -0.76 7.81 -2.22
N LYS A 85 -0.79 8.62 -1.17
CA LYS A 85 0.42 9.27 -0.67
C LYS A 85 0.89 8.52 0.56
N VAL A 86 1.68 7.46 0.39
CA VAL A 86 2.38 6.87 1.53
C VAL A 86 3.59 7.73 1.83
N GLU A 87 3.76 8.10 3.09
CA GLU A 87 4.81 9.00 3.53
C GLU A 87 6.01 8.23 4.09
N THR A 88 5.81 7.05 4.68
CA THR A 88 6.88 6.22 5.25
C THR A 88 6.51 4.74 5.19
N GLY A 89 7.44 3.86 5.55
CA GLY A 89 7.34 2.42 5.40
C GLY A 89 8.17 1.96 4.23
N SER A 90 8.14 0.67 3.96
CA SER A 90 8.77 0.12 2.78
C SER A 90 8.09 0.65 1.51
N GLU A 91 6.82 1.06 1.58
CA GLU A 91 5.97 1.36 0.43
C GLU A 91 5.84 2.87 0.18
N ALA A 92 6.66 3.67 0.87
CA ALA A 92 6.64 5.13 0.90
C ALA A 92 6.81 5.73 -0.49
N GLY A 93 5.73 6.25 -1.08
CA GLY A 93 5.77 6.86 -2.41
C GLY A 93 4.40 7.33 -2.87
N THR A 94 4.27 7.56 -4.18
CA THR A 94 3.13 8.21 -4.82
C THR A 94 2.52 7.22 -5.81
N TYR A 95 1.37 6.63 -5.51
CA TYR A 95 0.82 5.48 -6.26
C TYR A 95 -0.54 5.80 -6.84
N LYS A 96 -0.74 5.53 -8.14
CA LYS A 96 -2.03 5.67 -8.82
C LYS A 96 -2.87 4.43 -8.53
N LYS A 97 -4.11 4.60 -8.05
CA LYS A 97 -5.09 3.52 -8.03
C LYS A 97 -5.32 3.07 -9.47
N GLN A 98 -5.35 1.76 -9.72
CA GLN A 98 -5.63 1.19 -11.03
C GLN A 98 -6.96 0.44 -10.98
N LYS A 99 -8.02 1.20 -10.77
CA LYS A 99 -9.40 0.81 -11.00
C LYS A 99 -10.17 2.09 -11.30
N GLY A 1 -0.94 23.63 -0.53
CA GLY A 1 -1.42 22.83 0.62
C GLY A 1 -1.12 21.36 0.42
N GLU A 2 -1.37 20.55 1.45
CA GLU A 2 -1.32 19.11 1.43
C GLU A 2 -2.70 18.65 1.89
N ASP A 3 -3.70 18.76 1.01
CA ASP A 3 -5.08 18.89 1.44
C ASP A 3 -5.82 17.60 1.14
N TRP A 4 -5.33 16.53 1.75
CA TRP A 4 -5.77 15.16 1.54
C TRP A 4 -6.99 14.83 2.42
N THR A 5 -7.79 13.82 2.06
CA THR A 5 -8.94 13.39 2.83
C THR A 5 -8.52 12.57 4.06
N GLU A 6 -9.51 12.20 4.88
CA GLU A 6 -9.42 11.07 5.79
C GLU A 6 -9.08 9.79 4.99
N LEU A 7 -8.14 9.01 5.51
CA LEU A 7 -8.00 7.61 5.15
C LEU A 7 -9.11 6.85 5.85
N ASN A 8 -9.75 5.90 5.17
CA ASN A 8 -10.76 5.01 5.74
C ASN A 8 -10.57 3.66 5.07
N SER A 9 -11.13 2.60 5.65
CA SER A 9 -11.01 1.24 5.11
C SER A 9 -11.38 1.25 3.63
N ASN A 10 -12.55 1.81 3.29
CA ASN A 10 -13.12 1.72 1.96
C ASN A 10 -12.38 2.54 0.91
N ASN A 11 -11.51 3.50 1.32
CA ASN A 11 -10.75 4.27 0.35
C ASN A 11 -9.54 3.46 -0.12
N ILE A 12 -8.85 2.77 0.79
CA ILE A 12 -7.64 2.00 0.49
C ILE A 12 -8.00 0.61 -0.03
N ILE A 13 -9.01 0.45 -0.90
CA ILE A 13 -9.36 -0.84 -1.48
C ILE A 13 -9.04 -0.80 -2.97
N GLY A 14 -8.23 -1.76 -3.44
CA GLY A 14 -7.84 -1.89 -4.84
C GLY A 14 -6.34 -2.11 -4.99
N TYR A 15 -5.88 -2.24 -6.23
CA TYR A 15 -4.48 -2.29 -6.62
C TYR A 15 -3.91 -0.87 -6.66
N TRP A 16 -2.58 -0.74 -6.67
CA TRP A 16 -1.88 0.53 -6.89
C TRP A 16 -0.63 0.30 -7.73
N SER A 17 -0.23 1.24 -8.60
CA SER A 17 1.11 1.25 -9.21
C SER A 17 1.71 2.66 -9.16
N THR A 18 3.00 2.79 -9.39
CA THR A 18 3.76 4.05 -9.32
C THR A 18 4.27 4.48 -10.71
N GLY A 19 4.20 3.60 -11.70
CA GLY A 19 4.87 3.73 -12.97
C GLY A 19 5.21 2.34 -13.47
N ILE A 20 5.80 2.28 -14.65
CA ILE A 20 5.98 1.05 -15.43
C ILE A 20 7.41 0.95 -15.99
N GLU A 21 8.35 1.66 -15.37
CA GLU A 21 9.75 1.72 -15.77
C GLU A 21 10.59 1.63 -14.50
N GLY A 22 11.82 1.16 -14.65
CA GLY A 22 12.69 0.85 -13.52
C GLY A 22 12.07 -0.16 -12.57
N THR A 23 12.59 -0.20 -11.34
CA THR A 23 12.10 -1.02 -10.25
C THR A 23 10.86 -0.37 -9.64
N HIS A 24 9.69 -0.67 -10.20
CA HIS A 24 8.41 -0.14 -9.74
C HIS A 24 7.74 -1.12 -8.78
N LYS A 25 6.65 -0.66 -8.18
CA LYS A 25 6.21 -1.13 -6.87
C LYS A 25 4.69 -1.24 -6.90
N LEU A 26 4.16 -2.45 -6.72
CA LEU A 26 2.75 -2.82 -6.83
C LEU A 26 2.21 -3.20 -5.44
N LEU A 27 1.40 -2.34 -4.82
CA LEU A 27 0.62 -2.66 -3.62
C LEU A 27 -0.75 -3.19 -4.06
N SER A 28 -1.42 -3.94 -3.19
CA SER A 28 -2.86 -4.08 -3.20
C SER A 28 -3.37 -4.14 -1.76
N PHE A 29 -4.67 -3.93 -1.61
CA PHE A 29 -5.42 -4.09 -0.37
C PHE A 29 -6.86 -4.50 -0.72
N ASP A 30 -7.35 -5.57 -0.09
CA ASP A 30 -8.73 -6.01 -0.14
C ASP A 30 -9.43 -5.67 1.16
N GLU A 31 -10.69 -5.31 1.05
CA GLU A 31 -11.52 -4.82 2.14
C GLU A 31 -11.85 -5.93 3.14
N ASP A 32 -11.88 -7.17 2.64
CA ASP A 32 -12.43 -8.38 3.21
C ASP A 32 -11.39 -9.50 3.21
N GLY A 33 -10.18 -9.25 2.73
CA GLY A 33 -9.10 -10.20 2.63
C GLY A 33 -7.86 -9.66 3.35
N THR A 34 -6.79 -9.44 2.59
CA THR A 34 -5.48 -9.00 3.03
C THR A 34 -4.96 -7.99 2.00
N GLY A 35 -3.78 -7.43 2.24
CA GLY A 35 -3.05 -6.64 1.27
C GLY A 35 -1.88 -7.43 0.69
N SER A 36 -1.20 -6.81 -0.26
CA SER A 36 -0.01 -7.32 -0.91
C SER A 36 0.97 -6.17 -1.11
N PHE A 37 2.23 -6.54 -1.28
CA PHE A 37 3.29 -5.69 -1.81
C PHE A 37 4.18 -6.57 -2.69
N GLY A 38 4.31 -6.24 -3.97
CA GLY A 38 5.15 -6.92 -4.94
C GLY A 38 5.95 -5.89 -5.74
N ILE A 39 7.28 -5.90 -5.60
CA ILE A 39 8.17 -5.10 -6.44
C ILE A 39 8.30 -5.83 -7.77
N TYR A 40 8.33 -5.08 -8.88
CA TYR A 40 8.65 -5.57 -10.21
C TYR A 40 9.79 -4.69 -10.73
N SER A 41 10.59 -5.21 -11.64
CA SER A 41 11.64 -4.49 -12.32
C SER A 41 11.43 -4.67 -13.81
N ASN A 42 11.19 -3.55 -14.49
CA ASN A 42 11.31 -3.36 -15.93
C ASN A 42 10.24 -4.11 -16.72
N ALA A 43 10.22 -5.45 -16.70
CA ALA A 43 9.04 -6.26 -17.03
C ALA A 43 9.14 -7.66 -16.41
N THR A 44 9.45 -7.75 -15.11
CA THR A 44 9.58 -8.99 -14.36
C THR A 44 9.22 -8.73 -12.88
N PRO A 45 8.41 -9.55 -12.19
CA PRO A 45 8.23 -9.47 -10.74
C PRO A 45 9.53 -9.92 -10.02
N ILE A 46 10.01 -9.14 -9.05
CA ILE A 46 11.24 -9.45 -8.29
C ILE A 46 10.97 -9.42 -6.78
N SER A 47 9.73 -9.24 -6.31
CA SER A 47 9.39 -9.49 -4.92
C SER A 47 7.92 -9.87 -4.82
N PHE A 48 7.54 -10.25 -3.59
CA PHE A 48 6.22 -10.72 -3.21
C PHE A 48 6.22 -10.94 -1.70
N GLN A 49 5.37 -10.20 -0.99
CA GLN A 49 5.00 -10.43 0.40
C GLN A 49 3.51 -10.11 0.55
N MET A 50 2.85 -10.65 1.57
CA MET A 50 1.43 -10.45 1.82
C MET A 50 1.26 -10.14 3.31
N PHE A 51 0.25 -9.36 3.68
CA PHE A 51 0.00 -8.99 5.07
C PHE A 51 -1.45 -8.55 5.27
N ASP A 52 -1.99 -8.73 6.48
CA ASP A 52 -3.25 -8.12 6.90
C ASP A 52 -3.00 -6.65 7.24
N TYR A 53 -4.08 -5.88 7.38
CA TYR A 53 -4.04 -4.55 7.95
C TYR A 53 -5.34 -4.29 8.72
N LYS A 54 -5.39 -3.23 9.52
CA LYS A 54 -6.62 -2.61 10.02
C LYS A 54 -6.47 -1.11 9.82
N ILE A 55 -7.57 -0.37 9.72
CA ILE A 55 -7.59 1.09 9.69
C ILE A 55 -8.31 1.52 10.95
N GLU A 56 -7.54 1.89 11.97
CA GLU A 56 -8.14 2.19 13.29
C GLU A 56 -7.67 3.53 13.86
N GLU A 57 -7.22 4.43 12.99
CA GLU A 57 -6.62 5.71 13.33
C GLU A 57 -6.42 6.65 12.14
N GLY A 58 -7.05 6.36 10.99
CA GLY A 58 -6.81 7.13 9.77
C GLY A 58 -5.41 6.87 9.18
N ARG A 59 -4.79 5.77 9.59
CA ARG A 59 -3.49 5.25 9.16
C ARG A 59 -3.67 3.74 9.07
N ILE A 60 -2.66 3.04 8.56
CA ILE A 60 -2.74 1.60 8.35
C ILE A 60 -1.95 0.92 9.47
N TYR A 61 -2.62 0.12 10.30
CA TYR A 61 -2.00 -0.76 11.29
C TYR A 61 -1.61 -2.06 10.59
N ILE A 62 -0.33 -2.43 10.63
CA ILE A 62 0.23 -3.66 10.08
C ILE A 62 0.64 -4.52 11.27
N TYR A 63 0.27 -5.81 11.28
CA TYR A 63 0.41 -6.66 12.46
C TYR A 63 0.39 -8.17 12.18
N ASP A 64 0.37 -8.62 10.92
CA ASP A 64 0.68 -9.98 10.51
C ASP A 64 1.28 -9.83 9.14
N VAL A 65 2.50 -10.32 8.95
CA VAL A 65 3.21 -10.28 7.69
C VAL A 65 3.85 -11.65 7.48
N TYR A 66 3.97 -12.03 6.22
CA TYR A 66 4.67 -13.24 5.81
C TYR A 66 5.35 -12.94 4.45
N PRO A 67 6.32 -13.75 4.02
CA PRO A 67 6.87 -14.90 4.74
C PRO A 67 7.85 -14.50 5.86
N ASP A 68 8.28 -13.24 5.90
CA ASP A 68 9.00 -12.69 7.04
C ASP A 68 7.94 -12.09 7.97
N GLU A 69 8.00 -12.37 9.27
CA GLU A 69 7.21 -11.66 10.27
C GLU A 69 8.04 -10.56 10.91
N LYS A 70 7.47 -9.37 11.08
CA LYS A 70 8.03 -8.28 11.87
C LYS A 70 7.04 -7.83 12.95
N THR A 71 7.58 -7.02 13.85
CA THR A 71 6.86 -6.21 14.83
C THR A 71 5.73 -5.43 14.14
N PRO A 72 4.57 -5.25 14.82
CA PRO A 72 3.51 -4.40 14.33
C PRO A 72 3.92 -2.92 14.42
N TYR A 73 3.25 -2.07 13.64
CA TYR A 73 3.36 -0.61 13.68
C TYR A 73 2.23 -0.03 12.84
N TYR A 74 2.14 1.31 12.80
CA TYR A 74 1.22 2.00 11.91
C TYR A 74 2.03 2.66 10.78
N LEU A 75 1.39 2.91 9.65
CA LEU A 75 1.97 3.49 8.45
C LEU A 75 1.20 4.73 8.06
N ASP A 76 1.96 5.80 7.85
CA ASP A 76 1.48 7.08 7.37
C ASP A 76 1.36 7.04 5.85
N CYS A 77 0.15 7.34 5.38
CA CYS A 77 -0.20 7.58 3.99
C CYS A 77 -1.35 8.57 3.97
N LYS A 78 -1.65 9.09 2.77
CA LYS A 78 -2.82 9.89 2.48
C LYS A 78 -3.43 9.38 1.18
N ILE A 79 -4.73 9.57 0.97
CA ILE A 79 -5.40 9.26 -0.29
C ILE A 79 -6.33 10.43 -0.60
N SER A 80 -6.68 10.61 -1.88
CA SER A 80 -7.79 11.49 -2.25
C SER A 80 -8.49 11.10 -3.55
N GLY A 81 -8.44 9.82 -3.90
CA GLY A 81 -9.23 9.23 -4.97
C GLY A 81 -8.36 8.22 -5.69
N THR A 82 -7.70 8.63 -6.77
CA THR A 82 -6.84 7.72 -7.50
C THR A 82 -5.35 7.99 -7.27
N THR A 83 -4.98 8.97 -6.44
CA THR A 83 -3.61 9.14 -5.95
C THR A 83 -3.48 8.52 -4.56
N LEU A 84 -2.39 7.77 -4.32
CA LEU A 84 -1.92 7.41 -2.98
C LEU A 84 -0.66 8.25 -2.73
N LYS A 85 -0.54 8.81 -1.52
CA LYS A 85 0.68 9.44 -1.04
C LYS A 85 1.13 8.74 0.23
N VAL A 86 1.88 7.64 0.09
CA VAL A 86 2.47 6.94 1.23
C VAL A 86 3.68 7.75 1.72
N GLU A 87 3.72 8.11 3.00
CA GLU A 87 4.82 8.84 3.59
C GLU A 87 5.99 7.89 3.92
N THR A 88 5.76 6.81 4.68
CA THR A 88 6.82 5.96 5.25
C THR A 88 6.61 4.47 4.93
N GLY A 89 7.57 3.64 5.35
CA GLY A 89 7.59 2.21 5.16
C GLY A 89 8.24 1.85 3.84
N SER A 90 8.24 0.56 3.53
CA SER A 90 8.76 0.06 2.26
C SER A 90 8.05 0.69 1.07
N GLU A 91 6.80 1.09 1.24
CA GLU A 91 5.95 1.52 0.15
C GLU A 91 5.85 3.05 0.06
N ALA A 92 6.71 3.80 0.74
CA ALA A 92 6.83 5.25 0.62
C ALA A 92 7.00 5.65 -0.86
N GLY A 93 5.99 6.29 -1.43
CA GLY A 93 6.01 6.76 -2.81
C GLY A 93 4.68 7.35 -3.29
N THR A 94 4.59 7.59 -4.60
CA THR A 94 3.50 8.26 -5.29
C THR A 94 2.81 7.24 -6.19
N TYR A 95 1.52 6.94 -5.96
CA TYR A 95 0.85 5.84 -6.67
C TYR A 95 -0.45 6.27 -7.33
N LYS A 96 -0.96 5.40 -8.20
CA LYS A 96 -2.13 5.51 -9.06
C LYS A 96 -3.02 4.31 -8.76
N LYS A 97 -4.31 4.54 -8.49
CA LYS A 97 -5.26 3.45 -8.26
C LYS A 97 -5.35 2.60 -9.51
N GLN A 98 -5.67 1.34 -9.31
CA GLN A 98 -6.00 0.31 -10.29
C GLN A 98 -7.01 -0.66 -9.71
N LYS A 99 -7.77 -1.29 -10.61
CA LYS A 99 -8.81 -2.29 -10.36
C LYS A 99 -9.74 -1.86 -9.24
N GLY A 1 0.87 21.79 3.92
CA GLY A 1 0.60 20.48 3.38
C GLY A 1 -0.47 20.57 2.32
N GLU A 2 -1.25 19.50 2.20
CA GLU A 2 -2.24 19.27 1.17
C GLU A 2 -3.51 18.75 1.86
N ASP A 3 -4.58 18.59 1.10
CA ASP A 3 -5.94 18.71 1.62
C ASP A 3 -6.63 17.36 1.49
N TRP A 4 -5.95 16.35 2.00
CA TRP A 4 -6.32 14.96 1.83
C TRP A 4 -7.49 14.58 2.74
N THR A 5 -8.28 13.59 2.33
CA THR A 5 -9.35 13.03 3.14
C THR A 5 -8.77 12.18 4.28
N GLU A 6 -9.69 11.76 5.15
CA GLU A 6 -9.50 10.65 6.06
C GLU A 6 -8.99 9.44 5.29
N LEU A 7 -7.97 8.80 5.84
CA LEU A 7 -7.70 7.42 5.53
C LEU A 7 -8.74 6.59 6.28
N ASN A 8 -9.44 5.72 5.56
CA ASN A 8 -10.37 4.75 6.12
C ASN A 8 -10.13 3.44 5.40
N SER A 9 -10.62 2.35 5.99
CA SER A 9 -10.43 0.99 5.51
C SER A 9 -10.88 0.89 4.05
N ASN A 10 -12.07 1.41 3.77
CA ASN A 10 -12.77 1.32 2.49
C ASN A 10 -12.10 2.22 1.45
N ASN A 11 -11.41 3.29 1.85
CA ASN A 11 -10.86 4.25 0.89
C ASN A 11 -9.74 3.62 0.08
N ILE A 12 -8.92 2.78 0.71
CA ILE A 12 -7.69 2.26 0.11
C ILE A 12 -7.94 1.01 -0.76
N ILE A 13 -9.14 0.45 -0.70
CA ILE A 13 -9.51 -0.78 -1.40
C ILE A 13 -9.39 -0.59 -2.91
N GLY A 14 -8.63 -1.46 -3.56
CA GLY A 14 -8.38 -1.42 -4.99
C GLY A 14 -6.98 -1.96 -5.29
N TYR A 15 -6.60 -1.93 -6.57
CA TYR A 15 -5.22 -2.07 -7.02
C TYR A 15 -4.61 -0.67 -7.15
N TRP A 16 -3.29 -0.57 -7.06
CA TRP A 16 -2.46 0.63 -7.19
C TRP A 16 -1.38 0.36 -8.25
N SER A 17 -0.53 1.36 -8.55
CA SER A 17 0.77 1.20 -9.20
C SER A 17 1.55 2.52 -9.07
N THR A 18 2.84 2.50 -9.41
CA THR A 18 3.72 3.67 -9.50
C THR A 18 4.54 3.69 -10.81
N GLY A 19 4.39 2.69 -11.69
CA GLY A 19 5.14 2.62 -12.93
C GLY A 19 5.29 1.18 -13.38
N ILE A 20 6.00 1.02 -14.50
CA ILE A 20 6.05 -0.21 -15.29
C ILE A 20 7.47 -0.47 -15.81
N GLU A 21 8.48 0.20 -15.28
CA GLU A 21 9.84 0.23 -15.82
C GLU A 21 10.87 -0.13 -14.74
N GLY A 22 12.15 -0.15 -15.12
CA GLY A 22 13.30 0.08 -14.25
C GLY A 22 13.25 -0.65 -12.90
N THR A 23 12.74 0.01 -11.87
CA THR A 23 12.19 -0.63 -10.68
C THR A 23 10.87 0.07 -10.35
N HIS A 24 9.80 -0.71 -10.20
CA HIS A 24 8.46 -0.26 -9.84
C HIS A 24 7.89 -1.22 -8.80
N LYS A 25 6.65 -0.97 -8.36
CA LYS A 25 6.00 -1.67 -7.26
C LYS A 25 4.49 -1.59 -7.45
N LEU A 26 3.79 -2.58 -6.89
CA LEU A 26 2.37 -2.84 -7.07
C LEU A 26 1.75 -3.17 -5.71
N LEU A 27 0.73 -2.42 -5.33
CA LEU A 27 -0.04 -2.60 -4.11
C LEU A 27 -1.47 -3.00 -4.47
N SER A 28 -2.04 -3.97 -3.74
CA SER A 28 -3.39 -4.45 -3.98
C SER A 28 -4.06 -4.68 -2.63
N PHE A 29 -5.30 -4.23 -2.45
CA PHE A 29 -6.03 -4.20 -1.18
C PHE A 29 -7.42 -4.77 -1.44
N ASP A 30 -7.70 -5.99 -0.96
CA ASP A 30 -9.05 -6.55 -0.95
C ASP A 30 -9.83 -5.92 0.20
N GLU A 31 -11.14 -5.84 0.06
CA GLU A 31 -12.00 -5.16 1.02
C GLU A 31 -12.23 -5.95 2.30
N ASP A 32 -12.16 -7.27 2.21
CA ASP A 32 -12.64 -8.16 3.27
C ASP A 32 -11.63 -9.29 3.54
N GLY A 33 -10.41 -9.12 3.02
CA GLY A 33 -9.35 -10.11 3.07
C GLY A 33 -8.05 -9.49 3.59
N THR A 34 -7.04 -9.38 2.73
CA THR A 34 -5.73 -8.82 3.04
C THR A 34 -5.29 -7.97 1.84
N GLY A 35 -4.05 -7.46 1.85
CA GLY A 35 -3.47 -6.88 0.65
C GLY A 35 -2.02 -7.31 0.49
N SER A 36 -1.40 -6.90 -0.62
CA SER A 36 -0.15 -7.46 -1.08
C SER A 36 0.81 -6.37 -1.54
N PHE A 37 2.10 -6.72 -1.57
CA PHE A 37 3.18 -5.84 -1.98
C PHE A 37 4.11 -6.61 -2.90
N GLY A 38 4.17 -6.24 -4.18
CA GLY A 38 5.09 -6.84 -5.15
C GLY A 38 5.94 -5.76 -5.80
N ILE A 39 7.25 -5.75 -5.53
CA ILE A 39 8.21 -4.89 -6.23
C ILE A 39 8.62 -5.68 -7.49
N TYR A 40 8.85 -4.99 -8.59
CA TYR A 40 9.32 -5.54 -9.85
C TYR A 40 10.49 -4.67 -10.34
N SER A 41 11.34 -5.21 -11.19
CA SER A 41 12.33 -4.49 -11.96
C SER A 41 12.05 -4.75 -13.43
N ASN A 42 11.92 -3.68 -14.20
CA ASN A 42 11.71 -3.62 -15.64
C ASN A 42 10.50 -4.46 -16.09
N ALA A 43 10.66 -5.78 -16.18
CA ALA A 43 9.60 -6.73 -16.51
C ALA A 43 9.81 -8.08 -15.77
N THR A 44 10.32 -8.04 -14.55
CA THR A 44 10.79 -9.17 -13.74
C THR A 44 10.41 -8.93 -12.26
N PRO A 45 9.81 -9.91 -11.55
CA PRO A 45 9.40 -9.77 -10.16
C PRO A 45 10.60 -9.94 -9.21
N ILE A 46 10.75 -9.05 -8.22
CA ILE A 46 11.93 -9.04 -7.34
C ILE A 46 11.55 -9.12 -5.84
N SER A 47 10.34 -8.77 -5.42
CA SER A 47 9.91 -8.97 -4.03
C SER A 47 8.41 -9.21 -4.01
N PHE A 48 7.95 -9.90 -2.99
CA PHE A 48 6.59 -10.42 -2.89
C PHE A 48 6.31 -10.71 -1.41
N GLN A 49 5.21 -10.21 -0.88
CA GLN A 49 4.72 -10.52 0.46
C GLN A 49 3.24 -10.11 0.52
N MET A 50 2.48 -10.64 1.47
CA MET A 50 1.10 -10.25 1.72
C MET A 50 0.91 -10.06 3.22
N PHE A 51 -0.05 -9.23 3.61
CA PHE A 51 -0.32 -8.90 5.00
C PHE A 51 -1.69 -8.26 5.16
N ASP A 52 -2.28 -8.39 6.36
CA ASP A 52 -3.51 -7.69 6.74
C ASP A 52 -3.17 -6.29 7.25
N TYR A 53 -4.21 -5.48 7.42
CA TYR A 53 -4.14 -4.11 7.90
C TYR A 53 -5.26 -3.83 8.90
N LYS A 54 -5.13 -2.80 9.73
CA LYS A 54 -6.28 -2.12 10.33
C LYS A 54 -6.04 -0.62 10.15
N ILE A 55 -7.12 0.15 10.11
CA ILE A 55 -7.06 1.60 10.14
C ILE A 55 -7.59 2.00 11.51
N GLU A 56 -6.69 2.32 12.45
CA GLU A 56 -7.08 2.53 13.84
C GLU A 56 -6.50 3.82 14.42
N GLU A 57 -6.17 4.77 13.53
CA GLU A 57 -5.42 5.98 13.83
C GLU A 57 -5.32 6.94 12.62
N GLY A 58 -6.14 6.75 11.57
CA GLY A 58 -6.02 7.55 10.35
C GLY A 58 -4.72 7.20 9.59
N ARG A 59 -4.13 6.04 9.93
CA ARG A 59 -2.88 5.47 9.45
C ARG A 59 -3.09 3.96 9.39
N ILE A 60 -2.22 3.25 8.69
CA ILE A 60 -2.36 1.81 8.49
C ILE A 60 -1.52 1.13 9.55
N TYR A 61 -2.14 0.30 10.39
CA TYR A 61 -1.47 -0.62 11.30
C TYR A 61 -1.20 -1.91 10.54
N ILE A 62 0.06 -2.21 10.26
CA ILE A 62 0.49 -3.52 9.78
C ILE A 62 0.72 -4.38 11.03
N TYR A 63 0.34 -5.66 10.99
CA TYR A 63 0.45 -6.52 12.17
C TYR A 63 0.53 -8.02 11.90
N ASP A 64 0.38 -8.45 10.64
CA ASP A 64 0.28 -9.86 10.33
C ASP A 64 0.83 -10.06 8.93
N VAL A 65 2.04 -10.59 8.83
CA VAL A 65 2.82 -10.62 7.59
C VAL A 65 3.31 -12.04 7.33
N TYR A 66 3.30 -12.41 6.05
CA TYR A 66 3.80 -13.67 5.53
C TYR A 66 4.62 -13.33 4.27
N PRO A 67 5.45 -14.25 3.76
CA PRO A 67 5.74 -15.55 4.37
C PRO A 67 6.66 -15.47 5.58
N ASP A 68 7.38 -14.36 5.76
CA ASP A 68 8.24 -14.09 6.89
C ASP A 68 7.48 -13.12 7.80
N GLU A 69 7.42 -13.44 9.08
CA GLU A 69 6.76 -12.60 10.06
C GLU A 69 7.59 -11.35 10.34
N LYS A 70 6.92 -10.22 10.59
CA LYS A 70 7.54 -8.95 10.93
C LYS A 70 6.74 -8.30 12.07
N THR A 71 7.43 -7.61 12.97
CA THR A 71 6.80 -6.85 14.07
C THR A 71 5.72 -5.91 13.52
N PRO A 72 4.64 -5.63 14.26
CA PRO A 72 3.65 -4.63 13.90
C PRO A 72 4.26 -3.22 13.88
N TYR A 73 3.67 -2.33 13.07
CA TYR A 73 4.01 -0.92 13.01
C TYR A 73 2.85 -0.15 12.38
N TYR A 74 2.87 1.18 12.54
CA TYR A 74 1.95 2.06 11.80
C TYR A 74 2.68 2.63 10.58
N LEU A 75 1.92 3.06 9.59
CA LEU A 75 2.35 3.59 8.30
C LEU A 75 1.58 4.85 8.00
N ASP A 76 2.31 5.96 7.91
CA ASP A 76 1.80 7.29 7.60
C ASP A 76 1.46 7.32 6.11
N CYS A 77 0.19 7.54 5.77
CA CYS A 77 -0.21 7.83 4.39
C CYS A 77 -1.39 8.77 4.39
N LYS A 78 -1.61 9.40 3.25
CA LYS A 78 -2.88 10.03 2.90
C LYS A 78 -3.49 9.32 1.71
N ILE A 79 -4.79 9.50 1.51
CA ILE A 79 -5.49 9.05 0.32
C ILE A 79 -6.62 10.06 0.03
N SER A 80 -7.01 10.20 -1.24
CA SER A 80 -8.19 10.97 -1.66
C SER A 80 -9.12 10.17 -2.58
N GLY A 81 -8.74 8.93 -2.91
CA GLY A 81 -9.52 7.98 -3.68
C GLY A 81 -8.61 7.34 -4.72
N THR A 82 -8.26 8.09 -5.77
CA THR A 82 -7.49 7.58 -6.89
C THR A 82 -5.98 7.81 -6.76
N THR A 83 -5.50 8.46 -5.69
CA THR A 83 -4.08 8.65 -5.39
C THR A 83 -3.81 8.11 -3.98
N LEU A 84 -2.72 7.35 -3.80
CA LEU A 84 -2.14 6.99 -2.51
C LEU A 84 -0.91 7.88 -2.35
N LYS A 85 -0.77 8.52 -1.18
CA LYS A 85 0.44 9.26 -0.82
C LYS A 85 1.00 8.64 0.45
N VAL A 86 1.79 7.59 0.30
CA VAL A 86 2.48 6.93 1.41
C VAL A 86 3.70 7.78 1.79
N GLU A 87 3.87 8.11 3.07
CA GLU A 87 4.92 9.00 3.56
C GLU A 87 6.16 8.27 4.09
N THR A 88 6.05 7.00 4.49
CA THR A 88 7.14 6.19 5.06
C THR A 88 6.92 4.71 4.72
N GLY A 89 7.82 3.82 5.13
CA GLY A 89 7.79 2.42 4.77
C GLY A 89 8.31 2.23 3.36
N SER A 90 8.29 0.97 2.93
CA SER A 90 8.76 0.49 1.64
C SER A 90 8.01 1.06 0.44
N GLU A 91 6.88 1.71 0.68
CA GLU A 91 6.04 2.33 -0.34
C GLU A 91 6.10 3.85 -0.34
N ALA A 92 6.99 4.49 0.42
CA ALA A 92 7.07 5.95 0.50
C ALA A 92 7.26 6.55 -0.90
N GLY A 93 6.21 7.16 -1.46
CA GLY A 93 6.13 7.48 -2.89
C GLY A 93 4.76 8.02 -3.29
N THR A 94 4.45 7.94 -4.58
CA THR A 94 3.21 8.43 -5.18
C THR A 94 2.64 7.34 -6.11
N TYR A 95 1.36 7.02 -5.92
CA TYR A 95 0.68 5.91 -6.59
C TYR A 95 -0.66 6.38 -7.08
N LYS A 96 -1.11 5.81 -8.19
CA LYS A 96 -2.45 6.02 -8.69
C LYS A 96 -3.17 4.69 -8.70
N LYS A 97 -4.48 4.76 -8.55
CA LYS A 97 -5.36 3.62 -8.49
C LYS A 97 -5.39 2.96 -9.87
N GLN A 98 -5.61 1.66 -9.93
CA GLN A 98 -5.75 0.88 -11.15
C GLN A 98 -7.04 0.08 -11.04
N LYS A 99 -8.14 0.83 -11.03
CA LYS A 99 -9.51 0.34 -11.12
C LYS A 99 -10.36 1.42 -11.76
N GLY A 1 -0.83 23.41 -1.00
CA GLY A 1 -1.13 22.75 0.27
C GLY A 1 -0.91 21.26 0.13
N GLU A 2 -1.49 20.47 1.01
CA GLU A 2 -1.55 19.01 0.93
C GLU A 2 -2.92 18.59 1.46
N ASP A 3 -3.92 18.94 0.65
CA ASP A 3 -5.33 18.62 0.76
C ASP A 3 -5.53 17.14 0.44
N TRP A 4 -5.72 16.35 1.48
CA TRP A 4 -6.01 14.92 1.43
C TRP A 4 -7.27 14.59 2.25
N THR A 5 -7.96 13.48 1.97
CA THR A 5 -9.02 12.97 2.84
C THR A 5 -8.43 12.14 3.99
N GLU A 6 -9.32 11.73 4.90
CA GLU A 6 -9.09 10.68 5.86
C GLU A 6 -8.62 9.41 5.17
N LEU A 7 -7.93 8.60 5.96
CA LEU A 7 -7.68 7.21 5.67
C LEU A 7 -8.63 6.39 6.54
N ASN A 8 -9.29 5.43 5.92
CA ASN A 8 -10.32 4.55 6.49
C ASN A 8 -10.16 3.16 5.88
N SER A 9 -11.07 2.25 6.21
CA SER A 9 -11.10 0.90 5.67
C SER A 9 -11.70 0.81 4.26
N ASN A 10 -11.95 1.92 3.55
CA ASN A 10 -12.84 1.91 2.39
C ASN A 10 -12.22 2.58 1.17
N ASN A 11 -11.51 3.70 1.37
CA ASN A 11 -10.82 4.44 0.33
C ASN A 11 -9.59 3.67 -0.14
N ILE A 12 -8.91 2.90 0.73
CA ILE A 12 -7.65 2.24 0.36
C ILE A 12 -7.88 1.01 -0.55
N ILE A 13 -9.07 0.41 -0.48
CA ILE A 13 -9.50 -0.81 -1.15
C ILE A 13 -9.31 -0.72 -2.68
N GLY A 14 -8.20 -1.27 -3.18
CA GLY A 14 -7.91 -1.22 -4.60
C GLY A 14 -6.53 -1.76 -4.94
N TYR A 15 -6.22 -1.73 -6.23
CA TYR A 15 -4.92 -2.05 -6.81
C TYR A 15 -4.19 -0.74 -7.11
N TRP A 16 -2.86 -0.75 -7.03
CA TRP A 16 -2.04 0.46 -7.10
C TRP A 16 -0.71 0.14 -7.79
N SER A 17 -0.25 0.98 -8.72
CA SER A 17 1.12 0.92 -9.23
C SER A 17 1.65 2.35 -9.41
N THR A 18 2.94 2.51 -9.68
CA THR A 18 3.60 3.82 -9.82
C THR A 18 4.19 4.01 -11.23
N GLY A 19 4.38 2.93 -11.98
CA GLY A 19 4.96 2.93 -13.31
C GLY A 19 4.98 1.49 -13.81
N ILE A 20 5.68 1.23 -14.91
CA ILE A 20 5.88 -0.12 -15.45
C ILE A 20 7.31 -0.34 -15.97
N GLU A 21 8.17 0.67 -15.99
CA GLU A 21 9.55 0.53 -16.46
C GLU A 21 10.49 0.22 -15.28
N GLY A 22 11.75 -0.05 -15.62
CA GLY A 22 12.92 0.11 -14.77
C GLY A 22 12.80 -0.58 -13.42
N THR A 23 12.36 0.16 -12.40
CA THR A 23 11.87 -0.39 -11.15
C THR A 23 10.58 0.34 -10.78
N HIS A 24 9.54 -0.40 -10.41
CA HIS A 24 8.27 0.09 -9.91
C HIS A 24 7.80 -0.88 -8.83
N LYS A 25 6.64 -0.61 -8.21
CA LYS A 25 6.14 -1.31 -7.05
C LYS A 25 4.62 -1.44 -7.19
N LEU A 26 4.08 -2.63 -6.95
CA LEU A 26 2.64 -2.92 -6.84
C LEU A 26 2.23 -2.76 -5.38
N LEU A 27 0.96 -2.48 -5.13
CA LEU A 27 0.28 -2.59 -3.85
C LEU A 27 -1.16 -3.00 -4.18
N SER A 28 -1.77 -3.87 -3.39
CA SER A 28 -3.17 -4.25 -3.51
C SER A 28 -3.76 -4.32 -2.10
N PHE A 29 -5.05 -4.01 -1.93
CA PHE A 29 -5.78 -3.99 -0.67
C PHE A 29 -7.18 -4.50 -0.93
N ASP A 30 -7.61 -5.58 -0.26
CA ASP A 30 -8.99 -6.01 -0.23
C ASP A 30 -9.65 -5.50 1.03
N GLU A 31 -10.98 -5.42 0.99
CA GLU A 31 -11.78 -4.95 2.11
C GLU A 31 -11.96 -6.03 3.16
N ASP A 32 -12.03 -7.29 2.76
CA ASP A 32 -12.54 -8.37 3.60
C ASP A 32 -11.49 -9.44 3.85
N GLY A 33 -10.26 -9.19 3.38
CA GLY A 33 -9.14 -10.12 3.41
C GLY A 33 -7.86 -9.38 3.77
N THR A 34 -6.95 -9.27 2.82
CA THR A 34 -5.54 -8.93 2.99
C THR A 34 -5.14 -7.94 1.90
N GLY A 35 -3.89 -7.49 1.93
CA GLY A 35 -3.29 -6.81 0.79
C GLY A 35 -1.91 -7.36 0.52
N SER A 36 -1.23 -6.73 -0.42
CA SER A 36 0.01 -7.27 -0.96
C SER A 36 0.89 -6.12 -1.37
N PHE A 37 2.17 -6.43 -1.49
CA PHE A 37 3.25 -5.56 -1.90
C PHE A 37 4.15 -6.42 -2.78
N GLY A 38 4.62 -5.87 -3.90
CA GLY A 38 5.71 -6.51 -4.63
C GLY A 38 6.49 -5.47 -5.41
N ILE A 39 7.80 -5.68 -5.56
CA ILE A 39 8.68 -4.82 -6.35
C ILE A 39 8.81 -5.50 -7.72
N TYR A 40 8.82 -4.71 -8.80
CA TYR A 40 8.92 -5.23 -10.15
C TYR A 40 9.95 -4.42 -10.94
N SER A 41 10.82 -5.15 -11.63
CA SER A 41 11.76 -4.67 -12.61
C SER A 41 11.01 -4.46 -13.93
N ASN A 42 11.77 -4.16 -15.00
CA ASN A 42 11.29 -3.77 -16.32
C ASN A 42 10.14 -4.63 -16.83
N ALA A 43 10.20 -5.95 -16.64
CA ALA A 43 9.03 -6.83 -16.73
C ALA A 43 9.33 -8.13 -15.99
N THR A 44 9.83 -8.03 -14.76
CA THR A 44 10.28 -9.20 -13.99
C THR A 44 10.01 -8.95 -12.50
N PRO A 45 9.49 -9.93 -11.75
CA PRO A 45 9.25 -9.83 -10.30
C PRO A 45 10.51 -10.01 -9.47
N ILE A 46 10.65 -9.25 -8.37
CA ILE A 46 11.81 -9.32 -7.48
C ILE A 46 11.44 -9.31 -5.98
N SER A 47 10.20 -9.05 -5.61
CA SER A 47 9.73 -9.16 -4.23
C SER A 47 8.22 -9.30 -4.25
N PHE A 48 7.70 -10.07 -3.32
CA PHE A 48 6.29 -10.42 -3.22
C PHE A 48 6.03 -10.85 -1.78
N GLN A 49 5.02 -10.28 -1.15
CA GLN A 49 4.55 -10.62 0.18
C GLN A 49 3.06 -10.26 0.29
N MET A 50 2.39 -10.74 1.34
CA MET A 50 1.08 -10.24 1.74
C MET A 50 1.04 -10.03 3.24
N PHE A 51 0.11 -9.19 3.67
CA PHE A 51 -0.10 -8.86 5.05
C PHE A 51 -1.55 -8.41 5.24
N ASP A 52 -2.03 -8.46 6.48
CA ASP A 52 -3.29 -7.85 6.89
C ASP A 52 -2.99 -6.41 7.32
N TYR A 53 -4.03 -5.60 7.40
CA TYR A 53 -3.95 -4.28 8.00
C TYR A 53 -5.15 -4.04 8.90
N LYS A 54 -5.07 -3.00 9.74
CA LYS A 54 -6.24 -2.36 10.33
C LYS A 54 -6.13 -0.86 10.15
N ILE A 55 -7.26 -0.17 10.22
CA ILE A 55 -7.34 1.28 10.26
C ILE A 55 -7.99 1.59 11.61
N GLU A 56 -7.19 1.76 12.66
CA GLU A 56 -7.66 2.05 14.02
C GLU A 56 -7.12 3.39 14.53
N GLU A 57 -6.76 4.30 13.62
CA GLU A 57 -6.11 5.57 13.89
C GLU A 57 -5.97 6.46 12.65
N GLY A 58 -6.78 6.25 11.62
CA GLY A 58 -6.68 7.05 10.39
C GLY A 58 -5.36 6.80 9.64
N ARG A 59 -4.73 5.64 9.90
CA ARG A 59 -3.41 5.23 9.44
C ARG A 59 -3.45 3.72 9.27
N ILE A 60 -2.49 3.17 8.54
CA ILE A 60 -2.45 1.73 8.29
C ILE A 60 -1.67 1.10 9.44
N TYR A 61 -2.20 0.05 10.06
CA TYR A 61 -1.55 -0.74 11.09
C TYR A 61 -1.19 -2.11 10.50
N ILE A 62 0.10 -2.34 10.25
CA ILE A 62 0.64 -3.64 9.87
C ILE A 62 0.75 -4.46 11.14
N TYR A 63 0.41 -5.75 11.10
CA TYR A 63 0.54 -6.62 12.27
C TYR A 63 0.63 -8.12 12.01
N ASP A 64 0.46 -8.56 10.77
CA ASP A 64 0.40 -9.97 10.42
C ASP A 64 0.95 -10.02 9.00
N VAL A 65 2.14 -10.58 8.83
CA VAL A 65 2.88 -10.58 7.57
C VAL A 65 3.29 -12.01 7.27
N TYR A 66 3.23 -12.37 5.98
CA TYR A 66 3.73 -13.62 5.45
C TYR A 66 4.52 -13.30 4.16
N PRO A 67 5.33 -14.23 3.65
CA PRO A 67 5.74 -15.47 4.31
C PRO A 67 6.79 -15.23 5.41
N ASP A 68 7.31 -14.01 5.51
CA ASP A 68 8.20 -13.59 6.58
C ASP A 68 7.50 -12.60 7.50
N GLU A 69 7.20 -13.05 8.70
CA GLU A 69 6.59 -12.24 9.75
C GLU A 69 7.54 -11.13 10.19
N LYS A 70 7.04 -9.90 10.19
CA LYS A 70 7.73 -8.71 10.65
C LYS A 70 7.12 -8.24 11.97
N THR A 71 7.66 -7.18 12.56
CA THR A 71 7.07 -6.57 13.76
C THR A 71 5.83 -5.75 13.34
N PRO A 72 4.80 -5.63 14.20
CA PRO A 72 3.69 -4.72 13.95
C PRO A 72 4.15 -3.26 14.00
N TYR A 73 3.51 -2.38 13.24
CA TYR A 73 3.74 -0.93 13.29
C TYR A 73 2.65 -0.20 12.51
N TYR A 74 2.58 1.11 12.69
CA TYR A 74 1.69 1.97 11.91
C TYR A 74 2.48 2.63 10.77
N LEU A 75 1.77 3.04 9.72
CA LEU A 75 2.27 3.75 8.55
C LEU A 75 1.33 4.91 8.27
N ASP A 76 1.91 6.09 8.13
CA ASP A 76 1.23 7.31 7.73
C ASP A 76 1.18 7.29 6.21
N CYS A 77 -0.01 7.52 5.66
CA CYS A 77 -0.33 7.49 4.25
C CYS A 77 -1.58 8.31 4.04
N LYS A 78 -1.71 8.91 2.86
CA LYS A 78 -2.75 9.88 2.56
C LYS A 78 -3.42 9.43 1.29
N ILE A 79 -4.72 9.65 1.16
CA ILE A 79 -5.45 9.23 -0.01
C ILE A 79 -6.50 10.29 -0.29
N SER A 80 -6.89 10.42 -1.55
CA SER A 80 -7.91 11.38 -1.99
C SER A 80 -8.93 10.61 -2.82
N GLY A 81 -8.50 10.05 -3.93
CA GLY A 81 -9.23 9.06 -4.70
C GLY A 81 -8.19 8.16 -5.33
N THR A 82 -7.92 8.34 -6.62
CA THR A 82 -7.06 7.44 -7.38
C THR A 82 -5.55 7.67 -7.15
N THR A 83 -5.11 8.47 -6.17
CA THR A 83 -3.71 8.61 -5.77
C THR A 83 -3.54 8.17 -4.32
N LEU A 84 -2.61 7.25 -4.06
CA LEU A 84 -2.08 6.92 -2.74
C LEU A 84 -0.79 7.71 -2.54
N LYS A 85 -0.68 8.48 -1.47
CA LYS A 85 0.56 9.12 -1.05
C LYS A 85 1.02 8.49 0.26
N VAL A 86 1.79 7.40 0.18
CA VAL A 86 2.37 6.81 1.37
C VAL A 86 3.47 7.75 1.87
N GLU A 87 3.52 8.02 3.17
CA GLU A 87 4.47 8.96 3.77
C GLU A 87 5.69 8.21 4.33
N THR A 88 5.48 7.04 4.93
CA THR A 88 6.50 6.21 5.60
C THR A 88 6.30 4.72 5.24
N GLY A 89 7.32 3.88 5.43
CA GLY A 89 7.29 2.45 5.19
C GLY A 89 8.20 2.02 4.04
N SER A 90 8.24 0.71 3.78
CA SER A 90 8.81 0.16 2.55
C SER A 90 8.13 0.75 1.30
N GLU A 91 6.89 1.21 1.45
CA GLU A 91 5.99 1.59 0.39
C GLU A 91 5.95 3.12 0.20
N ALA A 92 6.79 3.88 0.92
CA ALA A 92 6.81 5.32 0.93
C ALA A 92 7.04 5.90 -0.47
N GLY A 93 5.98 6.40 -1.12
CA GLY A 93 5.99 6.78 -2.53
C GLY A 93 4.65 7.31 -3.00
N THR A 94 4.45 7.38 -4.32
CA THR A 94 3.25 7.93 -4.95
C THR A 94 2.73 6.95 -6.00
N TYR A 95 1.49 6.49 -5.81
CA TYR A 95 0.90 5.41 -6.60
C TYR A 95 -0.44 5.88 -7.16
N LYS A 96 -0.82 5.30 -8.29
CA LYS A 96 -2.07 5.53 -8.94
C LYS A 96 -2.91 4.27 -8.83
N LYS A 97 -4.20 4.43 -8.60
CA LYS A 97 -5.17 3.35 -8.54
C LYS A 97 -5.28 2.75 -9.92
N GLN A 98 -5.09 1.44 -10.02
CA GLN A 98 -5.17 0.68 -11.27
C GLN A 98 -6.53 -0.02 -11.31
N LYS A 99 -7.58 0.77 -11.17
CA LYS A 99 -8.98 0.45 -11.42
C LYS A 99 -9.72 1.78 -11.54
N GLY A 1 -1.13 23.97 -0.15
CA GLY A 1 -2.02 23.39 0.87
C GLY A 1 -2.36 21.97 0.45
N GLU A 2 -2.18 20.99 1.32
CA GLU A 2 -2.50 19.59 1.05
C GLU A 2 -3.71 19.21 1.91
N ASP A 3 -4.86 19.09 1.26
CA ASP A 3 -6.09 18.55 1.82
C ASP A 3 -6.17 17.12 1.32
N TRP A 4 -6.36 16.23 2.28
CA TRP A 4 -6.60 14.81 2.07
C TRP A 4 -7.88 14.40 2.80
N THR A 5 -8.57 13.38 2.27
CA THR A 5 -9.70 12.77 2.98
C THR A 5 -9.20 11.94 4.15
N GLU A 6 -10.15 11.47 4.96
CA GLU A 6 -9.96 10.33 5.83
C GLU A 6 -9.41 9.17 5.01
N LEU A 7 -8.36 8.56 5.51
CA LEU A 7 -8.08 7.19 5.26
C LEU A 7 -9.18 6.37 5.86
N ASN A 8 -9.83 5.53 5.06
CA ASN A 8 -10.57 4.44 5.64
C ASN A 8 -10.37 3.14 4.87
N SER A 9 -10.86 2.03 5.41
CA SER A 9 -10.94 0.70 4.81
C SER A 9 -11.95 0.63 3.66
N ASN A 10 -12.07 1.70 2.87
CA ASN A 10 -13.10 1.89 1.86
C ASN A 10 -12.46 2.49 0.60
N ASN A 11 -11.82 3.65 0.74
CA ASN A 11 -11.15 4.31 -0.36
C ASN A 11 -9.80 3.65 -0.70
N ILE A 12 -9.19 2.91 0.23
CA ILE A 12 -7.93 2.20 0.01
C ILE A 12 -8.07 0.94 -0.84
N ILE A 13 -9.29 0.41 -0.96
CA ILE A 13 -9.56 -0.87 -1.58
C ILE A 13 -9.20 -0.76 -3.07
N GLY A 14 -8.25 -1.56 -3.55
CA GLY A 14 -7.83 -1.58 -4.96
C GLY A 14 -6.40 -2.07 -5.12
N TYR A 15 -5.97 -2.26 -6.36
CA TYR A 15 -4.55 -2.37 -6.70
C TYR A 15 -3.98 -0.94 -6.78
N TRP A 16 -2.67 -0.79 -6.59
CA TRP A 16 -2.02 0.53 -6.64
C TRP A 16 -0.66 0.40 -7.34
N SER A 17 -0.33 1.31 -8.24
CA SER A 17 0.79 1.22 -9.19
C SER A 17 1.50 2.58 -9.28
N THR A 18 2.81 2.56 -9.57
CA THR A 18 3.48 3.75 -10.06
C THR A 18 3.37 3.73 -11.58
N GLY A 19 4.21 2.90 -12.21
CA GLY A 19 4.35 2.73 -13.62
C GLY A 19 4.71 1.29 -13.94
N ILE A 20 5.11 1.06 -15.18
CA ILE A 20 5.35 -0.26 -15.77
C ILE A 20 6.81 -0.42 -16.21
N GLU A 21 7.69 0.41 -15.66
CA GLU A 21 9.07 0.62 -16.09
C GLU A 21 9.96 0.68 -14.85
N GLY A 22 11.24 0.39 -15.02
CA GLY A 22 12.20 0.53 -13.94
C GLY A 22 11.92 -0.37 -12.74
N THR A 23 12.67 -0.17 -11.66
CA THR A 23 12.43 -0.90 -10.42
C THR A 23 11.25 -0.21 -9.72
N HIS A 24 10.03 -0.65 -10.00
CA HIS A 24 8.79 -0.10 -9.48
C HIS A 24 8.14 -1.09 -8.51
N LYS A 25 6.98 -0.70 -7.97
CA LYS A 25 6.29 -1.36 -6.87
C LYS A 25 4.80 -1.37 -7.11
N LEU A 26 4.12 -2.31 -6.45
CA LEU A 26 2.71 -2.61 -6.61
C LEU A 26 2.14 -2.95 -5.23
N LEU A 27 0.92 -2.52 -4.91
CA LEU A 27 0.17 -2.97 -3.72
C LEU A 27 -1.18 -3.53 -4.16
N SER A 28 -1.87 -4.17 -3.22
CA SER A 28 -3.30 -4.39 -3.22
C SER A 28 -3.77 -4.20 -1.79
N PHE A 29 -5.07 -3.96 -1.65
CA PHE A 29 -5.81 -3.98 -0.40
C PHE A 29 -7.21 -4.45 -0.75
N ASP A 30 -7.67 -5.55 -0.14
CA ASP A 30 -9.04 -6.02 -0.25
C ASP A 30 -9.83 -5.50 0.94
N GLU A 31 -11.15 -5.42 0.76
CA GLU A 31 -12.05 -4.99 1.83
C GLU A 31 -12.38 -6.12 2.79
N ASP A 32 -12.27 -7.38 2.35
CA ASP A 32 -12.56 -8.54 3.17
C ASP A 32 -11.48 -9.61 3.08
N GLY A 33 -10.34 -9.29 2.48
CA GLY A 33 -9.17 -10.15 2.43
C GLY A 33 -8.06 -9.54 3.26
N THR A 34 -6.93 -9.26 2.61
CA THR A 34 -5.71 -8.69 3.15
C THR A 34 -5.18 -7.71 2.10
N GLY A 35 -3.95 -7.20 2.25
CA GLY A 35 -3.26 -6.48 1.19
C GLY A 35 -2.06 -7.27 0.70
N SER A 36 -1.38 -6.70 -0.29
CA SER A 36 -0.22 -7.28 -0.96
C SER A 36 0.84 -6.21 -1.13
N PHE A 37 2.07 -6.61 -1.45
CA PHE A 37 3.18 -5.75 -1.84
C PHE A 37 4.14 -6.52 -2.74
N GLY A 38 4.17 -6.17 -4.03
CA GLY A 38 5.12 -6.69 -5.00
C GLY A 38 6.19 -5.64 -5.31
N ILE A 39 7.42 -6.10 -5.59
CA ILE A 39 8.49 -5.27 -6.12
C ILE A 39 8.87 -5.90 -7.46
N TYR A 40 9.13 -5.04 -8.46
CA TYR A 40 9.50 -5.44 -9.79
C TYR A 40 10.85 -4.82 -10.14
N SER A 41 11.46 -5.31 -11.21
CA SER A 41 12.50 -4.67 -11.98
C SER A 41 12.10 -4.76 -13.44
N ASN A 42 11.81 -3.61 -14.04
CA ASN A 42 11.46 -3.33 -15.42
C ASN A 42 10.26 -4.12 -15.92
N ALA A 43 10.42 -5.42 -16.18
CA ALA A 43 9.37 -6.32 -16.61
C ALA A 43 9.58 -7.70 -15.97
N THR A 44 9.90 -7.73 -14.67
CA THR A 44 10.18 -8.96 -13.93
C THR A 44 9.76 -8.72 -12.48
N PRO A 45 8.87 -9.52 -11.87
CA PRO A 45 8.65 -9.50 -10.43
C PRO A 45 9.88 -10.08 -9.73
N ILE A 46 10.31 -9.45 -8.63
CA ILE A 46 11.52 -9.82 -7.89
C ILE A 46 11.19 -10.03 -6.40
N SER A 47 10.13 -9.42 -5.86
CA SER A 47 9.62 -9.74 -4.54
C SER A 47 8.10 -9.70 -4.58
N PHE A 48 7.53 -10.41 -3.61
CA PHE A 48 6.13 -10.59 -3.31
C PHE A 48 6.07 -10.83 -1.80
N GLN A 49 5.13 -10.19 -1.12
CA GLN A 49 4.73 -10.51 0.25
C GLN A 49 3.27 -10.06 0.35
N MET A 50 2.55 -10.54 1.37
CA MET A 50 1.25 -10.02 1.73
C MET A 50 1.25 -9.74 3.22
N PHE A 51 0.22 -9.03 3.68
CA PHE A 51 -0.01 -8.74 5.08
C PHE A 51 -1.47 -8.35 5.29
N ASP A 52 -2.02 -8.66 6.46
CA ASP A 52 -3.27 -8.06 6.93
C ASP A 52 -3.01 -6.58 7.19
N TYR A 53 -4.09 -5.79 7.29
CA TYR A 53 -4.00 -4.39 7.71
C TYR A 53 -5.28 -3.98 8.41
N LYS A 54 -5.24 -2.88 9.17
CA LYS A 54 -6.43 -2.10 9.50
C LYS A 54 -6.14 -0.65 9.17
N ILE A 55 -7.20 0.15 9.00
CA ILE A 55 -7.14 1.60 9.05
C ILE A 55 -7.76 1.94 10.39
N GLU A 56 -6.93 2.27 11.38
CA GLU A 56 -7.37 2.51 12.75
C GLU A 56 -6.63 3.72 13.32
N GLU A 57 -6.22 4.63 12.44
CA GLU A 57 -5.55 5.87 12.81
C GLU A 57 -5.49 6.90 11.68
N GLY A 58 -6.28 6.76 10.62
CA GLY A 58 -6.05 7.59 9.42
C GLY A 58 -4.66 7.29 8.84
N ARG A 59 -4.18 6.10 9.15
CA ARG A 59 -2.88 5.50 8.94
C ARG A 59 -3.19 4.01 8.80
N ILE A 60 -2.24 3.27 8.26
CA ILE A 60 -2.37 1.81 8.23
C ILE A 60 -1.85 1.29 9.57
N TYR A 61 -2.31 0.11 9.99
CA TYR A 61 -1.77 -0.73 11.04
C TYR A 61 -1.50 -2.08 10.42
N ILE A 62 -0.27 -2.59 10.52
CA ILE A 62 0.19 -3.87 10.01
C ILE A 62 0.55 -4.72 11.22
N TYR A 63 0.17 -6.00 11.23
CA TYR A 63 0.30 -6.88 12.40
C TYR A 63 0.26 -8.38 12.08
N ASP A 64 0.25 -8.74 10.79
CA ASP A 64 0.46 -10.09 10.31
C ASP A 64 1.06 -9.91 8.94
N VAL A 65 2.24 -10.49 8.69
CA VAL A 65 2.98 -10.39 7.44
C VAL A 65 3.41 -11.80 7.06
N TYR A 66 3.44 -12.13 5.78
CA TYR A 66 3.91 -13.41 5.28
C TYR A 66 4.81 -13.16 4.07
N PRO A 67 5.66 -14.11 3.69
CA PRO A 67 5.92 -15.39 4.35
C PRO A 67 6.89 -15.29 5.53
N ASP A 68 7.51 -14.14 5.72
CA ASP A 68 8.40 -13.83 6.83
C ASP A 68 7.73 -12.70 7.60
N GLU A 69 7.45 -12.96 8.88
CA GLU A 69 6.73 -12.07 9.75
C GLU A 69 7.66 -10.93 10.18
N LYS A 70 7.25 -9.68 9.94
CA LYS A 70 7.92 -8.53 10.50
C LYS A 70 7.16 -8.08 11.75
N THR A 71 7.78 -7.22 12.55
CA THR A 71 7.16 -6.55 13.69
C THR A 71 5.87 -5.83 13.22
N PRO A 72 4.83 -5.68 14.06
CA PRO A 72 3.70 -4.81 13.76
C PRO A 72 4.13 -3.35 13.76
N TYR A 73 3.59 -2.52 12.87
CA TYR A 73 3.83 -1.08 12.87
C TYR A 73 2.62 -0.36 12.28
N TYR A 74 2.56 0.96 12.48
CA TYR A 74 1.63 1.83 11.77
C TYR A 74 2.40 2.52 10.62
N LEU A 75 1.67 3.01 9.61
CA LEU A 75 2.23 3.71 8.46
C LEU A 75 1.46 4.99 8.22
N ASP A 76 2.15 6.12 8.32
CA ASP A 76 1.67 7.42 7.87
C ASP A 76 1.39 7.31 6.38
N CYS A 77 0.12 7.39 5.98
CA CYS A 77 -0.24 7.58 4.58
C CYS A 77 -1.45 8.51 4.56
N LYS A 78 -1.80 9.00 3.37
CA LYS A 78 -3.09 9.61 3.08
C LYS A 78 -3.65 9.10 1.77
N ILE A 79 -4.91 9.45 1.50
CA ILE A 79 -5.64 8.98 0.34
C ILE A 79 -6.73 10.01 -0.02
N SER A 80 -7.04 10.13 -1.31
CA SER A 80 -7.96 11.07 -1.96
C SER A 80 -8.54 10.47 -3.24
N GLY A 81 -9.03 9.25 -3.12
CA GLY A 81 -9.68 8.46 -4.16
C GLY A 81 -8.68 7.66 -4.99
N THR A 82 -7.83 8.35 -5.76
CA THR A 82 -6.99 7.73 -6.80
C THR A 82 -5.49 8.01 -6.66
N THR A 83 -5.06 8.72 -5.61
CA THR A 83 -3.66 8.96 -5.25
C THR A 83 -3.42 8.34 -3.87
N LEU A 84 -2.82 7.17 -3.77
CA LEU A 84 -2.32 6.68 -2.48
C LEU A 84 -1.01 7.42 -2.21
N LYS A 85 -0.89 8.09 -1.06
CA LYS A 85 0.31 8.79 -0.64
C LYS A 85 0.82 8.17 0.65
N VAL A 86 1.71 7.20 0.59
CA VAL A 86 2.42 6.73 1.79
C VAL A 86 3.55 7.70 2.06
N GLU A 87 3.74 8.04 3.34
CA GLU A 87 4.77 8.95 3.80
C GLU A 87 6.01 8.26 4.40
N THR A 88 5.93 6.97 4.73
CA THR A 88 7.05 6.24 5.34
C THR A 88 7.03 4.75 5.00
N GLY A 89 8.15 4.08 5.23
CA GLY A 89 8.35 2.69 4.92
C GLY A 89 8.71 2.52 3.45
N SER A 90 8.82 1.26 3.06
CA SER A 90 9.08 0.82 1.71
C SER A 90 8.17 1.46 0.68
N GLU A 91 6.96 1.87 1.06
CA GLU A 91 6.00 2.36 0.09
C GLU A 91 5.97 3.88 -0.05
N ALA A 92 6.85 4.59 0.67
CA ALA A 92 6.86 6.04 0.75
C ALA A 92 6.96 6.68 -0.65
N GLY A 93 5.86 7.22 -1.16
CA GLY A 93 5.76 7.75 -2.51
C GLY A 93 4.35 8.18 -2.87
N THR A 94 3.94 7.87 -4.10
CA THR A 94 2.65 8.20 -4.67
C THR A 94 2.28 7.11 -5.68
N TYR A 95 1.05 6.60 -5.61
CA TYR A 95 0.58 5.50 -6.45
C TYR A 95 -0.79 5.83 -6.99
N LYS A 96 -0.98 5.60 -8.29
CA LYS A 96 -2.30 5.62 -8.89
C LYS A 96 -3.02 4.34 -8.52
N LYS A 97 -4.35 4.37 -8.48
CA LYS A 97 -5.16 3.16 -8.37
C LYS A 97 -5.03 2.38 -9.68
N GLN A 98 -5.24 1.07 -9.63
CA GLN A 98 -5.51 0.19 -10.75
C GLN A 98 -6.60 -0.81 -10.30
N LYS A 99 -7.18 -1.49 -11.29
CA LYS A 99 -8.27 -2.47 -11.12
C LYS A 99 -9.43 -1.86 -10.36
N GLY A 1 -1.78 23.69 -1.65
CA GLY A 1 -2.34 23.21 -0.38
C GLY A 1 -2.75 21.77 -0.59
N GLU A 2 -2.04 20.82 0.02
CA GLU A 2 -2.24 19.41 -0.26
C GLU A 2 -3.21 18.89 0.78
N ASP A 3 -4.49 19.06 0.47
CA ASP A 3 -5.61 18.78 1.33
C ASP A 3 -6.13 17.44 0.89
N TRP A 4 -6.17 16.53 1.85
CA TRP A 4 -6.52 15.14 1.70
C TRP A 4 -7.81 14.81 2.47
N THR A 5 -8.53 13.77 2.05
CA THR A 5 -9.58 13.16 2.87
C THR A 5 -8.94 12.39 4.02
N GLU A 6 -9.79 11.86 4.90
CA GLU A 6 -9.43 10.72 5.72
C GLU A 6 -9.03 9.55 4.83
N LEU A 7 -8.15 8.72 5.38
CA LEU A 7 -7.96 7.35 5.02
C LEU A 7 -8.97 6.53 5.81
N ASN A 8 -9.73 5.66 5.13
CA ASN A 8 -10.67 4.73 5.75
C ASN A 8 -10.48 3.38 5.08
N SER A 9 -11.02 2.32 5.66
CA SER A 9 -10.89 0.95 5.19
C SER A 9 -11.60 0.71 3.85
N ASN A 10 -12.29 1.71 3.29
CA ASN A 10 -12.93 1.61 1.98
C ASN A 10 -12.15 2.47 0.98
N ASN A 11 -11.64 3.63 1.41
CA ASN A 11 -10.93 4.58 0.56
C ASN A 11 -9.65 3.99 -0.06
N ILE A 12 -9.05 2.96 0.56
CA ILE A 12 -7.76 2.38 0.15
C ILE A 12 -7.91 1.22 -0.86
N ILE A 13 -9.12 0.69 -0.99
CA ILE A 13 -9.39 -0.60 -1.62
C ILE A 13 -9.15 -0.54 -3.13
N GLY A 14 -8.40 -1.51 -3.64
CA GLY A 14 -8.10 -1.71 -5.04
C GLY A 14 -6.61 -2.02 -5.24
N TYR A 15 -6.17 -2.12 -6.49
CA TYR A 15 -4.76 -2.14 -6.82
C TYR A 15 -4.24 -0.69 -6.87
N TRP A 16 -2.93 -0.51 -6.95
CA TRP A 16 -2.29 0.79 -7.14
C TRP A 16 -1.24 0.63 -8.27
N SER A 17 -0.43 1.64 -8.59
CA SER A 17 0.81 1.51 -9.38
C SER A 17 1.60 2.82 -9.32
N THR A 18 2.87 2.80 -9.74
CA THR A 18 3.78 3.94 -9.72
C THR A 18 4.60 4.08 -11.01
N GLY A 19 4.74 3.04 -11.82
CA GLY A 19 5.54 3.05 -13.04
C GLY A 19 5.58 1.66 -13.63
N ILE A 20 6.11 1.53 -14.84
CA ILE A 20 6.04 0.34 -15.66
C ILE A 20 7.42 0.02 -16.29
N GLU A 21 8.48 0.57 -15.70
CA GLU A 21 9.86 0.51 -16.14
C GLU A 21 10.77 0.43 -14.91
N GLY A 22 12.08 0.36 -15.13
CA GLY A 22 13.08 0.49 -14.10
C GLY A 22 12.85 -0.49 -12.95
N THR A 23 12.60 0.02 -11.74
CA THR A 23 12.31 -0.80 -10.57
C THR A 23 11.08 -0.20 -9.89
N HIS A 24 9.90 -0.77 -10.14
CA HIS A 24 8.62 -0.27 -9.64
C HIS A 24 8.01 -1.27 -8.65
N LYS A 25 6.93 -0.86 -7.98
CA LYS A 25 6.40 -1.53 -6.81
C LYS A 25 4.87 -1.53 -6.93
N LEU A 26 4.25 -2.67 -6.62
CA LEU A 26 2.83 -2.92 -6.84
C LEU A 26 2.19 -3.39 -5.52
N LEU A 27 1.56 -2.48 -4.78
CA LEU A 27 0.64 -2.77 -3.68
C LEU A 27 -0.74 -3.15 -4.22
N SER A 28 -1.47 -3.93 -3.44
CA SER A 28 -2.91 -4.12 -3.57
C SER A 28 -3.54 -4.20 -2.18
N PHE A 29 -4.85 -3.93 -2.10
CA PHE A 29 -5.64 -4.03 -0.87
C PHE A 29 -7.01 -4.60 -1.22
N ASP A 30 -7.39 -5.69 -0.56
CA ASP A 30 -8.72 -6.27 -0.61
C ASP A 30 -9.54 -5.64 0.51
N GLU A 31 -10.86 -5.72 0.38
CA GLU A 31 -11.79 -5.16 1.33
C GLU A 31 -12.05 -6.09 2.51
N ASP A 32 -12.01 -7.39 2.25
CA ASP A 32 -12.39 -8.43 3.21
C ASP A 32 -11.41 -9.59 3.12
N GLY A 33 -10.16 -9.27 2.76
CA GLY A 33 -9.05 -10.21 2.65
C GLY A 33 -7.87 -9.70 3.45
N THR A 34 -6.80 -9.30 2.78
CA THR A 34 -5.55 -8.78 3.32
C THR A 34 -5.03 -7.70 2.34
N GLY A 35 -3.80 -7.22 2.52
CA GLY A 35 -3.08 -6.41 1.54
C GLY A 35 -1.91 -7.22 0.97
N SER A 36 -1.28 -6.75 -0.11
CA SER A 36 -0.11 -7.38 -0.71
C SER A 36 0.85 -6.32 -1.26
N PHE A 37 2.13 -6.65 -1.37
CA PHE A 37 3.18 -5.79 -1.91
C PHE A 37 4.10 -6.66 -2.77
N GLY A 38 4.24 -6.33 -4.06
CA GLY A 38 5.25 -6.92 -4.94
C GLY A 38 6.25 -5.84 -5.37
N ILE A 39 7.46 -6.24 -5.75
CA ILE A 39 8.45 -5.38 -6.40
C ILE A 39 8.77 -6.04 -7.73
N TYR A 40 9.06 -5.22 -8.75
CA TYR A 40 9.34 -5.65 -10.11
C TYR A 40 10.56 -4.90 -10.60
N SER A 41 11.39 -5.56 -11.41
CA SER A 41 12.30 -4.89 -12.32
C SER A 41 11.65 -4.97 -13.69
N ASN A 42 11.47 -3.83 -14.35
CA ASN A 42 11.25 -3.72 -15.79
C ASN A 42 9.97 -4.39 -16.26
N ALA A 43 9.97 -5.69 -16.50
CA ALA A 43 8.77 -6.52 -16.61
C ALA A 43 9.12 -7.95 -16.16
N THR A 44 9.57 -8.07 -14.91
CA THR A 44 9.78 -9.31 -14.18
C THR A 44 9.41 -9.01 -12.72
N PRO A 45 8.58 -9.83 -12.05
CA PRO A 45 8.39 -9.76 -10.60
C PRO A 45 9.68 -10.20 -9.89
N ILE A 46 10.05 -9.54 -8.79
CA ILE A 46 11.30 -9.77 -8.07
C ILE A 46 11.05 -9.92 -6.56
N SER A 47 9.93 -9.42 -6.02
CA SER A 47 9.54 -9.71 -4.64
C SER A 47 8.03 -9.84 -4.56
N PHE A 48 7.62 -10.36 -3.40
CA PHE A 48 6.25 -10.70 -3.05
C PHE A 48 6.13 -10.78 -1.53
N GLN A 49 4.98 -10.41 -0.97
CA GLN A 49 4.53 -10.72 0.37
C GLN A 49 3.01 -10.58 0.40
N MET A 50 2.38 -11.13 1.43
CA MET A 50 1.03 -10.83 1.87
C MET A 50 1.11 -10.34 3.31
N PHE A 51 0.10 -9.58 3.75
CA PHE A 51 0.04 -9.02 5.10
C PHE A 51 -1.40 -8.63 5.41
N ASP A 52 -1.87 -8.90 6.62
CA ASP A 52 -3.11 -8.29 7.08
C ASP A 52 -2.85 -6.83 7.46
N TYR A 53 -3.92 -6.05 7.58
CA TYR A 53 -3.86 -4.65 7.93
C TYR A 53 -5.15 -4.20 8.61
N LYS A 54 -5.11 -3.11 9.38
CA LYS A 54 -6.32 -2.46 9.91
C LYS A 54 -6.21 -0.96 9.79
N ILE A 55 -7.35 -0.27 9.79
CA ILE A 55 -7.42 1.18 9.82
C ILE A 55 -7.99 1.57 11.19
N GLU A 56 -7.13 1.79 12.21
CA GLU A 56 -7.54 2.11 13.58
C GLU A 56 -7.01 3.44 14.11
N GLU A 57 -6.66 4.35 13.20
CA GLU A 57 -6.02 5.63 13.49
C GLU A 57 -5.82 6.59 12.28
N GLY A 58 -6.48 6.37 11.15
CA GLY A 58 -6.30 7.11 9.90
C GLY A 58 -5.00 6.82 9.17
N ARG A 59 -4.32 5.72 9.51
CA ARG A 59 -3.08 5.22 8.92
C ARG A 59 -3.26 3.74 8.58
N ILE A 60 -2.22 2.99 8.20
CA ILE A 60 -2.36 1.56 7.93
C ILE A 60 -1.57 0.82 8.99
N TYR A 61 -2.27 0.20 9.94
CA TYR A 61 -1.69 -0.72 10.91
C TYR A 61 -1.33 -1.99 10.16
N ILE A 62 -0.07 -2.43 10.23
CA ILE A 62 0.42 -3.71 9.76
C ILE A 62 0.80 -4.48 11.03
N TYR A 63 0.50 -5.77 11.09
CA TYR A 63 0.71 -6.61 12.27
C TYR A 63 0.81 -8.10 11.93
N ASP A 64 0.86 -8.42 10.64
CA ASP A 64 0.94 -9.77 10.09
C ASP A 64 1.65 -9.55 8.77
N VAL A 65 2.82 -10.14 8.57
CA VAL A 65 3.50 -10.21 7.29
C VAL A 65 3.99 -11.66 7.18
N TYR A 66 4.13 -12.17 5.95
CA TYR A 66 4.71 -13.46 5.64
C TYR A 66 5.56 -13.30 4.38
N PRO A 67 6.50 -14.21 4.08
CA PRO A 67 6.91 -15.35 4.91
C PRO A 67 7.93 -15.00 6.01
N ASP A 68 8.43 -13.77 6.02
CA ASP A 68 9.20 -13.19 7.10
C ASP A 68 8.27 -12.18 7.74
N GLU A 69 7.72 -12.52 8.91
CA GLU A 69 6.98 -11.58 9.71
C GLU A 69 7.89 -10.45 10.19
N LYS A 70 7.28 -9.30 10.47
CA LYS A 70 7.94 -8.12 11.02
C LYS A 70 7.13 -7.66 12.22
N THR A 71 7.74 -6.84 13.09
CA THR A 71 7.06 -6.16 14.18
C THR A 71 5.87 -5.37 13.61
N PRO A 72 4.78 -5.19 14.38
CA PRO A 72 3.65 -4.37 13.96
C PRO A 72 4.04 -2.89 13.98
N TYR A 73 3.47 -2.09 13.08
CA TYR A 73 3.69 -0.65 12.97
C TYR A 73 2.51 0.00 12.26
N TYR A 74 2.49 1.34 12.19
CA TYR A 74 1.49 2.11 11.46
C TYR A 74 2.21 2.87 10.35
N LEU A 75 1.69 2.79 9.12
CA LEU A 75 2.20 3.51 7.96
C LEU A 75 1.32 4.72 7.72
N ASP A 76 1.91 5.90 7.84
CA ASP A 76 1.31 7.17 7.49
C ASP A 76 1.05 7.17 5.99
N CYS A 77 -0.22 7.25 5.59
CA CYS A 77 -0.58 7.64 4.24
C CYS A 77 -1.79 8.56 4.27
N LYS A 78 -1.91 9.34 3.22
CA LYS A 78 -3.08 10.14 2.89
C LYS A 78 -3.66 9.64 1.57
N ILE A 79 -4.94 9.92 1.32
CA ILE A 79 -5.63 9.44 0.14
C ILE A 79 -6.74 10.46 -0.17
N SER A 80 -7.17 10.57 -1.42
CA SER A 80 -8.26 11.47 -1.85
C SER A 80 -9.31 10.82 -2.78
N GLY A 81 -9.03 9.61 -3.27
CA GLY A 81 -9.70 8.93 -4.36
C GLY A 81 -8.66 8.12 -5.11
N THR A 82 -8.02 8.69 -6.12
CA THR A 82 -7.20 7.94 -7.07
C THR A 82 -5.67 8.14 -6.93
N THR A 83 -5.19 8.96 -5.99
CA THR A 83 -3.78 9.21 -5.69
C THR A 83 -3.43 8.69 -4.28
N LEU A 84 -2.65 7.62 -4.12
CA LEU A 84 -2.11 7.29 -2.81
C LEU A 84 -0.97 8.26 -2.53
N LYS A 85 -0.90 8.79 -1.31
CA LYS A 85 0.30 9.43 -0.80
C LYS A 85 0.78 8.69 0.45
N VAL A 86 1.60 7.66 0.28
CA VAL A 86 2.29 7.02 1.41
C VAL A 86 3.51 7.85 1.79
N GLU A 87 3.67 8.10 3.09
CA GLU A 87 4.68 9.01 3.62
C GLU A 87 5.84 8.27 4.31
N THR A 88 5.65 7.00 4.68
CA THR A 88 6.63 6.17 5.40
C THR A 88 6.35 4.70 5.12
N GLY A 89 7.24 3.81 5.55
CA GLY A 89 7.18 2.40 5.24
C GLY A 89 7.99 2.09 4.01
N SER A 90 8.02 0.81 3.68
CA SER A 90 8.64 0.30 2.49
C SER A 90 8.04 0.87 1.21
N GLU A 91 6.82 1.39 1.25
CA GLU A 91 6.10 1.90 0.08
C GLU A 91 5.92 3.41 0.03
N ALA A 92 6.73 4.15 0.79
CA ALA A 92 6.73 5.61 0.82
C ALA A 92 6.94 6.20 -0.59
N GLY A 93 5.90 6.79 -1.16
CA GLY A 93 5.93 7.45 -2.47
C GLY A 93 4.53 7.82 -2.97
N THR A 94 4.39 7.96 -4.30
CA THR A 94 3.19 8.44 -4.97
C THR A 94 2.65 7.37 -5.91
N TYR A 95 1.37 7.01 -5.76
CA TYR A 95 0.77 5.91 -6.51
C TYR A 95 -0.59 6.32 -7.08
N LYS A 96 -0.99 5.71 -8.20
CA LYS A 96 -2.31 5.85 -8.80
C LYS A 96 -3.10 4.59 -8.49
N LYS A 97 -4.39 4.69 -8.14
CA LYS A 97 -5.30 3.54 -8.10
C LYS A 97 -5.25 2.80 -9.43
N GLN A 98 -5.48 1.49 -9.40
CA GLN A 98 -5.69 0.62 -10.54
C GLN A 98 -6.83 -0.34 -10.20
N LYS A 99 -7.48 -0.86 -11.25
CA LYS A 99 -8.66 -1.72 -11.18
C LYS A 99 -9.67 -1.20 -10.17
N GLY A 1 1.86 22.21 2.37
CA GLY A 1 0.49 22.49 1.92
C GLY A 1 -0.02 21.35 1.06
N GLU A 2 -1.09 20.68 1.48
CA GLU A 2 -1.89 19.72 0.71
C GLU A 2 -3.06 19.32 1.61
N ASP A 3 -4.18 18.98 0.99
CA ASP A 3 -5.47 18.79 1.61
C ASP A 3 -6.05 17.53 1.02
N TRP A 4 -6.01 16.48 1.83
CA TRP A 4 -6.35 15.11 1.50
C TRP A 4 -7.71 14.71 2.11
N THR A 5 -8.09 13.42 1.98
CA THR A 5 -9.21 12.84 2.71
C THR A 5 -8.70 11.84 3.75
N GLU A 6 -9.58 11.57 4.71
CA GLU A 6 -9.44 10.58 5.76
C GLU A 6 -9.15 9.22 5.14
N LEU A 7 -8.07 8.58 5.60
CA LEU A 7 -7.71 7.25 5.19
C LEU A 7 -8.58 6.26 5.96
N ASN A 8 -9.69 5.92 5.35
CA ASN A 8 -10.64 4.90 5.82
C ASN A 8 -10.28 3.60 5.13
N SER A 9 -10.82 2.49 5.66
CA SER A 9 -10.72 1.16 5.05
C SER A 9 -11.24 1.22 3.62
N ASN A 10 -12.40 1.87 3.41
CA ASN A 10 -13.06 1.76 2.12
C ASN A 10 -12.39 2.63 1.06
N ASN A 11 -11.60 3.63 1.47
CA ASN A 11 -10.85 4.46 0.56
C ASN A 11 -9.65 3.71 -0.02
N ILE A 12 -8.93 2.92 0.78
CA ILE A 12 -7.65 2.31 0.37
C ILE A 12 -7.81 1.11 -0.58
N ILE A 13 -9.03 0.57 -0.70
CA ILE A 13 -9.37 -0.54 -1.59
C ILE A 13 -8.90 -0.30 -3.04
N GLY A 14 -8.33 -1.34 -3.64
CA GLY A 14 -7.98 -1.42 -5.05
C GLY A 14 -6.53 -1.89 -5.20
N TYR A 15 -6.10 -2.03 -6.46
CA TYR A 15 -4.69 -2.18 -6.79
C TYR A 15 -4.07 -0.79 -6.89
N TRP A 16 -2.74 -0.71 -6.93
CA TRP A 16 -2.01 0.54 -7.00
C TRP A 16 -0.75 0.28 -7.82
N SER A 17 -0.31 1.20 -8.69
CA SER A 17 1.03 1.13 -9.26
C SER A 17 1.61 2.55 -9.40
N THR A 18 2.90 2.61 -9.72
CA THR A 18 3.75 3.80 -9.77
C THR A 18 4.58 3.84 -11.07
N GLY A 19 4.44 2.84 -11.95
CA GLY A 19 5.12 2.78 -13.23
C GLY A 19 5.05 1.37 -13.80
N ILE A 20 5.63 1.18 -14.98
CA ILE A 20 5.73 -0.11 -15.67
C ILE A 20 7.18 -0.33 -16.13
N GLU A 21 8.14 0.33 -15.47
CA GLU A 21 9.54 0.43 -15.86
C GLU A 21 10.42 0.38 -14.64
N GLY A 22 11.73 0.55 -14.86
CA GLY A 22 12.65 1.02 -13.85
C GLY A 22 12.73 0.02 -12.70
N THR A 23 12.37 0.47 -11.49
CA THR A 23 12.03 -0.40 -10.39
C THR A 23 10.71 0.13 -9.83
N HIS A 24 9.59 -0.50 -10.15
CA HIS A 24 8.27 -0.07 -9.70
C HIS A 24 7.69 -1.14 -8.78
N LYS A 25 6.55 -0.83 -8.16
CA LYS A 25 6.10 -1.52 -6.96
C LYS A 25 4.58 -1.64 -7.03
N LEU A 26 4.04 -2.76 -6.53
CA LEU A 26 2.64 -3.14 -6.76
C LEU A 26 2.00 -3.55 -5.44
N LEU A 27 1.18 -2.67 -4.86
CA LEU A 27 0.32 -2.98 -3.72
C LEU A 27 -1.08 -3.37 -4.21
N SER A 28 -1.79 -4.14 -3.40
CA SER A 28 -3.17 -4.56 -3.66
C SER A 28 -3.93 -4.67 -2.35
N PHE A 29 -5.07 -4.00 -2.17
CA PHE A 29 -5.81 -3.97 -0.90
C PHE A 29 -7.25 -4.43 -1.13
N ASP A 30 -7.61 -5.57 -0.53
CA ASP A 30 -8.94 -6.12 -0.60
C ASP A 30 -9.79 -5.62 0.55
N GLU A 31 -11.10 -5.57 0.35
CA GLU A 31 -12.02 -5.00 1.32
C GLU A 31 -12.41 -5.95 2.44
N ASP A 32 -12.25 -7.26 2.25
CA ASP A 32 -12.54 -8.26 3.28
C ASP A 32 -11.44 -9.29 3.43
N GLY A 33 -10.36 -9.16 2.64
CA GLY A 33 -9.17 -9.97 2.75
C GLY A 33 -8.06 -9.15 3.40
N THR A 34 -6.94 -9.02 2.73
CA THR A 34 -5.65 -8.57 3.25
C THR A 34 -5.06 -7.55 2.27
N GLY A 35 -3.80 -7.14 2.47
CA GLY A 35 -3.03 -6.43 1.47
C GLY A 35 -1.82 -7.25 1.01
N SER A 36 -1.18 -6.86 -0.10
CA SER A 36 0.03 -7.51 -0.61
C SER A 36 0.99 -6.48 -1.20
N PHE A 37 2.23 -6.88 -1.45
CA PHE A 37 3.29 -6.01 -1.93
C PHE A 37 4.20 -6.84 -2.83
N GLY A 38 4.55 -6.31 -4.01
CA GLY A 38 5.54 -6.87 -4.89
C GLY A 38 6.48 -5.78 -5.41
N ILE A 39 7.63 -6.19 -5.90
CA ILE A 39 8.73 -5.33 -6.34
C ILE A 39 9.15 -5.83 -7.72
N TYR A 40 9.08 -4.95 -8.71
CA TYR A 40 9.27 -5.28 -10.11
C TYR A 40 10.46 -4.51 -10.64
N SER A 41 11.36 -5.19 -11.35
CA SER A 41 12.39 -4.59 -12.17
C SER A 41 11.89 -4.57 -13.60
N ASN A 42 11.76 -3.38 -14.20
CA ASN A 42 11.27 -3.09 -15.54
C ASN A 42 9.97 -3.83 -15.89
N ALA A 43 10.04 -5.07 -16.37
CA ALA A 43 8.89 -5.96 -16.55
C ALA A 43 9.28 -7.37 -16.13
N THR A 44 9.72 -7.51 -14.88
CA THR A 44 9.97 -8.76 -14.20
C THR A 44 9.57 -8.59 -12.72
N PRO A 45 8.65 -9.38 -12.15
CA PRO A 45 8.46 -9.47 -10.70
C PRO A 45 9.67 -10.14 -10.04
N ILE A 46 10.13 -9.60 -8.91
CA ILE A 46 11.29 -10.10 -8.18
C ILE A 46 10.97 -10.35 -6.69
N SER A 47 9.86 -9.83 -6.16
CA SER A 47 9.46 -10.02 -4.76
C SER A 47 8.00 -10.36 -4.66
N PHE A 48 7.58 -10.80 -3.48
CA PHE A 48 6.20 -11.04 -3.15
C PHE A 48 6.07 -11.14 -1.63
N GLN A 49 4.94 -10.71 -1.07
CA GLN A 49 4.53 -10.98 0.30
C GLN A 49 3.06 -10.56 0.45
N MET A 50 2.42 -10.99 1.54
CA MET A 50 1.07 -10.62 1.92
C MET A 50 1.08 -10.26 3.41
N PHE A 51 0.06 -9.53 3.86
CA PHE A 51 -0.07 -9.03 5.22
C PHE A 51 -1.52 -8.63 5.47
N ASP A 52 -2.05 -8.93 6.66
CA ASP A 52 -3.28 -8.28 7.12
C ASP A 52 -2.98 -6.80 7.38
N TYR A 53 -4.01 -5.96 7.44
CA TYR A 53 -3.92 -4.60 7.90
C TYR A 53 -5.17 -4.22 8.68
N LYS A 54 -5.13 -3.13 9.43
CA LYS A 54 -6.32 -2.50 9.98
C LYS A 54 -6.18 -0.99 9.82
N ILE A 55 -7.33 -0.32 9.80
CA ILE A 55 -7.39 1.13 9.91
C ILE A 55 -7.93 1.43 11.31
N GLU A 56 -7.03 1.78 12.25
CA GLU A 56 -7.40 2.24 13.60
C GLU A 56 -6.61 3.48 14.02
N GLU A 57 -6.20 4.31 13.08
CA GLU A 57 -5.43 5.52 13.28
C GLU A 57 -5.43 6.50 12.09
N GLY A 58 -6.31 6.34 11.10
CA GLY A 58 -6.21 7.09 9.83
C GLY A 58 -4.89 6.84 9.09
N ARG A 59 -4.22 5.73 9.41
CA ARG A 59 -2.94 5.25 8.89
C ARG A 59 -3.14 3.77 8.54
N ILE A 60 -2.09 3.00 8.26
CA ILE A 60 -2.25 1.57 8.00
C ILE A 60 -1.45 0.84 9.07
N TYR A 61 -2.17 0.16 9.96
CA TYR A 61 -1.59 -0.72 10.97
C TYR A 61 -1.30 -2.04 10.29
N ILE A 62 -0.04 -2.46 10.29
CA ILE A 62 0.42 -3.76 9.82
C ILE A 62 0.81 -4.53 11.09
N TYR A 63 0.40 -5.79 11.20
CA TYR A 63 0.59 -6.62 12.40
C TYR A 63 0.64 -8.11 12.09
N ASP A 64 0.66 -8.48 10.80
CA ASP A 64 0.84 -9.84 10.36
C ASP A 64 1.51 -9.70 9.01
N VAL A 65 2.67 -10.28 8.84
CA VAL A 65 3.40 -10.33 7.58
C VAL A 65 3.94 -11.77 7.45
N TYR A 66 4.08 -12.25 6.22
CA TYR A 66 4.61 -13.56 5.89
C TYR A 66 5.45 -13.43 4.60
N PRO A 67 6.35 -14.38 4.30
CA PRO A 67 6.81 -15.46 5.17
C PRO A 67 7.81 -15.01 6.24
N ASP A 68 8.36 -13.81 6.10
CA ASP A 68 9.18 -13.16 7.11
C ASP A 68 8.22 -12.21 7.81
N GLU A 69 7.77 -12.57 9.00
CA GLU A 69 7.07 -11.64 9.86
C GLU A 69 8.05 -10.55 10.32
N LYS A 70 7.52 -9.41 10.76
CA LYS A 70 8.24 -8.35 11.44
C LYS A 70 7.38 -7.85 12.60
N THR A 71 7.91 -6.95 13.43
CA THR A 71 7.12 -6.23 14.42
C THR A 71 5.88 -5.63 13.72
N PRO A 72 4.76 -5.47 14.44
CA PRO A 72 3.69 -4.58 13.99
C PRO A 72 4.19 -3.14 13.99
N TYR A 73 3.61 -2.30 13.14
CA TYR A 73 3.87 -0.86 13.05
C TYR A 73 2.69 -0.17 12.37
N TYR A 74 2.69 1.16 12.34
CA TYR A 74 1.72 1.96 11.61
C TYR A 74 2.47 2.70 10.50
N LEU A 75 1.82 2.89 9.36
CA LEU A 75 2.38 3.56 8.19
C LEU A 75 1.47 4.72 7.83
N ASP A 76 1.98 5.95 7.92
CA ASP A 76 1.24 7.16 7.61
C ASP A 76 1.01 7.21 6.11
N CYS A 77 -0.23 7.40 5.66
CA CYS A 77 -0.54 7.68 4.27
C CYS A 77 -1.72 8.64 4.19
N LYS A 78 -1.86 9.28 3.03
CA LYS A 78 -2.97 10.15 2.68
C LYS A 78 -3.64 9.60 1.42
N ILE A 79 -4.92 9.90 1.18
CA ILE A 79 -5.64 9.37 0.01
C ILE A 79 -6.65 10.39 -0.50
N SER A 80 -6.91 10.42 -1.81
CA SER A 80 -7.89 11.30 -2.44
C SER A 80 -8.43 10.65 -3.72
N GLY A 81 -9.33 9.69 -3.56
CA GLY A 81 -10.14 9.02 -4.58
C GLY A 81 -9.35 8.15 -5.56
N THR A 82 -8.40 8.73 -6.30
CA THR A 82 -7.49 8.01 -7.19
C THR A 82 -6.03 8.45 -7.00
N THR A 83 -5.65 9.03 -5.85
CA THR A 83 -4.25 9.25 -5.45
C THR A 83 -4.06 8.66 -4.04
N LEU A 84 -3.00 7.88 -3.83
CA LEU A 84 -2.50 7.43 -2.53
C LEU A 84 -1.08 7.97 -2.36
N LYS A 85 -0.79 8.58 -1.21
CA LYS A 85 0.52 9.06 -0.80
C LYS A 85 0.92 8.35 0.47
N VAL A 86 1.74 7.31 0.38
CA VAL A 86 2.37 6.74 1.58
C VAL A 86 3.51 7.70 1.96
N GLU A 87 3.53 8.19 3.20
CA GLU A 87 4.61 9.05 3.68
C GLU A 87 5.81 8.23 4.15
N THR A 88 5.59 7.05 4.72
CA THR A 88 6.61 6.22 5.40
C THR A 88 6.27 4.76 5.18
N GLY A 89 7.30 3.90 5.27
CA GLY A 89 7.21 2.47 5.04
C GLY A 89 8.09 2.05 3.88
N SER A 90 7.99 0.76 3.54
CA SER A 90 8.58 0.23 2.33
C SER A 90 8.05 0.90 1.08
N GLU A 91 6.85 1.49 1.10
CA GLU A 91 6.17 1.94 -0.12
C GLU A 91 6.08 3.48 -0.19
N ALA A 92 6.99 4.17 0.50
CA ALA A 92 7.05 5.63 0.61
C ALA A 92 7.27 6.30 -0.77
N GLY A 93 6.21 6.87 -1.35
CA GLY A 93 6.23 7.43 -2.71
C GLY A 93 4.88 8.00 -3.11
N THR A 94 4.37 7.53 -4.25
CA THR A 94 3.09 7.96 -4.82
C THR A 94 2.46 6.84 -5.66
N TYR A 95 1.12 6.77 -5.68
CA TYR A 95 0.33 5.83 -6.46
C TYR A 95 -0.94 6.52 -6.97
N LYS A 96 -1.42 6.14 -8.16
CA LYS A 96 -2.60 6.73 -8.81
C LYS A 96 -3.77 5.75 -8.98
N LYS A 97 -3.87 4.73 -8.11
CA LYS A 97 -4.79 3.58 -8.20
C LYS A 97 -4.52 2.76 -9.46
N GLN A 98 -4.95 1.50 -9.47
CA GLN A 98 -5.12 0.62 -10.62
C GLN A 98 -6.36 -0.22 -10.32
N LYS A 99 -6.89 -0.83 -11.38
CA LYS A 99 -8.15 -1.57 -11.39
C LYS A 99 -9.25 -0.66 -10.88
N GLY A 1 -0.81 23.76 0.22
CA GLY A 1 -0.26 22.68 1.03
C GLY A 1 -0.63 21.35 0.42
N GLU A 2 -1.09 20.40 1.25
CA GLU A 2 -1.53 19.08 0.81
C GLU A 2 -2.81 18.71 1.55
N ASP A 3 -3.91 18.96 0.86
CA ASP A 3 -5.25 18.59 1.26
C ASP A 3 -5.41 17.19 0.73
N TRP A 4 -5.60 16.29 1.67
CA TRP A 4 -5.94 14.90 1.45
C TRP A 4 -7.26 14.61 2.16
N THR A 5 -7.75 13.36 2.11
CA THR A 5 -8.99 12.97 2.79
C THR A 5 -8.70 12.02 3.96
N GLU A 6 -9.73 11.79 4.76
CA GLU A 6 -9.75 10.77 5.80
C GLU A 6 -9.43 9.40 5.18
N LEU A 7 -8.35 8.80 5.65
CA LEU A 7 -8.04 7.42 5.31
C LEU A 7 -9.04 6.56 6.06
N ASN A 8 -9.79 5.73 5.35
CA ASN A 8 -10.74 4.79 5.92
C ASN A 8 -10.60 3.45 5.20
N SER A 9 -11.35 2.47 5.70
CA SER A 9 -11.31 1.08 5.26
C SER A 9 -11.64 0.94 3.78
N ASN A 10 -12.62 1.70 3.29
CA ASN A 10 -13.13 1.59 1.93
C ASN A 10 -12.20 2.34 0.98
N ASN A 11 -11.55 3.41 1.43
CA ASN A 11 -10.81 4.29 0.54
C ASN A 11 -9.66 3.56 -0.13
N ILE A 12 -8.97 2.68 0.59
CA ILE A 12 -7.75 2.00 0.14
C ILE A 12 -8.03 0.90 -0.90
N ILE A 13 -9.24 0.32 -0.92
CA ILE A 13 -9.59 -0.89 -1.66
C ILE A 13 -9.30 -0.73 -3.16
N GLY A 14 -8.29 -1.44 -3.66
CA GLY A 14 -7.89 -1.43 -5.05
C GLY A 14 -6.51 -2.03 -5.23
N TYR A 15 -6.11 -2.21 -6.49
CA TYR A 15 -4.72 -2.37 -6.88
C TYR A 15 -4.11 -0.98 -7.11
N TRP A 16 -2.78 -0.86 -7.08
CA TRP A 16 -2.03 0.38 -7.21
C TRP A 16 -0.71 0.09 -7.92
N SER A 17 -0.27 0.97 -8.80
CA SER A 17 1.02 0.88 -9.51
C SER A 17 1.63 2.29 -9.54
N THR A 18 2.82 2.47 -10.13
CA THR A 18 3.45 3.79 -10.24
C THR A 18 4.07 4.02 -11.61
N GLY A 19 4.71 3.00 -12.18
CA GLY A 19 5.12 2.95 -13.56
C GLY A 19 5.21 1.48 -13.93
N ILE A 20 5.57 1.19 -15.17
CA ILE A 20 5.78 -0.16 -15.68
C ILE A 20 7.13 -0.24 -16.41
N GLU A 21 8.13 0.48 -15.91
CA GLU A 21 9.47 0.56 -16.50
C GLU A 21 10.53 0.54 -15.38
N GLY A 22 11.81 0.50 -15.74
CA GLY A 22 12.96 0.69 -14.85
C GLY A 22 12.93 -0.18 -13.60
N THR A 23 12.43 0.35 -12.48
CA THR A 23 12.00 -0.42 -11.32
C THR A 23 10.70 0.27 -10.85
N HIS A 24 9.72 -0.50 -10.39
CA HIS A 24 8.45 0.00 -9.91
C HIS A 24 7.90 -0.99 -8.87
N LYS A 25 6.72 -0.73 -8.32
CA LYS A 25 6.13 -1.52 -7.24
C LYS A 25 4.62 -1.60 -7.46
N LEU A 26 4.05 -2.76 -7.19
CA LEU A 26 2.62 -3.04 -7.13
C LEU A 26 2.21 -2.97 -5.65
N LEU A 27 0.95 -2.66 -5.37
CA LEU A 27 0.32 -2.75 -4.05
C LEU A 27 -1.12 -3.18 -4.32
N SER A 28 -1.75 -3.93 -3.43
CA SER A 28 -3.17 -4.19 -3.49
C SER A 28 -3.75 -4.42 -2.10
N PHE A 29 -5.05 -4.16 -1.93
CA PHE A 29 -5.73 -4.22 -0.64
C PHE A 29 -7.14 -4.78 -0.85
N ASP A 30 -7.44 -5.93 -0.26
CA ASP A 30 -8.81 -6.40 -0.10
C ASP A 30 -9.45 -5.69 1.08
N GLU A 31 -10.77 -5.66 1.11
CA GLU A 31 -11.53 -5.10 2.21
C GLU A 31 -11.60 -6.11 3.36
N ASP A 32 -11.76 -7.38 3.02
CA ASP A 32 -12.12 -8.44 3.97
C ASP A 32 -11.12 -9.58 3.92
N GLY A 33 -10.01 -9.36 3.20
CA GLY A 33 -8.84 -10.20 3.12
C GLY A 33 -7.67 -9.45 3.72
N THR A 34 -6.54 -9.45 3.02
CA THR A 34 -5.27 -8.86 3.46
C THR A 34 -4.77 -7.89 2.36
N GLY A 35 -3.62 -7.27 2.54
CA GLY A 35 -2.92 -6.46 1.54
C GLY A 35 -1.72 -7.23 0.99
N SER A 36 -1.24 -6.81 -0.19
CA SER A 36 -0.07 -7.39 -0.85
C SER A 36 0.84 -6.26 -1.36
N PHE A 37 2.12 -6.58 -1.56
CA PHE A 37 3.18 -5.68 -1.99
C PHE A 37 4.17 -6.50 -2.81
N GLY A 38 4.52 -6.06 -4.02
CA GLY A 38 5.44 -6.76 -4.90
C GLY A 38 6.24 -5.77 -5.72
N ILE A 39 7.57 -5.77 -5.58
CA ILE A 39 8.48 -4.96 -6.39
C ILE A 39 8.60 -5.61 -7.77
N TYR A 40 8.84 -4.80 -8.80
CA TYR A 40 9.07 -5.23 -10.16
C TYR A 40 10.32 -4.51 -10.69
N SER A 41 11.20 -5.27 -11.32
CA SER A 41 12.20 -4.75 -12.24
C SER A 41 11.50 -4.60 -13.57
N ASN A 42 11.69 -3.49 -14.27
CA ASN A 42 11.53 -3.29 -15.72
C ASN A 42 10.28 -3.91 -16.34
N ALA A 43 10.30 -5.23 -16.61
CA ALA A 43 9.11 -6.02 -16.85
C ALA A 43 9.31 -7.47 -16.35
N THR A 44 9.47 -7.64 -15.03
CA THR A 44 9.50 -8.88 -14.26
C THR A 44 9.14 -8.57 -12.78
N PRO A 45 8.29 -9.35 -12.10
CA PRO A 45 8.05 -9.24 -10.65
C PRO A 45 9.22 -9.83 -9.84
N ILE A 46 9.88 -9.03 -8.99
CA ILE A 46 11.08 -9.38 -8.23
C ILE A 46 10.85 -9.19 -6.72
N SER A 47 9.62 -9.10 -6.24
CA SER A 47 9.29 -9.39 -4.86
C SER A 47 7.80 -9.71 -4.79
N PHE A 48 7.43 -10.31 -3.67
CA PHE A 48 6.07 -10.63 -3.26
C PHE A 48 6.12 -10.80 -1.74
N GLN A 49 5.25 -10.09 -1.02
CA GLN A 49 4.88 -10.35 0.38
C GLN A 49 3.39 -10.04 0.53
N MET A 50 2.79 -10.42 1.67
CA MET A 50 1.44 -10.03 2.05
C MET A 50 1.36 -9.85 3.57
N PHE A 51 0.33 -9.13 4.02
CA PHE A 51 0.13 -8.72 5.41
C PHE A 51 -1.33 -8.32 5.58
N ASP A 52 -1.95 -8.53 6.74
CA ASP A 52 -3.28 -7.95 7.00
C ASP A 52 -3.12 -6.45 7.27
N TYR A 53 -4.23 -5.74 7.46
CA TYR A 53 -4.20 -4.37 7.95
C TYR A 53 -5.53 -3.98 8.58
N LYS A 54 -5.53 -2.92 9.38
CA LYS A 54 -6.74 -2.20 9.77
C LYS A 54 -6.53 -0.71 9.58
N ILE A 55 -7.62 0.06 9.60
CA ILE A 55 -7.63 1.51 9.55
C ILE A 55 -8.41 1.96 10.78
N GLU A 56 -7.74 2.03 11.94
CA GLU A 56 -8.35 2.30 13.25
C GLU A 56 -7.77 3.59 13.85
N GLU A 57 -7.25 4.49 13.00
CA GLU A 57 -6.64 5.73 13.39
C GLU A 57 -6.47 6.74 12.23
N GLY A 58 -7.13 6.49 11.10
CA GLY A 58 -6.87 7.30 9.91
C GLY A 58 -5.46 7.04 9.35
N ARG A 59 -4.79 5.98 9.79
CA ARG A 59 -3.51 5.49 9.31
C ARG A 59 -3.63 3.97 9.22
N ILE A 60 -2.65 3.29 8.62
CA ILE A 60 -2.68 1.82 8.56
C ILE A 60 -2.33 1.30 9.96
N TYR A 61 -2.58 0.02 10.19
CA TYR A 61 -2.04 -0.80 11.25
C TYR A 61 -1.67 -2.14 10.60
N ILE A 62 -0.39 -2.46 10.42
CA ILE A 62 0.09 -3.79 10.04
C ILE A 62 0.41 -4.51 11.34
N TYR A 63 0.20 -5.83 11.39
CA TYR A 63 0.49 -6.62 12.58
C TYR A 63 0.88 -8.08 12.29
N ASP A 64 0.89 -8.50 11.03
CA ASP A 64 0.97 -9.87 10.57
C ASP A 64 1.55 -9.75 9.19
N VAL A 65 2.75 -10.31 9.01
CA VAL A 65 3.48 -10.28 7.76
C VAL A 65 3.99 -11.70 7.46
N TYR A 66 4.09 -12.01 6.18
CA TYR A 66 4.75 -13.18 5.62
C TYR A 66 5.44 -12.70 4.33
N PRO A 67 6.37 -13.47 3.75
CA PRO A 67 6.91 -14.71 4.31
C PRO A 67 7.87 -14.49 5.47
N ASP A 68 8.36 -13.26 5.64
CA ASP A 68 9.16 -12.82 6.77
C ASP A 68 8.21 -12.18 7.77
N GLU A 69 8.12 -12.71 8.99
CA GLU A 69 7.27 -12.13 10.02
C GLU A 69 7.96 -10.91 10.65
N LYS A 70 7.18 -9.86 10.95
CA LYS A 70 7.66 -8.60 11.51
C LYS A 70 6.77 -8.11 12.64
N THR A 71 7.33 -7.22 13.44
CA THR A 71 6.66 -6.45 14.48
C THR A 71 5.50 -5.59 13.89
N PRO A 72 4.46 -5.29 14.68
CA PRO A 72 3.36 -4.41 14.27
C PRO A 72 3.77 -2.93 14.29
N TYR A 73 3.06 -2.08 13.54
CA TYR A 73 3.22 -0.62 13.56
C TYR A 73 2.12 0.08 12.75
N TYR A 74 2.05 1.42 12.80
CA TYR A 74 1.02 2.26 12.17
C TYR A 74 1.65 3.16 11.10
N LEU A 75 1.58 2.73 9.85
CA LEU A 75 2.15 3.39 8.69
C LEU A 75 1.29 4.58 8.31
N ASP A 76 1.96 5.69 8.08
CA ASP A 76 1.36 6.94 7.65
C ASP A 76 1.26 6.95 6.13
N CYS A 77 0.07 7.29 5.63
CA CYS A 77 -0.24 7.56 4.23
C CYS A 77 -1.45 8.47 4.15
N LYS A 78 -1.69 9.03 2.96
CA LYS A 78 -2.84 9.85 2.62
C LYS A 78 -3.45 9.37 1.31
N ILE A 79 -4.74 9.64 1.10
CA ILE A 79 -5.49 9.25 -0.09
C ILE A 79 -6.54 10.34 -0.38
N SER A 80 -6.86 10.59 -1.65
CA SER A 80 -7.80 11.62 -2.10
C SER A 80 -8.74 11.18 -3.23
N GLY A 81 -8.55 9.99 -3.77
CA GLY A 81 -9.23 9.47 -4.94
C GLY A 81 -8.37 8.36 -5.52
N THR A 82 -7.44 8.67 -6.43
CA THR A 82 -6.66 7.68 -7.15
C THR A 82 -5.14 7.76 -6.95
N THR A 83 -4.61 8.74 -6.21
CA THR A 83 -3.19 8.80 -5.82
C THR A 83 -3.00 8.29 -4.39
N LEU A 84 -2.30 7.17 -4.15
CA LEU A 84 -1.91 6.78 -2.78
C LEU A 84 -0.58 7.48 -2.46
N LYS A 85 -0.55 8.37 -1.46
CA LYS A 85 0.67 9.04 -0.98
C LYS A 85 1.12 8.42 0.32
N VAL A 86 2.17 7.62 0.30
CA VAL A 86 2.68 6.95 1.48
C VAL A 86 3.73 7.84 2.15
N GLU A 87 3.59 8.13 3.45
CA GLU A 87 4.55 8.94 4.18
C GLU A 87 5.71 8.09 4.68
N THR A 88 5.47 6.84 5.13
CA THR A 88 6.51 5.96 5.65
C THR A 88 6.17 4.50 5.37
N GLY A 89 7.11 3.61 5.68
CA GLY A 89 7.00 2.18 5.48
C GLY A 89 7.87 1.76 4.31
N SER A 90 7.90 0.45 4.07
CA SER A 90 8.48 -0.16 2.90
C SER A 90 7.89 0.47 1.63
N GLU A 91 6.63 0.92 1.68
CA GLU A 91 5.91 1.42 0.53
C GLU A 91 6.07 2.92 0.31
N ALA A 92 6.86 3.60 1.15
CA ALA A 92 7.05 5.05 1.15
C ALA A 92 7.34 5.53 -0.26
N GLY A 93 6.39 6.25 -0.86
CA GLY A 93 6.37 6.58 -2.28
C GLY A 93 4.97 7.10 -2.63
N THR A 94 4.69 7.22 -3.93
CA THR A 94 3.40 7.62 -4.42
C THR A 94 3.02 6.70 -5.58
N TYR A 95 1.71 6.44 -5.73
CA TYR A 95 1.15 5.41 -6.60
C TYR A 95 -0.17 5.88 -7.17
N LYS A 96 -0.63 5.25 -8.25
CA LYS A 96 -1.92 5.49 -8.89
C LYS A 96 -2.75 4.21 -8.83
N LYS A 97 -4.05 4.36 -8.57
CA LYS A 97 -5.01 3.27 -8.51
C LYS A 97 -5.07 2.55 -9.85
N GLN A 98 -5.27 1.24 -9.83
CA GLN A 98 -5.39 0.35 -10.98
C GLN A 98 -6.69 -0.45 -10.87
N LYS A 99 -7.71 0.18 -10.29
CA LYS A 99 -9.12 -0.14 -10.34
C LYS A 99 -9.84 1.20 -10.30
N GLY A 1 -1.09 22.98 4.13
CA GLY A 1 -0.21 21.95 3.56
C GLY A 1 -0.94 21.25 2.45
N GLU A 2 -1.73 20.23 2.76
CA GLU A 2 -2.47 19.44 1.79
C GLU A 2 -3.86 19.15 2.35
N ASP A 3 -4.80 18.80 1.48
CA ASP A 3 -6.21 18.60 1.75
C ASP A 3 -6.54 17.21 1.23
N TRP A 4 -6.56 16.23 2.13
CA TRP A 4 -6.83 14.83 1.83
C TRP A 4 -8.09 14.37 2.55
N THR A 5 -8.77 13.34 2.01
CA THR A 5 -9.88 12.71 2.70
C THR A 5 -9.35 11.82 3.81
N GLU A 6 -10.24 11.41 4.71
CA GLU A 6 -9.91 10.38 5.67
C GLU A 6 -9.63 9.09 4.94
N LEU A 7 -8.52 8.49 5.30
CA LEU A 7 -8.20 7.14 5.01
C LEU A 7 -9.19 6.24 5.68
N ASN A 8 -9.67 5.29 4.90
CA ASN A 8 -10.39 4.18 5.45
C ASN A 8 -9.97 2.91 4.74
N SER A 9 -10.36 1.78 5.33
CA SER A 9 -10.28 0.49 4.67
C SER A 9 -11.05 0.56 3.35
N ASN A 10 -12.26 1.14 3.34
CA ASN A 10 -13.05 1.24 2.11
C ASN A 10 -12.33 2.06 1.03
N ASN A 11 -11.42 2.96 1.43
CA ASN A 11 -10.78 3.90 0.53
C ASN A 11 -9.55 3.32 -0.16
N ILE A 12 -8.87 2.34 0.44
CA ILE A 12 -7.57 1.85 -0.07
C ILE A 12 -7.76 0.71 -1.10
N ILE A 13 -8.98 0.22 -1.30
CA ILE A 13 -9.30 -0.94 -2.10
C ILE A 13 -8.92 -0.71 -3.55
N GLY A 14 -7.95 -1.48 -4.05
CA GLY A 14 -7.52 -1.42 -5.44
C GLY A 14 -6.10 -1.94 -5.58
N TYR A 15 -5.64 -2.06 -6.81
CA TYR A 15 -4.22 -2.17 -7.13
C TYR A 15 -3.65 -0.74 -7.22
N TRP A 16 -2.37 -0.55 -6.92
CA TRP A 16 -1.70 0.75 -6.87
C TRP A 16 -0.32 0.61 -7.51
N SER A 17 -0.02 1.43 -8.52
CA SER A 17 1.30 1.50 -9.14
C SER A 17 1.74 2.96 -9.21
N THR A 18 3.02 3.14 -9.55
CA THR A 18 3.70 4.43 -9.64
C THR A 18 4.36 4.62 -11.02
N GLY A 19 4.36 3.61 -11.88
CA GLY A 19 5.05 3.61 -13.17
C GLY A 19 5.58 2.20 -13.44
N ILE A 20 6.19 1.99 -14.59
CA ILE A 20 6.63 0.68 -15.05
C ILE A 20 8.08 0.69 -15.57
N GLU A 21 8.72 1.85 -15.77
CA GLU A 21 10.14 1.88 -16.11
C GLU A 21 10.99 1.51 -14.90
N GLY A 22 12.18 0.98 -15.14
CA GLY A 22 13.22 0.86 -14.11
C GLY A 22 12.96 -0.36 -13.22
N THR A 23 12.61 -0.15 -11.96
CA THR A 23 12.16 -1.18 -11.03
C THR A 23 11.05 -0.56 -10.17
N HIS A 24 9.79 -0.94 -10.37
CA HIS A 24 8.64 -0.33 -9.72
C HIS A 24 8.13 -1.22 -8.59
N LYS A 25 7.14 -0.71 -7.86
CA LYS A 25 6.56 -1.29 -6.66
C LYS A 25 5.05 -1.36 -6.88
N LEU A 26 4.40 -2.44 -6.45
CA LEU A 26 2.98 -2.69 -6.66
C LEU A 26 2.34 -3.00 -5.29
N LEU A 27 1.10 -2.57 -5.04
CA LEU A 27 0.31 -2.90 -3.85
C LEU A 27 -1.08 -3.31 -4.34
N SER A 28 -1.82 -4.09 -3.54
CA SER A 28 -3.12 -4.64 -3.85
C SER A 28 -3.95 -4.95 -2.59
N PHE A 29 -4.83 -4.02 -2.22
CA PHE A 29 -5.74 -4.14 -1.07
C PHE A 29 -7.07 -4.76 -1.51
N ASP A 30 -7.53 -5.74 -0.75
CA ASP A 30 -8.90 -6.23 -0.66
C ASP A 30 -9.59 -5.52 0.50
N GLU A 31 -10.92 -5.62 0.54
CA GLU A 31 -11.80 -4.98 1.48
C GLU A 31 -12.31 -6.00 2.50
N ASP A 32 -11.80 -7.24 2.48
CA ASP A 32 -12.15 -8.22 3.48
C ASP A 32 -11.07 -9.25 3.80
N GLY A 33 -9.85 -9.08 3.27
CA GLY A 33 -8.83 -10.12 3.34
C GLY A 33 -7.50 -9.57 3.87
N THR A 34 -6.50 -9.51 3.00
CA THR A 34 -5.14 -9.13 3.32
C THR A 34 -4.54 -8.40 2.11
N GLY A 35 -3.90 -7.25 2.32
CA GLY A 35 -3.24 -6.51 1.25
C GLY A 35 -1.99 -7.25 0.77
N SER A 36 -1.31 -6.74 -0.26
CA SER A 36 -0.07 -7.37 -0.72
C SER A 36 0.94 -6.34 -1.22
N PHE A 37 2.22 -6.72 -1.36
CA PHE A 37 3.28 -5.83 -1.82
C PHE A 37 4.22 -6.59 -2.73
N GLY A 38 4.36 -6.14 -3.98
CA GLY A 38 5.26 -6.73 -4.97
C GLY A 38 6.26 -5.69 -5.47
N ILE A 39 7.35 -6.15 -6.07
CA ILE A 39 8.40 -5.32 -6.65
C ILE A 39 8.77 -5.98 -7.97
N TYR A 40 8.87 -5.18 -9.03
CA TYR A 40 9.01 -5.60 -10.40
C TYR A 40 10.24 -4.93 -11.01
N SER A 41 11.14 -5.71 -11.60
CA SER A 41 12.20 -5.19 -12.46
C SER A 41 11.65 -5.08 -13.87
N ASN A 42 11.52 -3.85 -14.37
CA ASN A 42 10.83 -3.47 -15.61
C ASN A 42 9.39 -3.98 -15.58
N ALA A 43 9.12 -5.22 -15.98
CA ALA A 43 7.81 -5.84 -15.90
C ALA A 43 7.89 -7.27 -15.31
N THR A 44 9.08 -7.75 -14.97
CA THR A 44 9.30 -9.06 -14.37
C THR A 44 9.10 -8.92 -12.84
N PRO A 45 8.15 -9.64 -12.21
CA PRO A 45 8.00 -9.65 -10.76
C PRO A 45 9.21 -10.31 -10.13
N ILE A 46 9.67 -9.74 -9.01
CA ILE A 46 10.84 -10.21 -8.28
C ILE A 46 10.46 -10.52 -6.84
N SER A 47 9.64 -9.68 -6.19
CA SER A 47 9.23 -9.89 -4.81
C SER A 47 7.71 -9.90 -4.74
N PHE A 48 7.22 -10.55 -3.70
CA PHE A 48 5.82 -10.59 -3.29
C PHE A 48 5.77 -10.87 -1.78
N GLN A 49 4.71 -10.42 -1.11
CA GLN A 49 4.30 -10.76 0.26
C GLN A 49 2.82 -10.38 0.40
N MET A 50 2.13 -10.92 1.40
CA MET A 50 0.82 -10.44 1.83
C MET A 50 0.84 -10.11 3.32
N PHE A 51 -0.16 -9.35 3.79
CA PHE A 51 -0.30 -8.97 5.19
C PHE A 51 -1.72 -8.44 5.47
N ASP A 52 -2.26 -8.78 6.64
CA ASP A 52 -3.44 -8.13 7.21
C ASP A 52 -3.10 -6.65 7.51
N TYR A 53 -4.12 -5.80 7.62
CA TYR A 53 -3.95 -4.39 7.95
C TYR A 53 -5.20 -3.86 8.68
N LYS A 54 -5.13 -2.67 9.30
CA LYS A 54 -6.29 -1.91 9.77
C LYS A 54 -6.08 -0.45 9.44
N ILE A 55 -7.14 0.30 9.18
CA ILE A 55 -7.11 1.77 9.01
C ILE A 55 -7.94 2.36 10.13
N GLU A 56 -7.27 2.70 11.22
CA GLU A 56 -7.90 3.16 12.45
C GLU A 56 -7.21 4.40 13.03
N GLU A 57 -6.52 5.16 12.19
CA GLU A 57 -5.83 6.39 12.57
C GLU A 57 -5.40 7.20 11.36
N GLY A 58 -5.92 6.89 10.17
CA GLY A 58 -5.42 7.50 8.94
C GLY A 58 -4.01 7.01 8.57
N ARG A 59 -3.49 6.04 9.32
CA ARG A 59 -2.25 5.28 9.16
C ARG A 59 -2.57 3.80 9.07
N ILE A 60 -1.81 3.06 8.27
CA ILE A 60 -1.98 1.63 8.11
C ILE A 60 -1.38 0.98 9.34
N TYR A 61 -2.15 0.21 10.10
CA TYR A 61 -1.67 -0.64 11.18
C TYR A 61 -1.33 -1.98 10.55
N ILE A 62 -0.05 -2.35 10.51
CA ILE A 62 0.42 -3.65 10.02
C ILE A 62 0.77 -4.46 11.27
N TYR A 63 0.43 -5.75 11.30
CA TYR A 63 0.59 -6.56 12.52
C TYR A 63 0.64 -8.07 12.25
N ASP A 64 0.59 -8.54 11.00
CA ASP A 64 0.73 -9.92 10.62
C ASP A 64 1.28 -9.86 9.21
N VAL A 65 2.40 -10.50 8.95
CA VAL A 65 3.06 -10.54 7.67
C VAL A 65 3.47 -12.00 7.42
N TYR A 66 3.56 -12.39 6.15
CA TYR A 66 4.03 -13.70 5.74
C TYR A 66 4.87 -13.55 4.45
N PRO A 67 5.70 -14.55 4.12
CA PRO A 67 6.07 -15.71 4.93
C PRO A 67 6.99 -15.37 6.11
N ASP A 68 7.49 -14.14 6.18
CA ASP A 68 8.31 -13.65 7.29
C ASP A 68 7.47 -12.67 8.08
N GLU A 69 7.03 -13.08 9.28
CA GLU A 69 6.41 -12.15 10.21
C GLU A 69 7.46 -11.15 10.69
N LYS A 70 7.07 -9.88 10.83
CA LYS A 70 7.88 -8.81 11.42
C LYS A 70 7.06 -8.08 12.46
N THR A 71 7.70 -7.16 13.18
CA THR A 71 7.10 -6.30 14.19
C THR A 71 5.85 -5.60 13.63
N PRO A 72 4.87 -5.28 14.49
CA PRO A 72 3.83 -4.33 14.14
C PRO A 72 4.45 -2.93 13.97
N TYR A 73 3.78 -2.10 13.17
CA TYR A 73 4.03 -0.68 13.00
C TYR A 73 2.80 0.00 12.39
N TYR A 74 2.64 1.30 12.67
CA TYR A 74 1.68 2.16 11.95
C TYR A 74 2.46 2.94 10.89
N LEU A 75 1.87 3.11 9.70
CA LEU A 75 2.43 3.80 8.55
C LEU A 75 1.52 4.97 8.19
N ASP A 76 1.94 6.21 8.43
CA ASP A 76 1.19 7.40 8.01
C ASP A 76 1.09 7.38 6.49
N CYS A 77 -0.11 7.59 5.96
CA CYS A 77 -0.40 7.69 4.54
C CYS A 77 -1.61 8.59 4.32
N LYS A 78 -1.92 8.90 3.06
CA LYS A 78 -3.08 9.73 2.70
C LYS A 78 -3.77 9.16 1.47
N ILE A 79 -5.04 9.48 1.25
CA ILE A 79 -5.77 8.99 0.08
C ILE A 79 -6.86 9.99 -0.33
N SER A 80 -7.07 10.12 -1.63
CA SER A 80 -8.09 10.99 -2.25
C SER A 80 -8.82 10.18 -3.32
N GLY A 81 -8.98 8.88 -3.07
CA GLY A 81 -9.72 7.97 -3.93
C GLY A 81 -8.84 7.37 -5.02
N THR A 82 -8.20 8.20 -5.84
CA THR A 82 -7.42 7.77 -6.99
C THR A 82 -5.90 7.91 -6.80
N THR A 83 -5.43 8.83 -5.95
CA THR A 83 -4.03 8.90 -5.51
C THR A 83 -3.95 8.31 -4.10
N LEU A 84 -3.04 7.36 -3.90
CA LEU A 84 -2.47 6.95 -2.62
C LEU A 84 -1.16 7.70 -2.40
N LYS A 85 -0.92 8.17 -1.18
CA LYS A 85 0.29 8.89 -0.79
C LYS A 85 0.79 8.40 0.56
N VAL A 86 1.62 7.36 0.60
CA VAL A 86 2.17 6.88 1.86
C VAL A 86 3.29 7.83 2.28
N GLU A 87 3.25 8.33 3.52
CA GLU A 87 4.19 9.30 4.03
C GLU A 87 5.45 8.63 4.61
N THR A 88 5.38 7.37 5.06
CA THR A 88 6.49 6.62 5.66
C THR A 88 6.31 5.11 5.47
N GLY A 89 7.40 4.35 5.56
CA GLY A 89 7.42 2.92 5.35
C GLY A 89 8.17 2.57 4.07
N SER A 90 8.29 1.27 3.82
CA SER A 90 8.85 0.70 2.62
C SER A 90 8.10 1.08 1.34
N GLU A 91 6.87 1.58 1.44
CA GLU A 91 6.02 2.01 0.33
C GLU A 91 5.83 3.54 0.27
N ALA A 92 6.59 4.28 1.08
CA ALA A 92 6.58 5.73 1.16
C ALA A 92 6.83 6.32 -0.21
N GLY A 93 5.85 7.04 -0.73
CA GLY A 93 5.87 7.53 -2.09
C GLY A 93 4.53 8.09 -2.54
N THR A 94 4.33 8.03 -3.85
CA THR A 94 3.19 8.58 -4.56
C THR A 94 2.75 7.50 -5.57
N TYR A 95 1.48 7.09 -5.50
CA TYR A 95 0.93 6.02 -6.31
C TYR A 95 -0.47 6.38 -6.74
N LYS A 96 -0.90 5.75 -7.82
CA LYS A 96 -2.19 5.99 -8.43
C LYS A 96 -2.87 4.64 -8.59
N LYS A 97 -4.16 4.61 -8.27
CA LYS A 97 -5.05 3.46 -8.41
C LYS A 97 -4.92 2.90 -9.83
N GLN A 98 -5.05 1.58 -9.95
CA GLN A 98 -4.99 0.77 -11.17
C GLN A 98 -6.29 -0.03 -11.31
N LYS A 99 -7.36 0.41 -10.62
CA LYS A 99 -8.75 -0.03 -10.68
C LYS A 99 -9.53 1.23 -10.31
N GLY A 1 2.13 22.03 1.60
CA GLY A 1 1.08 21.18 2.16
C GLY A 1 0.08 20.81 1.08
N GLU A 2 -0.60 19.66 1.22
CA GLU A 2 -1.72 19.29 0.36
C GLU A 2 -2.85 18.80 1.25
N ASP A 3 -4.08 19.08 0.81
CA ASP A 3 -5.30 18.65 1.44
C ASP A 3 -5.52 17.24 0.95
N TRP A 4 -5.50 16.32 1.88
CA TRP A 4 -5.84 14.93 1.69
C TRP A 4 -7.11 14.58 2.49
N THR A 5 -7.83 13.52 2.09
CA THR A 5 -8.91 12.97 2.92
C THR A 5 -8.33 12.08 4.01
N GLU A 6 -9.21 11.66 4.92
CA GLU A 6 -8.93 10.61 5.87
C GLU A 6 -8.57 9.33 5.14
N LEU A 7 -7.76 8.51 5.79
CA LEU A 7 -7.53 7.12 5.42
C LEU A 7 -8.56 6.29 6.18
N ASN A 8 -9.30 5.40 5.50
CA ASN A 8 -10.24 4.46 6.12
C ASN A 8 -10.12 3.09 5.43
N SER A 9 -10.72 2.04 6.00
CA SER A 9 -10.76 0.70 5.39
C SER A 9 -11.75 0.65 4.22
N ASN A 10 -11.91 1.73 3.46
CA ASN A 10 -12.82 1.74 2.33
C ASN A 10 -12.31 2.54 1.15
N ASN A 11 -11.55 3.62 1.38
CA ASN A 11 -10.90 4.34 0.28
C ASN A 11 -9.59 3.68 -0.14
N ILE A 12 -8.83 3.00 0.73
CA ILE A 12 -7.59 2.29 0.35
C ILE A 12 -7.85 1.05 -0.51
N ILE A 13 -9.03 0.45 -0.39
CA ILE A 13 -9.45 -0.81 -1.00
C ILE A 13 -9.36 -0.73 -2.54
N GLY A 14 -8.36 -1.35 -3.15
CA GLY A 14 -8.17 -1.38 -4.58
C GLY A 14 -6.78 -1.89 -4.95
N TYR A 15 -6.54 -2.14 -6.24
CA TYR A 15 -5.21 -2.29 -6.82
C TYR A 15 -4.57 -0.91 -6.97
N TRP A 16 -3.24 -0.84 -6.93
CA TRP A 16 -2.47 0.39 -7.03
C TRP A 16 -1.16 0.12 -7.76
N SER A 17 -0.56 1.10 -8.43
CA SER A 17 0.83 0.98 -8.88
C SER A 17 1.47 2.37 -9.00
N THR A 18 2.81 2.40 -9.12
CA THR A 18 3.63 3.61 -9.14
C THR A 18 4.35 3.77 -10.49
N GLY A 19 4.32 2.76 -11.36
CA GLY A 19 4.90 2.83 -12.69
C GLY A 19 4.88 1.47 -13.37
N ILE A 20 5.54 1.39 -14.53
CA ILE A 20 5.68 0.21 -15.38
C ILE A 20 7.14 0.06 -15.86
N GLU A 21 8.08 0.79 -15.25
CA GLU A 21 9.45 0.98 -15.72
C GLU A 21 10.44 1.05 -14.56
N GLY A 22 11.73 1.21 -14.87
CA GLY A 22 12.81 1.52 -13.93
C GLY A 22 12.85 0.53 -12.77
N THR A 23 12.40 0.94 -11.58
CA THR A 23 12.17 0.05 -10.46
C THR A 23 10.87 0.51 -9.79
N HIS A 24 9.76 -0.16 -10.03
CA HIS A 24 8.43 0.22 -9.54
C HIS A 24 7.90 -0.89 -8.62
N LYS A 25 6.70 -0.70 -8.05
CA LYS A 25 6.09 -1.62 -7.11
C LYS A 25 4.57 -1.64 -7.32
N LEU A 26 3.95 -2.76 -6.95
CA LEU A 26 2.51 -2.97 -6.90
C LEU A 26 2.05 -2.81 -5.46
N LEU A 27 0.80 -2.45 -5.22
CA LEU A 27 0.09 -2.63 -3.95
C LEU A 27 -1.33 -3.10 -4.31
N SER A 28 -1.95 -3.97 -3.52
CA SER A 28 -3.37 -4.25 -3.61
C SER A 28 -3.96 -4.37 -2.20
N PHE A 29 -5.27 -4.12 -2.06
CA PHE A 29 -6.01 -4.09 -0.80
C PHE A 29 -7.39 -4.67 -1.12
N ASP A 30 -7.81 -5.70 -0.40
CA ASP A 30 -9.13 -6.30 -0.48
C ASP A 30 -9.91 -5.77 0.71
N GLU A 31 -11.26 -5.71 0.63
CA GLU A 31 -12.05 -5.19 1.72
C GLU A 31 -12.15 -6.20 2.86
N ASP A 32 -12.32 -7.47 2.51
CA ASP A 32 -12.80 -8.50 3.44
C ASP A 32 -11.69 -9.47 3.84
N GLY A 33 -10.49 -9.29 3.28
CA GLY A 33 -9.41 -10.25 3.39
C GLY A 33 -8.13 -9.58 3.83
N THR A 34 -7.12 -9.51 2.96
CA THR A 34 -5.82 -8.90 3.21
C THR A 34 -5.35 -8.27 1.89
N GLY A 35 -4.26 -7.51 1.89
CA GLY A 35 -3.67 -6.90 0.70
C GLY A 35 -2.28 -7.45 0.42
N SER A 36 -1.53 -6.78 -0.47
CA SER A 36 -0.27 -7.34 -0.99
C SER A 36 0.67 -6.26 -1.46
N PHE A 37 1.97 -6.58 -1.48
CA PHE A 37 3.03 -5.73 -2.01
C PHE A 37 3.95 -6.59 -2.86
N GLY A 38 4.50 -6.02 -3.93
CA GLY A 38 5.55 -6.66 -4.71
C GLY A 38 6.41 -5.61 -5.38
N ILE A 39 7.66 -5.95 -5.66
CA ILE A 39 8.66 -5.05 -6.24
C ILE A 39 8.97 -5.57 -7.64
N TYR A 40 9.20 -4.66 -8.59
CA TYR A 40 9.44 -4.94 -9.99
C TYR A 40 10.66 -4.15 -10.45
N SER A 41 11.69 -4.86 -10.89
CA SER A 41 12.79 -4.29 -11.62
C SER A 41 12.37 -4.26 -13.07
N ASN A 42 12.08 -3.06 -13.58
CA ASN A 42 11.75 -2.68 -14.94
C ASN A 42 10.52 -3.37 -15.54
N ALA A 43 10.49 -4.70 -15.61
CA ALA A 43 9.30 -5.51 -15.91
C ALA A 43 9.39 -6.93 -15.33
N THR A 44 10.17 -7.14 -14.27
CA THR A 44 10.47 -8.46 -13.71
C THR A 44 10.25 -8.39 -12.18
N PRO A 45 9.43 -9.27 -11.59
CA PRO A 45 9.08 -9.22 -10.17
C PRO A 45 10.20 -9.76 -9.27
N ILE A 46 10.67 -8.98 -8.29
CA ILE A 46 11.86 -9.27 -7.47
C ILE A 46 11.50 -9.49 -5.99
N SER A 47 10.29 -9.15 -5.55
CA SER A 47 9.78 -9.49 -4.22
C SER A 47 8.26 -9.60 -4.28
N PHE A 48 7.69 -10.23 -3.25
CA PHE A 48 6.28 -10.58 -3.12
C PHE A 48 6.01 -10.91 -1.66
N GLN A 49 5.00 -10.28 -1.06
CA GLN A 49 4.49 -10.55 0.28
C GLN A 49 2.99 -10.24 0.30
N MET A 50 2.29 -10.68 1.35
CA MET A 50 0.90 -10.30 1.60
C MET A 50 0.74 -10.01 3.10
N PHE A 51 -0.20 -9.13 3.45
CA PHE A 51 -0.40 -8.61 4.80
C PHE A 51 -1.81 -8.06 4.98
N ASP A 52 -2.38 -8.17 6.19
CA ASP A 52 -3.61 -7.46 6.54
C ASP A 52 -3.25 -6.02 6.92
N TYR A 53 -4.27 -5.23 7.20
CA TYR A 53 -4.10 -3.89 7.76
C TYR A 53 -5.20 -3.61 8.76
N LYS A 54 -4.96 -2.64 9.65
CA LYS A 54 -6.01 -1.98 10.41
C LYS A 54 -5.78 -0.49 10.29
N ILE A 55 -6.83 0.26 9.98
CA ILE A 55 -6.80 1.70 10.16
C ILE A 55 -7.22 1.93 11.62
N GLU A 56 -6.28 2.32 12.49
CA GLU A 56 -6.60 2.69 13.87
C GLU A 56 -6.00 4.06 14.24
N GLU A 57 -5.75 4.89 13.23
CA GLU A 57 -5.19 6.21 13.40
C GLU A 57 -5.35 7.11 12.16
N GLY A 58 -6.18 6.73 11.20
CA GLY A 58 -6.09 7.34 9.87
C GLY A 58 -4.79 6.94 9.17
N ARG A 59 -4.08 5.95 9.69
CA ARG A 59 -2.77 5.51 9.27
C ARG A 59 -2.82 3.99 9.24
N ILE A 60 -1.98 3.37 8.40
CA ILE A 60 -2.10 1.93 8.15
C ILE A 60 -1.26 1.23 9.20
N TYR A 61 -1.90 0.45 10.06
CA TYR A 61 -1.24 -0.45 10.98
C TYR A 61 -1.03 -1.78 10.26
N ILE A 62 0.22 -2.11 9.95
CA ILE A 62 0.63 -3.46 9.58
C ILE A 62 0.76 -4.23 10.89
N TYR A 63 0.32 -5.50 10.95
CA TYR A 63 0.50 -6.31 12.15
C TYR A 63 0.74 -7.80 11.89
N ASP A 64 0.81 -8.22 10.63
CA ASP A 64 0.53 -9.55 10.18
C ASP A 64 0.98 -9.65 8.73
N VAL A 65 2.16 -10.22 8.51
CA VAL A 65 2.78 -10.33 7.21
C VAL A 65 3.21 -11.78 6.99
N TYR A 66 3.08 -12.25 5.76
CA TYR A 66 3.57 -13.53 5.26
C TYR A 66 4.37 -13.22 3.98
N PRO A 67 5.29 -14.11 3.54
CA PRO A 67 5.72 -15.32 4.22
C PRO A 67 6.83 -15.09 5.25
N ASP A 68 7.38 -13.87 5.32
CA ASP A 68 8.43 -13.46 6.24
C ASP A 68 7.79 -12.46 7.18
N GLU A 69 7.47 -12.90 8.40
CA GLU A 69 6.74 -12.07 9.35
C GLU A 69 7.61 -10.94 9.91
N LYS A 70 6.93 -9.86 10.28
CA LYS A 70 7.50 -8.61 10.78
C LYS A 70 6.85 -8.20 12.09
N THR A 71 7.49 -7.26 12.80
CA THR A 71 6.89 -6.53 13.91
C THR A 71 5.70 -5.70 13.38
N PRO A 72 4.68 -5.44 14.21
CA PRO A 72 3.59 -4.53 13.86
C PRO A 72 4.04 -3.08 13.92
N TYR A 73 3.67 -2.25 12.95
CA TYR A 73 4.01 -0.82 12.91
C TYR A 73 2.97 -0.02 12.14
N TYR A 74 2.99 1.30 12.32
CA TYR A 74 2.15 2.24 11.57
C TYR A 74 2.89 2.76 10.34
N LEU A 75 2.11 3.16 9.34
CA LEU A 75 2.55 3.77 8.10
C LEU A 75 1.73 5.03 7.91
N ASP A 76 2.45 6.13 7.71
CA ASP A 76 1.86 7.41 7.37
C ASP A 76 1.52 7.30 5.89
N CYS A 77 0.23 7.36 5.53
CA CYS A 77 -0.19 7.50 4.15
C CYS A 77 -1.41 8.41 4.08
N LYS A 78 -1.65 8.98 2.90
CA LYS A 78 -2.79 9.81 2.59
C LYS A 78 -3.44 9.36 1.29
N ILE A 79 -4.72 9.67 1.09
CA ILE A 79 -5.44 9.25 -0.11
C ILE A 79 -6.46 10.32 -0.48
N SER A 80 -6.87 10.35 -1.74
CA SER A 80 -7.92 11.24 -2.24
C SER A 80 -8.60 10.64 -3.47
N GLY A 81 -8.92 9.36 -3.32
CA GLY A 81 -9.72 8.59 -4.25
C GLY A 81 -8.81 7.73 -5.10
N THR A 82 -8.08 8.33 -6.03
CA THR A 82 -7.27 7.55 -6.98
C THR A 82 -5.77 7.85 -6.92
N THR A 83 -5.31 8.79 -6.09
CA THR A 83 -3.89 8.91 -5.75
C THR A 83 -3.73 8.41 -4.30
N LEU A 84 -2.76 7.50 -4.07
CA LEU A 84 -2.21 7.15 -2.76
C LEU A 84 -0.91 7.95 -2.57
N LYS A 85 -0.68 8.53 -1.40
CA LYS A 85 0.61 9.09 -0.98
C LYS A 85 1.10 8.39 0.27
N VAL A 86 1.83 7.29 0.11
CA VAL A 86 2.50 6.60 1.21
C VAL A 86 3.74 7.42 1.55
N GLU A 87 3.85 7.93 2.78
CA GLU A 87 5.01 8.71 3.19
C GLU A 87 6.21 7.82 3.52
N THR A 88 6.00 6.67 4.16
CA THR A 88 7.08 5.88 4.76
C THR A 88 6.80 4.38 4.64
N GLY A 89 7.77 3.54 5.05
CA GLY A 89 7.73 2.11 4.97
C GLY A 89 8.24 1.61 3.63
N SER A 90 8.22 0.30 3.48
CA SER A 90 8.65 -0.42 2.30
C SER A 90 7.89 -0.02 1.04
N GLU A 91 6.69 0.55 1.19
CA GLU A 91 5.80 0.94 0.09
C GLU A 91 5.76 2.47 -0.10
N ALA A 92 6.64 3.23 0.56
CA ALA A 92 6.74 4.68 0.46
C ALA A 92 6.89 5.12 -1.00
N GLY A 93 5.85 5.74 -1.54
CA GLY A 93 5.75 6.12 -2.95
C GLY A 93 4.48 6.91 -3.22
N THR A 94 4.18 7.13 -4.50
CA THR A 94 3.00 7.82 -4.97
C THR A 94 2.36 6.93 -6.03
N TYR A 95 1.10 6.55 -5.82
CA TYR A 95 0.47 5.46 -6.56
C TYR A 95 -0.83 5.95 -7.17
N LYS A 96 -1.18 5.46 -8.36
CA LYS A 96 -2.52 5.58 -8.88
C LYS A 96 -3.28 4.29 -8.58
N LYS A 97 -4.59 4.39 -8.39
CA LYS A 97 -5.52 3.26 -8.35
C LYS A 97 -5.47 2.53 -9.71
N GLN A 98 -5.74 1.22 -9.71
CA GLN A 98 -5.56 0.31 -10.85
C GLN A 98 -6.63 -0.80 -10.91
N LYS A 99 -7.78 -0.59 -10.25
CA LYS A 99 -8.94 -1.48 -10.13
C LYS A 99 -8.71 -2.63 -9.14
N GLY A 1 -4.12 23.96 0.83
CA GLY A 1 -3.05 23.15 1.43
C GLY A 1 -2.83 21.91 0.59
N GLU A 2 -2.23 20.86 1.16
CA GLU A 2 -2.43 19.52 0.63
C GLU A 2 -3.68 18.98 1.34
N ASP A 3 -4.84 19.28 0.75
CA ASP A 3 -6.15 18.99 1.33
C ASP A 3 -6.45 17.53 1.08
N TRP A 4 -5.97 16.68 1.97
CA TRP A 4 -6.20 15.25 1.96
C TRP A 4 -7.48 14.92 2.73
N THR A 5 -8.15 13.84 2.33
CA THR A 5 -9.28 13.24 3.01
C THR A 5 -8.80 12.25 4.07
N GLU A 6 -9.75 11.70 4.83
CA GLU A 6 -9.52 10.62 5.76
C GLU A 6 -9.30 9.30 5.04
N LEU A 7 -8.17 8.66 5.28
CA LEU A 7 -7.96 7.26 4.99
C LEU A 7 -8.96 6.43 5.77
N ASN A 8 -9.66 5.54 5.08
CA ASN A 8 -10.60 4.62 5.67
C ASN A 8 -10.58 3.30 4.90
N SER A 9 -11.22 2.31 5.50
CA SER A 9 -11.44 0.93 5.06
C SER A 9 -12.30 0.83 3.79
N ASN A 10 -12.40 1.89 2.98
CA ASN A 10 -13.14 1.87 1.72
C ASN A 10 -12.37 2.60 0.63
N ASN A 11 -11.93 3.85 0.85
CA ASN A 11 -11.19 4.57 -0.20
C ASN A 11 -9.85 3.91 -0.55
N ILE A 12 -9.22 3.16 0.38
CA ILE A 12 -7.96 2.44 0.17
C ILE A 12 -8.10 1.22 -0.76
N ILE A 13 -9.30 0.65 -0.85
CA ILE A 13 -9.51 -0.69 -1.38
C ILE A 13 -9.26 -0.69 -2.89
N GLY A 14 -8.45 -1.65 -3.34
CA GLY A 14 -8.14 -1.93 -4.74
C GLY A 14 -6.63 -1.97 -4.99
N TYR A 15 -6.26 -2.05 -6.26
CA TYR A 15 -4.87 -2.04 -6.75
C TYR A 15 -4.35 -0.60 -6.86
N TRP A 16 -3.02 -0.42 -6.90
CA TRP A 16 -2.33 0.87 -7.01
C TRP A 16 -1.11 0.69 -7.94
N SER A 17 -0.55 1.73 -8.58
CA SER A 17 0.78 1.62 -9.22
C SER A 17 1.58 2.93 -9.16
N THR A 18 2.87 2.88 -9.52
CA THR A 18 3.84 3.97 -9.36
C THR A 18 4.67 4.21 -10.64
N GLY A 19 4.51 3.38 -11.67
CA GLY A 19 5.34 3.34 -12.86
C GLY A 19 5.48 1.88 -13.30
N ILE A 20 6.09 1.66 -14.47
CA ILE A 20 6.10 0.37 -15.16
C ILE A 20 7.50 0.08 -15.75
N GLU A 21 8.55 0.63 -15.14
CA GLU A 21 9.92 0.60 -15.66
C GLU A 21 10.91 0.04 -14.65
N GLY A 22 12.17 -0.13 -15.09
CA GLY A 22 13.39 -0.06 -14.31
C GLY A 22 13.32 -0.77 -12.97
N THR A 23 12.88 -0.08 -11.92
CA THR A 23 12.34 -0.70 -10.71
C THR A 23 11.01 -0.01 -10.42
N HIS A 24 9.92 -0.77 -10.35
CA HIS A 24 8.63 -0.33 -9.90
C HIS A 24 8.11 -1.37 -8.89
N LYS A 25 6.83 -1.28 -8.56
CA LYS A 25 6.21 -1.88 -7.40
C LYS A 25 4.70 -1.87 -7.64
N LEU A 26 3.95 -2.75 -6.99
CA LEU A 26 2.51 -2.95 -7.10
C LEU A 26 1.94 -3.35 -5.72
N LEU A 27 0.84 -2.71 -5.29
CA LEU A 27 0.09 -2.99 -4.07
C LEU A 27 -1.31 -3.43 -4.46
N SER A 28 -1.96 -4.17 -3.56
CA SER A 28 -3.40 -4.36 -3.50
C SER A 28 -3.77 -4.25 -2.04
N PHE A 29 -5.04 -3.91 -1.80
CA PHE A 29 -5.70 -4.02 -0.50
C PHE A 29 -7.15 -4.44 -0.75
N ASP A 30 -7.60 -5.47 -0.07
CA ASP A 30 -9.02 -5.89 -0.06
C ASP A 30 -9.73 -5.31 1.14
N GLU A 31 -11.07 -5.38 1.13
CA GLU A 31 -11.91 -4.96 2.24
C GLU A 31 -11.98 -6.06 3.29
N ASP A 32 -11.95 -7.33 2.87
CA ASP A 32 -12.09 -8.48 3.76
C ASP A 32 -11.10 -9.58 3.40
N GLY A 33 -9.97 -9.19 2.82
CA GLY A 33 -8.90 -10.10 2.46
C GLY A 33 -7.63 -9.70 3.20
N THR A 34 -6.62 -9.31 2.44
CA THR A 34 -5.36 -8.78 2.93
C THR A 34 -4.90 -7.73 1.92
N GLY A 35 -3.69 -7.18 2.12
CA GLY A 35 -2.95 -6.48 1.10
C GLY A 35 -1.79 -7.32 0.60
N SER A 36 -1.17 -6.84 -0.48
CA SER A 36 0.06 -7.40 -1.03
C SER A 36 1.04 -6.30 -1.38
N PHE A 37 2.30 -6.67 -1.64
CA PHE A 37 3.39 -5.76 -2.01
C PHE A 37 4.34 -6.54 -2.90
N GLY A 38 4.34 -6.28 -4.21
CA GLY A 38 5.22 -6.92 -5.19
C GLY A 38 6.09 -5.88 -5.88
N ILE A 39 7.38 -5.79 -5.50
CA ILE A 39 8.38 -4.98 -6.21
C ILE A 39 8.70 -5.73 -7.52
N TYR A 40 8.75 -5.03 -8.65
CA TYR A 40 9.09 -5.57 -9.96
C TYR A 40 10.27 -4.76 -10.51
N SER A 41 11.28 -5.40 -11.10
CA SER A 41 12.24 -4.69 -11.93
C SER A 41 11.80 -4.86 -13.37
N ASN A 42 11.84 -3.77 -14.15
CA ASN A 42 11.55 -3.65 -15.58
C ASN A 42 10.28 -4.36 -16.02
N ALA A 43 10.35 -5.68 -16.19
CA ALA A 43 9.20 -6.57 -16.28
C ALA A 43 9.57 -7.96 -15.72
N THR A 44 9.85 -8.07 -14.42
CA THR A 44 10.03 -9.30 -13.67
C THR A 44 9.73 -9.03 -12.18
N PRO A 45 8.94 -9.87 -11.49
CA PRO A 45 8.73 -9.76 -10.04
C PRO A 45 9.98 -10.18 -9.28
N ILE A 46 10.38 -9.40 -8.26
CA ILE A 46 11.62 -9.66 -7.50
C ILE A 46 11.34 -9.71 -6.00
N SER A 47 10.24 -9.15 -5.51
CA SER A 47 9.76 -9.39 -4.15
C SER A 47 8.26 -9.55 -4.18
N PHE A 48 7.77 -10.11 -3.09
CA PHE A 48 6.39 -10.51 -2.85
C PHE A 48 6.24 -10.69 -1.35
N GLN A 49 5.19 -10.13 -0.77
CA GLN A 49 4.69 -10.47 0.55
C GLN A 49 3.19 -10.25 0.52
N MET A 50 2.47 -10.88 1.44
CA MET A 50 1.04 -10.66 1.67
C MET A 50 0.87 -10.46 3.17
N PHE A 51 -0.06 -9.60 3.58
CA PHE A 51 -0.14 -9.12 4.95
C PHE A 51 -1.51 -8.49 5.19
N ASP A 52 -2.09 -8.73 6.36
CA ASP A 52 -3.33 -8.09 6.82
C ASP A 52 -3.09 -6.59 7.06
N TYR A 53 -4.15 -5.84 7.36
CA TYR A 53 -4.05 -4.53 7.97
C TYR A 53 -5.31 -4.19 8.77
N LYS A 54 -5.28 -3.08 9.51
CA LYS A 54 -6.48 -2.37 9.95
C LYS A 54 -6.28 -0.88 9.69
N ILE A 55 -7.38 -0.15 9.51
CA ILE A 55 -7.38 1.31 9.55
C ILE A 55 -7.96 1.71 10.90
N GLU A 56 -7.11 2.08 11.85
CA GLU A 56 -7.45 2.31 13.26
C GLU A 56 -6.76 3.59 13.77
N GLU A 57 -6.43 4.49 12.85
CA GLU A 57 -5.83 5.80 13.12
C GLU A 57 -5.78 6.72 11.91
N GLY A 58 -6.52 6.42 10.84
CA GLY A 58 -6.38 7.14 9.58
C GLY A 58 -5.02 6.91 8.92
N ARG A 59 -4.34 5.84 9.34
CA ARG A 59 -3.05 5.34 8.88
C ARG A 59 -3.22 3.83 8.76
N ILE A 60 -2.30 3.13 8.10
CA ILE A 60 -2.38 1.68 8.07
C ILE A 60 -1.78 1.17 9.40
N TYR A 61 -2.24 0.02 9.89
CA TYR A 61 -1.63 -0.78 10.94
C TYR A 61 -1.34 -2.13 10.31
N ILE A 62 -0.11 -2.59 10.37
CA ILE A 62 0.39 -3.85 9.83
C ILE A 62 0.78 -4.69 11.04
N TYR A 63 0.35 -5.95 11.07
CA TYR A 63 0.50 -6.80 12.26
C TYR A 63 0.50 -8.31 11.94
N ASP A 64 0.33 -8.69 10.68
CA ASP A 64 0.44 -10.06 10.25
C ASP A 64 1.03 -10.00 8.86
N VAL A 65 2.26 -10.47 8.73
CA VAL A 65 3.04 -10.48 7.50
C VAL A 65 3.56 -11.90 7.34
N TYR A 66 3.69 -12.37 6.11
CA TYR A 66 4.28 -13.63 5.73
C TYR A 66 5.10 -13.38 4.46
N PRO A 67 6.06 -14.25 4.10
CA PRO A 67 6.55 -15.38 4.90
C PRO A 67 7.56 -14.97 5.98
N ASP A 68 8.01 -13.72 5.96
CA ASP A 68 8.84 -13.13 6.99
C ASP A 68 7.91 -12.22 7.76
N GLU A 69 7.38 -12.71 8.87
CA GLU A 69 6.68 -11.87 9.80
C GLU A 69 7.68 -10.88 10.41
N LYS A 70 7.26 -9.63 10.60
CA LYS A 70 8.06 -8.59 11.25
C LYS A 70 7.27 -7.97 12.38
N THR A 71 7.93 -7.13 13.17
CA THR A 71 7.31 -6.31 14.21
C THR A 71 6.07 -5.63 13.61
N PRO A 72 4.96 -5.48 14.36
CA PRO A 72 3.83 -4.71 13.89
C PRO A 72 4.20 -3.23 13.87
N TYR A 73 3.77 -2.51 12.85
CA TYR A 73 4.01 -1.07 12.72
C TYR A 73 2.82 -0.38 12.07
N TYR A 74 2.76 0.93 12.22
CA TYR A 74 1.81 1.77 11.50
C TYR A 74 2.53 2.41 10.31
N LEU A 75 1.77 2.80 9.29
CA LEU A 75 2.28 3.45 8.10
C LEU A 75 1.50 4.72 7.88
N ASP A 76 2.16 5.85 8.09
CA ASP A 76 1.66 7.18 7.76
C ASP A 76 1.36 7.20 6.28
N CYS A 77 0.16 7.64 5.92
CA CYS A 77 -0.23 7.82 4.53
C CYS A 77 -1.38 8.82 4.47
N LYS A 78 -1.64 9.32 3.26
CA LYS A 78 -2.85 10.01 2.89
C LYS A 78 -3.48 9.40 1.66
N ILE A 79 -4.72 9.79 1.37
CA ILE A 79 -5.46 9.32 0.21
C ILE A 79 -6.56 10.34 -0.11
N SER A 80 -7.00 10.39 -1.37
CA SER A 80 -8.21 11.16 -1.70
C SER A 80 -9.20 10.54 -2.70
N GLY A 81 -8.89 9.41 -3.29
CA GLY A 81 -9.81 8.65 -4.12
C GLY A 81 -9.04 7.88 -5.18
N THR A 82 -8.19 8.59 -5.94
CA THR A 82 -7.36 8.01 -6.97
C THR A 82 -5.86 8.23 -6.76
N THR A 83 -5.40 9.22 -5.96
CA THR A 83 -4.01 9.36 -5.51
C THR A 83 -3.85 8.76 -4.11
N LEU A 84 -3.03 7.72 -3.97
CA LEU A 84 -2.44 7.31 -2.69
C LEU A 84 -1.13 8.05 -2.46
N LYS A 85 -0.89 8.47 -1.22
CA LYS A 85 0.40 9.02 -0.78
C LYS A 85 0.86 8.37 0.52
N VAL A 86 1.64 7.30 0.46
CA VAL A 86 2.23 6.71 1.67
C VAL A 86 3.47 7.51 2.02
N GLU A 87 3.64 7.88 3.29
CA GLU A 87 4.74 8.73 3.75
C GLU A 87 5.97 7.93 4.15
N THR A 88 5.83 6.69 4.66
CA THR A 88 6.95 5.89 5.14
C THR A 88 6.75 4.41 4.81
N GLY A 89 7.78 3.59 5.03
CA GLY A 89 7.77 2.20 4.66
C GLY A 89 8.22 2.02 3.23
N SER A 90 8.25 0.75 2.83
CA SER A 90 8.71 0.32 1.54
C SER A 90 7.95 0.94 0.37
N GLU A 91 6.75 1.46 0.61
CA GLU A 91 5.89 1.98 -0.46
C GLU A 91 5.75 3.51 -0.39
N ALA A 92 6.64 4.19 0.34
CA ALA A 92 6.61 5.64 0.49
C ALA A 92 6.81 6.35 -0.85
N GLY A 93 5.76 6.94 -1.44
CA GLY A 93 5.84 7.69 -2.70
C GLY A 93 4.51 8.30 -3.11
N THR A 94 4.14 8.19 -4.40
CA THR A 94 2.90 8.69 -4.99
C THR A 94 2.35 7.63 -5.97
N TYR A 95 1.13 7.14 -5.71
CA TYR A 95 0.58 5.95 -6.37
C TYR A 95 -0.84 6.26 -6.87
N LYS A 96 -1.26 5.58 -7.94
CA LYS A 96 -2.54 5.81 -8.60
C LYS A 96 -3.37 4.55 -8.51
N LYS A 97 -4.64 4.62 -8.07
CA LYS A 97 -5.59 3.51 -8.09
C LYS A 97 -5.56 2.84 -9.47
N GLN A 98 -5.65 1.51 -9.55
CA GLN A 98 -5.67 0.71 -10.78
C GLN A 98 -6.96 -0.10 -10.84
N LYS A 99 -8.04 0.60 -10.52
CA LYS A 99 -9.42 0.17 -10.52
C LYS A 99 -10.23 1.37 -10.97
N GLY A 1 -2.02 23.57 -1.13
CA GLY A 1 -2.27 22.93 0.17
C GLY A 1 -1.81 21.49 0.14
N GLU A 2 -2.24 20.69 1.11
CA GLU A 2 -2.20 19.23 1.03
C GLU A 2 -3.48 18.69 1.68
N ASP A 3 -4.59 18.99 1.02
CA ASP A 3 -5.94 18.85 1.56
C ASP A 3 -6.44 17.44 1.25
N TRP A 4 -5.77 16.47 1.84
CA TRP A 4 -6.06 15.06 1.72
C TRP A 4 -7.32 14.72 2.51
N THR A 5 -8.07 13.68 2.10
CA THR A 5 -9.13 13.10 2.93
C THR A 5 -8.53 12.21 4.01
N GLU A 6 -9.36 11.87 5.00
CA GLU A 6 -9.12 10.76 5.91
C GLU A 6 -8.82 9.53 5.10
N LEU A 7 -7.76 8.84 5.50
CA LEU A 7 -7.60 7.45 5.19
C LEU A 7 -8.60 6.69 6.05
N ASN A 8 -9.47 5.93 5.39
CA ASN A 8 -10.44 5.05 6.03
C ASN A 8 -10.39 3.74 5.27
N SER A 9 -10.99 2.70 5.87
CA SER A 9 -10.77 1.33 5.44
C SER A 9 -11.16 1.16 3.98
N ASN A 10 -12.30 1.74 3.62
CA ASN A 10 -12.93 1.55 2.32
C ASN A 10 -12.21 2.33 1.22
N ASN A 11 -11.49 3.41 1.57
CA ASN A 11 -10.86 4.31 0.59
C ASN A 11 -9.66 3.63 -0.09
N ILE A 12 -8.87 2.88 0.67
CA ILE A 12 -7.54 2.39 0.25
C ILE A 12 -7.64 1.11 -0.60
N ILE A 13 -8.80 0.47 -0.59
CA ILE A 13 -9.06 -0.79 -1.27
C ILE A 13 -8.78 -0.62 -2.78
N GLY A 14 -8.27 -1.68 -3.42
CA GLY A 14 -7.97 -1.71 -4.85
C GLY A 14 -6.47 -1.93 -5.06
N TYR A 15 -6.02 -1.79 -6.32
CA TYR A 15 -4.64 -1.98 -6.75
C TYR A 15 -3.98 -0.62 -6.99
N TRP A 16 -2.65 -0.52 -6.85
CA TRP A 16 -1.89 0.75 -6.85
C TRP A 16 -0.51 0.53 -7.46
N SER A 17 -0.11 1.31 -8.47
CA SER A 17 1.24 1.30 -9.04
C SER A 17 1.73 2.73 -9.25
N THR A 18 3.04 2.88 -9.51
CA THR A 18 3.73 4.16 -9.69
C THR A 18 4.26 4.31 -11.12
N GLY A 19 4.30 3.24 -11.92
CA GLY A 19 4.80 3.26 -13.29
C GLY A 19 5.01 1.83 -13.78
N ILE A 20 5.57 1.70 -14.98
CA ILE A 20 5.81 0.44 -15.68
C ILE A 20 7.25 0.42 -16.22
N GLU A 21 8.17 1.13 -15.59
CA GLU A 21 9.57 1.20 -15.99
C GLU A 21 10.47 0.92 -14.79
N GLY A 22 11.77 0.86 -15.04
CA GLY A 22 12.83 0.98 -14.05
C GLY A 22 12.65 0.03 -12.89
N THR A 23 12.27 0.55 -11.74
CA THR A 23 12.15 -0.20 -10.51
C THR A 23 10.89 0.30 -9.81
N HIS A 24 9.76 -0.38 -10.02
CA HIS A 24 8.46 0.08 -9.55
C HIS A 24 7.76 -0.99 -8.70
N LYS A 25 6.69 -0.58 -8.02
CA LYS A 25 6.15 -1.30 -6.89
C LYS A 25 4.64 -1.34 -6.97
N LEU A 26 4.05 -2.45 -6.52
CA LEU A 26 2.65 -2.77 -6.65
C LEU A 26 2.10 -3.05 -5.25
N LEU A 27 1.01 -2.40 -4.85
CA LEU A 27 0.25 -2.69 -3.64
C LEU A 27 -1.13 -3.11 -4.07
N SER A 28 -1.79 -3.92 -3.25
CA SER A 28 -3.21 -4.06 -3.29
C SER A 28 -3.77 -4.36 -1.90
N PHE A 29 -5.05 -4.07 -1.71
CA PHE A 29 -5.76 -4.21 -0.45
C PHE A 29 -7.16 -4.70 -0.77
N ASP A 30 -7.69 -5.63 0.03
CA ASP A 30 -9.08 -6.08 -0.03
C ASP A 30 -9.85 -5.47 1.11
N GLU A 31 -11.17 -5.38 0.94
CA GLU A 31 -12.05 -4.81 1.95
C GLU A 31 -12.36 -5.81 3.05
N ASP A 32 -12.20 -7.11 2.79
CA ASP A 32 -12.60 -8.17 3.71
C ASP A 32 -11.47 -9.19 3.97
N GLY A 33 -10.32 -8.99 3.31
CA GLY A 33 -9.24 -9.97 3.20
C GLY A 33 -7.95 -9.48 3.86
N THR A 34 -6.83 -9.56 3.13
CA THR A 34 -5.51 -9.09 3.50
C THR A 34 -4.91 -8.39 2.27
N GLY A 35 -3.75 -7.74 2.40
CA GLY A 35 -3.11 -6.99 1.33
C GLY A 35 -1.96 -7.75 0.69
N SER A 36 -1.39 -7.16 -0.36
CA SER A 36 -0.23 -7.67 -1.09
C SER A 36 0.72 -6.50 -1.35
N PHE A 37 2.02 -6.80 -1.47
CA PHE A 37 3.07 -5.84 -1.82
C PHE A 37 4.13 -6.56 -2.66
N GLY A 38 4.16 -6.29 -3.96
CA GLY A 38 5.12 -6.87 -4.88
C GLY A 38 6.06 -5.80 -5.43
N ILE A 39 7.29 -6.21 -5.74
CA ILE A 39 8.37 -5.35 -6.22
C ILE A 39 8.67 -5.85 -7.63
N TYR A 40 8.76 -4.95 -8.61
CA TYR A 40 8.86 -5.26 -10.03
C TYR A 40 10.01 -4.46 -10.63
N SER A 41 10.92 -5.15 -11.33
CA SER A 41 12.00 -4.52 -12.08
C SER A 41 11.55 -4.54 -13.52
N ASN A 42 11.35 -3.36 -14.10
CA ASN A 42 10.97 -3.03 -15.47
C ASN A 42 9.72 -3.76 -15.99
N ALA A 43 9.75 -5.08 -16.14
CA ALA A 43 8.59 -5.89 -16.48
C ALA A 43 8.75 -7.34 -15.95
N THR A 44 9.35 -7.51 -14.78
CA THR A 44 9.54 -8.80 -14.12
C THR A 44 9.24 -8.64 -12.62
N PRO A 45 8.46 -9.54 -12.00
CA PRO A 45 8.26 -9.57 -10.55
C PRO A 45 9.51 -10.12 -9.85
N ILE A 46 9.99 -9.45 -8.79
CA ILE A 46 11.21 -9.83 -8.06
C ILE A 46 10.97 -9.94 -6.54
N SER A 47 9.80 -9.58 -6.00
CA SER A 47 9.45 -9.91 -4.62
C SER A 47 7.94 -9.99 -4.50
N PHE A 48 7.53 -10.72 -3.46
CA PHE A 48 6.16 -10.97 -3.06
C PHE A 48 6.14 -11.08 -1.54
N GLN A 49 5.18 -10.43 -0.89
CA GLN A 49 4.80 -10.72 0.49
C GLN A 49 3.29 -10.61 0.61
N MET A 50 2.71 -11.20 1.64
CA MET A 50 1.31 -11.06 1.98
C MET A 50 1.28 -10.74 3.46
N PHE A 51 0.40 -9.81 3.85
CA PHE A 51 0.32 -9.27 5.19
C PHE A 51 -1.07 -8.73 5.39
N ASP A 52 -1.51 -8.72 6.63
CA ASP A 52 -2.78 -8.19 7.05
C ASP A 52 -2.73 -6.66 7.16
N TYR A 53 -3.85 -6.09 7.60
CA TYR A 53 -4.17 -4.69 7.51
C TYR A 53 -5.44 -4.36 8.26
N LYS A 54 -5.40 -3.26 9.03
CA LYS A 54 -6.60 -2.56 9.48
C LYS A 54 -6.40 -1.07 9.30
N ILE A 55 -7.47 -0.29 9.26
CA ILE A 55 -7.45 1.08 9.73
C ILE A 55 -7.93 1.03 11.18
N GLU A 56 -7.08 1.44 12.11
CA GLU A 56 -7.48 1.80 13.48
C GLU A 56 -6.74 3.09 13.91
N GLU A 57 -6.34 3.92 12.95
CA GLU A 57 -5.55 5.11 13.22
C GLU A 57 -5.45 6.11 12.06
N GLY A 58 -6.29 6.01 11.03
CA GLY A 58 -6.16 6.88 9.85
C GLY A 58 -4.85 6.61 9.12
N ARG A 59 -4.26 5.43 9.37
CA ARG A 59 -2.97 4.95 8.93
C ARG A 59 -3.14 3.44 8.77
N ILE A 60 -2.31 2.82 7.95
CA ILE A 60 -2.43 1.38 7.67
C ILE A 60 -1.71 0.69 8.81
N TYR A 61 -2.44 -0.08 9.60
CA TYR A 61 -1.90 -0.88 10.69
C TYR A 61 -1.55 -2.27 10.16
N ILE A 62 -0.27 -2.64 10.20
CA ILE A 62 0.19 -4.00 9.87
C ILE A 62 0.31 -4.76 11.19
N TYR A 63 0.09 -6.08 11.18
CA TYR A 63 0.26 -6.90 12.38
C TYR A 63 0.49 -8.40 12.14
N ASP A 64 0.50 -8.88 10.90
CA ASP A 64 0.78 -10.24 10.50
C ASP A 64 1.34 -10.12 9.09
N VAL A 65 2.52 -10.67 8.86
CA VAL A 65 3.16 -10.76 7.56
C VAL A 65 3.83 -12.12 7.41
N TYR A 66 4.05 -12.52 6.17
CA TYR A 66 4.66 -13.77 5.75
C TYR A 66 5.47 -13.46 4.47
N PRO A 67 6.46 -14.30 4.11
CA PRO A 67 6.88 -15.51 4.81
C PRO A 67 7.78 -15.25 6.02
N ASP A 68 8.26 -14.03 6.18
CA ASP A 68 8.94 -13.51 7.35
C ASP A 68 7.94 -12.54 7.94
N GLU A 69 7.58 -12.72 9.21
CA GLU A 69 6.76 -11.77 9.95
C GLU A 69 7.61 -10.55 10.34
N LYS A 70 6.99 -9.36 10.41
CA LYS A 70 7.63 -8.17 10.98
C LYS A 70 6.70 -7.56 12.03
N THR A 71 7.28 -6.77 12.93
CA THR A 71 6.58 -6.11 14.04
C THR A 71 5.36 -5.30 13.55
N PRO A 72 4.29 -5.17 14.36
CA PRO A 72 3.16 -4.33 14.02
C PRO A 72 3.54 -2.84 14.07
N TYR A 73 3.05 -2.03 13.14
CA TYR A 73 3.24 -0.58 13.10
C TYR A 73 2.16 0.09 12.23
N TYR A 74 2.15 1.43 12.20
CA TYR A 74 1.24 2.25 11.43
C TYR A 74 2.00 2.97 10.32
N LEU A 75 1.56 2.83 9.06
CA LEU A 75 2.05 3.56 7.91
C LEU A 75 1.24 4.84 7.76
N ASP A 76 1.90 5.97 7.98
CA ASP A 76 1.38 7.30 7.69
C ASP A 76 1.17 7.40 6.20
N CYS A 77 -0.09 7.52 5.78
CA CYS A 77 -0.43 7.73 4.39
C CYS A 77 -1.74 8.48 4.27
N LYS A 78 -1.91 9.10 3.11
CA LYS A 78 -3.02 9.98 2.77
C LYS A 78 -3.59 9.53 1.43
N ILE A 79 -4.87 9.79 1.19
CA ILE A 79 -5.56 9.33 -0.02
C ILE A 79 -6.62 10.36 -0.43
N SER A 80 -6.94 10.44 -1.72
CA SER A 80 -7.91 11.40 -2.26
C SER A 80 -8.45 10.92 -3.62
N GLY A 81 -8.82 9.65 -3.67
CA GLY A 81 -9.29 8.98 -4.87
C GLY A 81 -8.09 8.31 -5.50
N THR A 82 -7.82 8.53 -6.78
CA THR A 82 -6.85 7.68 -7.46
C THR A 82 -5.41 7.93 -7.02
N THR A 83 -5.07 9.00 -6.29
CA THR A 83 -3.72 9.18 -5.76
C THR A 83 -3.67 8.63 -4.33
N LEU A 84 -2.82 7.63 -4.12
CA LEU A 84 -2.30 7.23 -2.81
C LEU A 84 -0.98 7.97 -2.57
N LYS A 85 -0.82 8.57 -1.40
CA LYS A 85 0.42 9.20 -0.94
C LYS A 85 0.86 8.49 0.33
N VAL A 86 1.83 7.59 0.25
CA VAL A 86 2.38 6.96 1.46
C VAL A 86 3.61 7.75 1.86
N GLU A 87 3.69 8.10 3.15
CA GLU A 87 4.72 8.99 3.68
C GLU A 87 5.96 8.22 4.19
N THR A 88 5.79 6.98 4.67
CA THR A 88 6.81 6.18 5.34
C THR A 88 6.68 4.70 4.89
N GLY A 89 7.61 3.84 5.29
CA GLY A 89 7.60 2.44 4.92
C GLY A 89 8.32 2.19 3.60
N SER A 90 8.27 0.93 3.17
CA SER A 90 8.76 0.52 1.86
C SER A 90 7.94 1.17 0.75
N GLU A 91 6.65 1.41 0.99
CA GLU A 91 5.73 1.83 -0.07
C GLU A 91 5.66 3.37 -0.20
N ALA A 92 6.52 4.07 0.53
CA ALA A 92 6.64 5.52 0.62
C ALA A 92 6.88 6.14 -0.76
N GLY A 93 5.86 6.77 -1.34
CA GLY A 93 5.97 7.36 -2.66
C GLY A 93 4.63 7.86 -3.17
N THR A 94 4.55 8.00 -4.49
CA THR A 94 3.42 8.55 -5.24
C THR A 94 2.88 7.42 -6.11
N TYR A 95 1.61 7.05 -5.94
CA TYR A 95 1.01 5.91 -6.63
C TYR A 95 -0.36 6.32 -7.13
N LYS A 96 -0.76 5.75 -8.27
CA LYS A 96 -2.09 5.88 -8.82
C LYS A 96 -2.78 4.54 -8.73
N LYS A 97 -4.10 4.56 -8.51
CA LYS A 97 -4.95 3.39 -8.54
C LYS A 97 -4.78 2.70 -9.90
N GLN A 98 -4.84 1.38 -9.92
CA GLN A 98 -4.72 0.52 -11.08
C GLN A 98 -5.95 -0.38 -11.06
N LYS A 99 -7.00 0.16 -11.66
CA LYS A 99 -8.32 -0.46 -11.82
C LYS A 99 -9.10 -0.46 -10.52
N GLY A 1 0.41 21.86 5.44
CA GLY A 1 0.86 20.74 4.63
C GLY A 1 0.06 20.66 3.34
N GLU A 2 -0.37 19.46 2.93
CA GLU A 2 -1.30 19.28 1.83
C GLU A 2 -2.67 18.91 2.38
N ASP A 3 -3.71 19.17 1.60
CA ASP A 3 -5.09 18.91 1.95
C ASP A 3 -5.41 17.52 1.42
N TRP A 4 -5.53 16.58 2.35
CA TRP A 4 -5.98 15.23 2.08
C TRP A 4 -7.22 14.90 2.91
N THR A 5 -7.96 13.87 2.50
CA THR A 5 -9.11 13.32 3.15
C THR A 5 -8.69 12.42 4.32
N GLU A 6 -9.69 11.90 5.00
CA GLU A 6 -9.54 10.75 5.87
C GLU A 6 -9.21 9.51 5.05
N LEU A 7 -8.24 8.76 5.54
CA LEU A 7 -8.01 7.37 5.25
C LEU A 7 -9.07 6.57 5.96
N ASN A 8 -9.75 5.67 5.25
CA ASN A 8 -10.47 4.61 5.93
C ASN A 8 -10.34 3.30 5.16
N SER A 9 -10.94 2.22 5.67
CA SER A 9 -10.95 0.87 5.11
C SER A 9 -11.79 0.78 3.82
N ASN A 10 -11.99 1.87 3.06
CA ASN A 10 -12.92 1.89 1.92
C ASN A 10 -12.24 2.57 0.74
N ASN A 11 -11.71 3.79 0.92
CA ASN A 11 -11.03 4.46 -0.16
C ASN A 11 -9.74 3.75 -0.57
N ILE A 12 -9.04 3.01 0.30
CA ILE A 12 -7.79 2.36 -0.11
C ILE A 12 -8.00 1.08 -0.94
N ILE A 13 -9.19 0.50 -0.89
CA ILE A 13 -9.46 -0.82 -1.44
C ILE A 13 -9.24 -0.82 -2.96
N GLY A 14 -8.33 -1.67 -3.45
CA GLY A 14 -8.00 -1.85 -4.86
C GLY A 14 -6.52 -2.20 -5.04
N TYR A 15 -6.06 -2.28 -6.29
CA TYR A 15 -4.66 -2.41 -6.67
C TYR A 15 -4.03 -1.01 -6.82
N TRP A 16 -2.69 -0.91 -6.82
CA TRP A 16 -1.99 0.38 -6.86
C TRP A 16 -0.64 0.26 -7.58
N SER A 17 -0.30 1.17 -8.49
CA SER A 17 0.94 1.20 -9.25
C SER A 17 1.48 2.64 -9.34
N THR A 18 2.75 2.84 -9.68
CA THR A 18 3.38 4.17 -9.81
C THR A 18 4.06 4.36 -11.17
N GLY A 19 4.28 3.29 -11.92
CA GLY A 19 5.09 3.28 -13.11
C GLY A 19 5.37 1.82 -13.45
N ILE A 20 5.95 1.59 -14.62
CA ILE A 20 5.95 0.30 -15.30
C ILE A 20 7.35 0.08 -15.91
N GLU A 21 8.38 0.55 -15.23
CA GLU A 21 9.74 0.72 -15.74
C GLU A 21 10.74 0.52 -14.61
N GLY A 22 12.03 0.73 -14.92
CA GLY A 22 13.11 1.05 -13.99
C GLY A 22 13.10 0.17 -12.75
N THR A 23 12.57 0.71 -11.64
CA THR A 23 12.21 -0.04 -10.45
C THR A 23 10.84 0.45 -10.02
N HIS A 24 9.81 -0.39 -10.06
CA HIS A 24 8.47 -0.01 -9.62
C HIS A 24 7.96 -1.02 -8.59
N LYS A 25 6.86 -0.67 -7.94
CA LYS A 25 6.37 -1.29 -6.72
C LYS A 25 4.85 -1.39 -6.86
N LEU A 26 4.29 -2.52 -6.47
CA LEU A 26 2.89 -2.88 -6.68
C LEU A 26 2.29 -3.18 -5.31
N LEU A 27 1.03 -2.82 -5.08
CA LEU A 27 0.30 -2.98 -3.83
C LEU A 27 -1.11 -3.43 -4.16
N SER A 28 -1.78 -4.03 -3.18
CA SER A 28 -3.21 -4.23 -3.19
C SER A 28 -3.74 -4.24 -1.77
N PHE A 29 -5.02 -3.95 -1.60
CA PHE A 29 -5.76 -4.02 -0.35
C PHE A 29 -7.17 -4.47 -0.66
N ASP A 30 -7.71 -5.41 0.13
CA ASP A 30 -9.06 -5.94 -0.01
C ASP A 30 -9.90 -5.46 1.16
N GLU A 31 -11.19 -5.30 0.96
CA GLU A 31 -12.07 -4.75 1.98
C GLU A 31 -12.36 -5.78 3.06
N ASP A 32 -12.28 -7.07 2.71
CA ASP A 32 -12.68 -8.17 3.59
C ASP A 32 -11.56 -9.21 3.70
N GLY A 33 -10.46 -9.03 2.96
CA GLY A 33 -9.33 -9.94 2.88
C GLY A 33 -8.07 -9.28 3.42
N THR A 34 -6.93 -9.52 2.75
CA THR A 34 -5.61 -9.03 3.17
C THR A 34 -5.01 -8.20 2.03
N GLY A 35 -4.05 -7.34 2.37
CA GLY A 35 -3.29 -6.60 1.39
C GLY A 35 -2.15 -7.45 0.87
N SER A 36 -1.55 -7.03 -0.23
CA SER A 36 -0.35 -7.66 -0.77
C SER A 36 0.62 -6.58 -1.26
N PHE A 37 1.89 -6.94 -1.44
CA PHE A 37 2.93 -6.04 -1.92
C PHE A 37 3.84 -6.83 -2.86
N GLY A 38 4.43 -6.15 -3.85
CA GLY A 38 5.42 -6.72 -4.75
C GLY A 38 6.39 -5.63 -5.21
N ILE A 39 7.60 -6.05 -5.60
CA ILE A 39 8.64 -5.17 -6.13
C ILE A 39 9.03 -5.75 -7.48
N TYR A 40 9.19 -4.89 -8.46
CA TYR A 40 9.56 -5.24 -9.82
C TYR A 40 10.88 -4.55 -10.16
N SER A 41 11.60 -5.13 -11.10
CA SER A 41 12.68 -4.50 -11.83
C SER A 41 12.26 -4.48 -13.29
N ASN A 42 12.38 -3.32 -13.92
CA ASN A 42 12.03 -3.00 -15.29
C ASN A 42 10.68 -3.53 -15.74
N ALA A 43 10.62 -4.80 -16.12
CA ALA A 43 9.40 -5.54 -16.45
C ALA A 43 9.51 -6.99 -15.97
N THR A 44 9.81 -7.20 -14.69
CA THR A 44 9.96 -8.51 -14.06
C THR A 44 9.68 -8.37 -12.55
N PRO A 45 8.73 -9.11 -11.95
CA PRO A 45 8.55 -9.15 -10.50
C PRO A 45 9.74 -9.88 -9.84
N ILE A 46 10.22 -9.36 -8.70
CA ILE A 46 11.38 -9.87 -7.96
C ILE A 46 11.05 -10.09 -6.47
N SER A 47 9.98 -9.52 -5.93
CA SER A 47 9.53 -9.77 -4.55
C SER A 47 8.03 -9.88 -4.52
N PHE A 48 7.55 -10.46 -3.44
CA PHE A 48 6.15 -10.77 -3.16
C PHE A 48 6.00 -10.98 -1.65
N GLN A 49 4.88 -10.58 -1.07
CA GLN A 49 4.44 -10.92 0.28
C GLN A 49 2.93 -10.70 0.36
N MET A 50 2.30 -11.16 1.43
CA MET A 50 0.91 -10.93 1.76
C MET A 50 0.86 -10.53 3.24
N PHE A 51 0.05 -9.52 3.58
CA PHE A 51 -0.03 -8.93 4.91
C PHE A 51 -1.44 -8.42 5.18
N ASP A 52 -1.96 -8.65 6.38
CA ASP A 52 -3.21 -8.03 6.82
C ASP A 52 -2.89 -6.62 7.33
N TYR A 53 -3.93 -5.81 7.50
CA TYR A 53 -3.81 -4.42 7.92
C TYR A 53 -5.08 -3.92 8.61
N LYS A 54 -5.03 -2.75 9.26
CA LYS A 54 -6.21 -1.97 9.65
C LYS A 54 -5.99 -0.48 9.43
N ILE A 55 -7.07 0.30 9.30
CA ILE A 55 -7.07 1.77 9.27
C ILE A 55 -7.78 2.28 10.55
N GLU A 56 -7.08 2.36 11.69
CA GLU A 56 -7.59 2.78 13.00
C GLU A 56 -6.90 4.06 13.48
N GLU A 57 -6.39 4.85 12.54
CA GLU A 57 -5.70 6.09 12.82
C GLU A 57 -5.52 6.99 11.60
N GLY A 58 -6.24 6.76 10.52
CA GLY A 58 -5.97 7.45 9.26
C GLY A 58 -4.63 7.00 8.67
N ARG A 59 -4.14 5.83 9.06
CA ARG A 59 -2.82 5.27 8.74
C ARG A 59 -2.98 3.76 8.60
N ILE A 60 -1.99 3.09 8.04
CA ILE A 60 -2.06 1.64 7.80
C ILE A 60 -1.29 0.99 8.94
N TYR A 61 -1.99 0.21 9.77
CA TYR A 61 -1.43 -0.63 10.82
C TYR A 61 -1.13 -1.99 10.22
N ILE A 62 0.12 -2.46 10.29
CA ILE A 62 0.53 -3.80 9.88
C ILE A 62 0.61 -4.65 11.14
N TYR A 63 0.23 -5.93 11.08
CA TYR A 63 0.28 -6.83 12.23
C TYR A 63 0.27 -8.33 11.87
N ASP A 64 0.26 -8.68 10.59
CA ASP A 64 0.26 -10.04 10.10
C ASP A 64 0.90 -9.96 8.74
N VAL A 65 2.08 -10.52 8.54
CA VAL A 65 2.71 -10.66 7.25
C VAL A 65 3.34 -12.04 7.18
N TYR A 66 3.57 -12.53 5.96
CA TYR A 66 4.15 -13.83 5.69
C TYR A 66 5.06 -13.69 4.46
N PRO A 67 5.92 -14.69 4.19
CA PRO A 67 6.25 -15.79 5.09
C PRO A 67 7.00 -15.31 6.32
N ASP A 68 7.97 -14.44 6.15
CA ASP A 68 8.57 -13.71 7.25
C ASP A 68 7.54 -12.70 7.71
N GLU A 69 7.20 -12.72 9.01
CA GLU A 69 6.42 -11.68 9.64
C GLU A 69 7.32 -10.45 9.85
N LYS A 70 6.73 -9.27 9.99
CA LYS A 70 7.43 -8.11 10.52
C LYS A 70 6.78 -7.72 11.83
N THR A 71 7.53 -7.00 12.66
CA THR A 71 6.99 -6.34 13.84
C THR A 71 5.79 -5.49 13.39
N PRO A 72 4.75 -5.33 14.21
CA PRO A 72 3.63 -4.47 13.89
C PRO A 72 4.06 -3.01 14.00
N TYR A 73 3.61 -2.16 13.08
CA TYR A 73 3.85 -0.72 13.10
C TYR A 73 2.71 -0.04 12.33
N TYR A 74 2.67 1.29 12.37
CA TYR A 74 1.77 2.09 11.55
C TYR A 74 2.60 2.76 10.45
N LEU A 75 1.95 3.06 9.33
CA LEU A 75 2.52 3.75 8.18
C LEU A 75 1.66 4.96 7.92
N ASP A 76 2.27 6.13 8.08
CA ASP A 76 1.78 7.40 7.63
C ASP A 76 1.53 7.35 6.14
N CYS A 77 0.28 7.59 5.76
CA CYS A 77 -0.17 7.75 4.40
C CYS A 77 -1.32 8.73 4.38
N LYS A 78 -1.70 9.15 3.18
CA LYS A 78 -2.94 9.81 2.87
C LYS A 78 -3.51 9.29 1.57
N ILE A 79 -4.79 9.60 1.33
CA ILE A 79 -5.50 9.19 0.14
C ILE A 79 -6.67 10.17 -0.04
N SER A 80 -7.19 10.25 -1.25
CA SER A 80 -8.35 11.07 -1.61
C SER A 80 -9.32 10.34 -2.55
N GLY A 81 -9.01 9.11 -2.96
CA GLY A 81 -9.42 8.60 -4.25
C GLY A 81 -8.20 7.98 -4.92
N THR A 82 -8.18 7.97 -6.25
CA THR A 82 -7.21 7.35 -7.15
C THR A 82 -5.70 7.63 -6.97
N THR A 83 -5.22 8.32 -5.93
CA THR A 83 -3.83 8.67 -5.63
C THR A 83 -3.55 8.27 -4.16
N LEU A 84 -2.73 7.25 -3.92
CA LEU A 84 -2.22 6.88 -2.60
C LEU A 84 -0.94 7.68 -2.37
N LYS A 85 -0.86 8.38 -1.24
CA LYS A 85 0.35 9.07 -0.80
C LYS A 85 0.86 8.49 0.51
N VAL A 86 1.60 7.39 0.46
CA VAL A 86 2.29 6.88 1.65
C VAL A 86 3.54 7.75 1.88
N GLU A 87 3.70 8.24 3.10
CA GLU A 87 4.86 9.02 3.53
C GLU A 87 6.04 8.07 3.81
N THR A 88 5.82 6.93 4.47
CA THR A 88 6.89 6.05 4.98
C THR A 88 6.69 4.58 4.58
N GLY A 89 7.51 3.65 5.07
CA GLY A 89 7.48 2.24 4.75
C GLY A 89 8.37 1.95 3.54
N SER A 90 8.29 0.72 3.06
CA SER A 90 8.68 0.37 1.70
C SER A 90 7.77 1.11 0.70
N GLU A 91 6.55 1.40 1.12
CA GLU A 91 5.46 1.85 0.27
C GLU A 91 5.48 3.36 0.07
N ALA A 92 6.43 4.04 0.69
CA ALA A 92 6.70 5.47 0.61
C ALA A 92 6.81 5.88 -0.86
N GLY A 93 5.80 6.59 -1.35
CA GLY A 93 5.73 7.04 -2.73
C GLY A 93 4.41 7.72 -3.07
N THR A 94 4.08 7.68 -4.36
CA THR A 94 2.91 8.31 -4.94
C THR A 94 2.38 7.31 -5.97
N TYR A 95 1.38 6.53 -5.60
CA TYR A 95 0.83 5.47 -6.45
C TYR A 95 -0.55 5.90 -6.89
N LYS A 96 -0.97 5.45 -8.06
CA LYS A 96 -2.30 5.68 -8.57
C LYS A 96 -3.07 4.37 -8.42
N LYS A 97 -4.38 4.47 -8.19
CA LYS A 97 -5.26 3.31 -8.15
C LYS A 97 -5.08 2.59 -9.46
N GLN A 98 -5.06 1.28 -9.42
CA GLN A 98 -5.29 0.44 -10.56
C GLN A 98 -6.55 -0.34 -10.22
N LYS A 99 -7.53 -0.19 -11.09
CA LYS A 99 -8.76 -0.98 -11.15
C LYS A 99 -9.54 -0.90 -9.84
N GLY A 1 -0.21 23.64 0.40
CA GLY A 1 -0.72 22.50 1.18
C GLY A 1 -1.87 21.84 0.44
N GLU A 2 -1.97 20.51 0.52
CA GLU A 2 -3.07 19.73 -0.03
C GLU A 2 -3.88 19.19 1.14
N ASP A 3 -5.18 19.34 1.01
CA ASP A 3 -6.19 19.06 2.02
C ASP A 3 -6.63 17.61 1.82
N TRP A 4 -5.71 16.70 2.13
CA TRP A 4 -5.93 15.27 2.00
C TRP A 4 -7.09 14.81 2.89
N THR A 5 -7.87 13.83 2.43
CA THR A 5 -8.98 13.27 3.17
C THR A 5 -8.48 12.34 4.27
N GLU A 6 -9.42 11.90 5.12
CA GLU A 6 -9.19 10.83 6.05
C GLU A 6 -9.03 9.51 5.32
N LEU A 7 -8.11 8.70 5.81
CA LEU A 7 -7.95 7.31 5.42
C LEU A 7 -9.02 6.51 6.15
N ASN A 8 -9.71 5.63 5.45
CA ASN A 8 -10.66 4.69 6.03
C ASN A 8 -10.59 3.37 5.28
N SER A 9 -11.21 2.34 5.85
CA SER A 9 -11.24 0.98 5.34
C SER A 9 -12.21 0.89 4.14
N ASN A 10 -12.18 1.87 3.24
CA ASN A 10 -13.08 1.93 2.09
C ASN A 10 -12.41 2.63 0.92
N ASN A 11 -11.85 3.83 1.15
CA ASN A 11 -11.12 4.51 0.09
C ASN A 11 -9.80 3.81 -0.23
N ILE A 12 -9.17 3.14 0.73
CA ILE A 12 -7.90 2.42 0.54
C ILE A 12 -8.02 1.25 -0.44
N ILE A 13 -9.21 0.67 -0.58
CA ILE A 13 -9.45 -0.60 -1.26
C ILE A 13 -9.08 -0.48 -2.74
N GLY A 14 -8.33 -1.46 -3.23
CA GLY A 14 -7.98 -1.65 -4.63
C GLY A 14 -6.49 -1.84 -4.83
N TYR A 15 -6.08 -1.99 -6.09
CA TYR A 15 -4.69 -2.08 -6.49
C TYR A 15 -4.05 -0.70 -6.47
N TRP A 16 -2.73 -0.63 -6.35
CA TRP A 16 -1.99 0.62 -6.32
C TRP A 16 -0.66 0.42 -7.06
N SER A 17 -0.49 1.02 -8.24
CA SER A 17 0.75 0.93 -9.04
C SER A 17 1.40 2.31 -9.13
N THR A 18 2.72 2.37 -9.28
CA THR A 18 3.46 3.61 -9.46
C THR A 18 3.93 3.79 -10.92
N GLY A 19 3.95 2.73 -11.72
CA GLY A 19 4.47 2.70 -13.08
C GLY A 19 4.77 1.26 -13.47
N ILE A 20 5.25 1.04 -14.70
CA ILE A 20 5.55 -0.30 -15.22
C ILE A 20 6.94 -0.39 -15.87
N GLU A 21 7.79 0.63 -15.74
CA GLU A 21 9.13 0.63 -16.35
C GLU A 21 10.20 0.44 -15.28
N GLY A 22 11.41 0.09 -15.72
CA GLY A 22 12.66 0.32 -15.00
C GLY A 22 12.72 -0.27 -13.59
N THR A 23 12.31 0.44 -12.55
CA THR A 23 12.00 -0.16 -11.25
C THR A 23 10.68 0.43 -10.77
N HIS A 24 9.67 -0.40 -10.48
CA HIS A 24 8.37 0.02 -9.98
C HIS A 24 7.89 -0.98 -8.93
N LYS A 25 6.73 -0.69 -8.32
CA LYS A 25 6.17 -1.41 -7.19
C LYS A 25 4.65 -1.47 -7.35
N LEU A 26 4.06 -2.61 -7.02
CA LEU A 26 2.62 -2.86 -7.01
C LEU A 26 2.17 -3.08 -5.56
N LEU A 27 0.94 -2.68 -5.21
CA LEU A 27 0.24 -3.14 -4.02
C LEU A 27 -1.21 -3.47 -4.34
N SER A 28 -1.89 -4.13 -3.39
CA SER A 28 -3.33 -4.40 -3.39
C SER A 28 -3.84 -4.31 -1.94
N PHE A 29 -5.14 -4.05 -1.79
CA PHE A 29 -5.89 -3.90 -0.55
C PHE A 29 -7.30 -4.45 -0.82
N ASP A 30 -7.69 -5.58 -0.22
CA ASP A 30 -9.08 -6.05 -0.18
C ASP A 30 -9.81 -5.35 0.97
N GLU A 31 -11.14 -5.39 0.94
CA GLU A 31 -11.98 -4.86 2.01
C GLU A 31 -12.27 -5.91 3.09
N ASP A 32 -12.26 -7.19 2.70
CA ASP A 32 -12.65 -8.32 3.56
C ASP A 32 -11.60 -9.44 3.55
N GLY A 33 -10.41 -9.15 3.02
CA GLY A 33 -9.30 -10.07 2.82
C GLY A 33 -8.06 -9.47 3.47
N THR A 34 -6.95 -9.42 2.73
CA THR A 34 -5.68 -8.82 3.12
C THR A 34 -5.20 -7.94 1.96
N GLY A 35 -3.94 -7.49 1.95
CA GLY A 35 -3.35 -6.79 0.82
C GLY A 35 -2.03 -7.37 0.42
N SER A 36 -1.37 -6.73 -0.55
CA SER A 36 -0.23 -7.37 -1.21
C SER A 36 0.81 -6.32 -1.55
N PHE A 37 2.09 -6.72 -1.66
CA PHE A 37 3.18 -5.89 -2.16
C PHE A 37 4.05 -6.71 -3.11
N GLY A 38 4.43 -6.13 -4.26
CA GLY A 38 5.47 -6.68 -5.13
C GLY A 38 6.37 -5.57 -5.66
N ILE A 39 7.59 -5.92 -6.06
CA ILE A 39 8.59 -5.01 -6.63
C ILE A 39 9.02 -5.64 -7.95
N TYR A 40 9.08 -4.86 -9.02
CA TYR A 40 9.39 -5.33 -10.36
C TYR A 40 10.49 -4.45 -10.93
N SER A 41 11.58 -5.09 -11.34
CA SER A 41 12.61 -4.52 -12.17
C SER A 41 12.14 -4.71 -13.60
N ASN A 42 11.71 -3.64 -14.25
CA ASN A 42 11.39 -3.54 -15.67
C ASN A 42 10.25 -4.46 -16.09
N ALA A 43 10.54 -5.74 -16.21
CA ALA A 43 9.56 -6.79 -16.44
C ALA A 43 9.94 -8.11 -15.78
N THR A 44 10.57 -8.06 -14.61
CA THR A 44 10.97 -9.19 -13.78
C THR A 44 10.65 -8.85 -12.31
N PRO A 45 9.77 -9.59 -11.61
CA PRO A 45 9.50 -9.38 -10.20
C PRO A 45 10.68 -9.83 -9.33
N ILE A 46 11.08 -8.99 -8.36
CA ILE A 46 12.24 -9.16 -7.49
C ILE A 46 11.82 -9.16 -6.00
N SER A 47 10.53 -9.07 -5.67
CA SER A 47 10.00 -9.35 -4.34
C SER A 47 8.50 -9.62 -4.43
N PHE A 48 8.02 -10.40 -3.47
CA PHE A 48 6.61 -10.69 -3.24
C PHE A 48 6.39 -10.93 -1.74
N GLN A 49 5.31 -10.36 -1.18
CA GLN A 49 4.81 -10.63 0.16
C GLN A 49 3.33 -10.21 0.19
N MET A 50 2.57 -10.66 1.19
CA MET A 50 1.21 -10.18 1.47
C MET A 50 1.04 -10.04 2.98
N PHE A 51 0.18 -9.11 3.41
CA PHE A 51 -0.04 -8.80 4.82
C PHE A 51 -1.39 -8.12 5.00
N ASP A 52 -1.97 -8.22 6.19
CA ASP A 52 -3.20 -7.50 6.53
C ASP A 52 -2.85 -6.09 6.98
N TYR A 53 -3.87 -5.23 7.07
CA TYR A 53 -3.76 -3.92 7.69
C TYR A 53 -5.10 -3.61 8.36
N LYS A 54 -5.13 -2.69 9.33
CA LYS A 54 -6.37 -2.03 9.77
C LYS A 54 -6.21 -0.51 9.67
N ILE A 55 -7.34 0.21 9.70
CA ILE A 55 -7.40 1.66 9.74
C ILE A 55 -8.16 2.04 11.02
N GLU A 56 -7.45 2.07 12.15
CA GLU A 56 -8.01 2.25 13.49
C GLU A 56 -7.47 3.54 14.12
N GLU A 57 -7.05 4.48 13.27
CA GLU A 57 -6.24 5.62 13.59
C GLU A 57 -6.04 6.57 12.39
N GLY A 58 -6.83 6.44 11.32
CA GLY A 58 -6.71 7.30 10.15
C GLY A 58 -5.40 7.08 9.38
N ARG A 59 -4.65 6.03 9.74
CA ARG A 59 -3.37 5.61 9.19
C ARG A 59 -3.40 4.09 9.09
N ILE A 60 -2.43 3.49 8.41
CA ILE A 60 -2.40 2.04 8.24
C ILE A 60 -1.79 1.44 9.52
N TYR A 61 -2.16 0.22 9.89
CA TYR A 61 -1.60 -0.56 10.99
C TYR A 61 -1.30 -1.96 10.49
N ILE A 62 -0.02 -2.36 10.38
CA ILE A 62 0.40 -3.71 9.98
C ILE A 62 0.42 -4.57 11.23
N TYR A 63 0.14 -5.87 11.13
CA TYR A 63 0.28 -6.80 12.27
C TYR A 63 0.45 -8.28 11.91
N ASP A 64 0.35 -8.67 10.64
CA ASP A 64 0.17 -10.04 10.16
C ASP A 64 0.70 -10.06 8.73
N VAL A 65 1.86 -10.68 8.49
CA VAL A 65 2.55 -10.71 7.19
C VAL A 65 3.10 -12.10 6.90
N TYR A 66 3.18 -12.43 5.62
CA TYR A 66 3.91 -13.59 5.13
C TYR A 66 4.77 -13.16 3.93
N PRO A 67 5.79 -13.94 3.55
CA PRO A 67 6.17 -15.21 4.15
C PRO A 67 6.81 -15.09 5.54
N ASP A 68 7.42 -13.96 5.87
CA ASP A 68 8.14 -13.77 7.12
C ASP A 68 7.51 -12.61 7.87
N GLU A 69 6.88 -12.94 8.98
CA GLU A 69 6.08 -12.09 9.84
C GLU A 69 6.97 -10.98 10.40
N LYS A 70 6.57 -9.73 10.18
CA LYS A 70 7.25 -8.59 10.75
C LYS A 70 6.43 -8.06 11.91
N THR A 71 7.11 -7.44 12.88
CA THR A 71 6.44 -6.82 14.01
C THR A 71 5.42 -5.79 13.50
N PRO A 72 4.30 -5.59 14.21
CA PRO A 72 3.37 -4.51 13.93
C PRO A 72 4.01 -3.13 14.08
N TYR A 73 3.38 -2.16 13.43
CA TYR A 73 3.62 -0.74 13.53
C TYR A 73 2.51 -0.03 12.72
N TYR A 74 2.40 1.29 12.88
CA TYR A 74 1.52 2.11 12.05
C TYR A 74 2.34 2.71 10.90
N LEU A 75 1.70 3.04 9.79
CA LEU A 75 2.33 3.61 8.59
C LEU A 75 1.53 4.81 8.14
N ASP A 76 2.26 5.88 7.83
CA ASP A 76 1.74 7.21 7.58
C ASP A 76 1.60 7.40 6.07
N CYS A 77 0.39 7.78 5.64
CA CYS A 77 0.05 7.97 4.24
C CYS A 77 -1.17 8.88 4.14
N LYS A 78 -1.42 9.38 2.94
CA LYS A 78 -2.62 10.11 2.59
C LYS A 78 -3.30 9.50 1.37
N ILE A 79 -4.59 9.80 1.21
CA ILE A 79 -5.41 9.36 0.09
C ILE A 79 -6.38 10.49 -0.24
N SER A 80 -6.82 10.59 -1.50
CA SER A 80 -8.03 11.36 -1.82
C SER A 80 -8.82 10.80 -3.01
N GLY A 81 -8.62 9.54 -3.37
CA GLY A 81 -9.40 8.86 -4.39
C GLY A 81 -8.51 7.89 -5.14
N THR A 82 -8.07 8.26 -6.33
CA THR A 82 -7.16 7.45 -7.12
C THR A 82 -5.69 7.72 -6.79
N THR A 83 -5.39 8.80 -6.07
CA THR A 83 -4.06 9.13 -5.59
C THR A 83 -3.90 8.47 -4.22
N LEU A 84 -2.81 7.70 -4.08
CA LEU A 84 -2.22 7.29 -2.82
C LEU A 84 -0.84 7.95 -2.70
N LYS A 85 -0.57 8.54 -1.54
CA LYS A 85 0.69 9.18 -1.17
C LYS A 85 1.17 8.54 0.13
N VAL A 86 2.03 7.54 0.04
CA VAL A 86 2.63 6.94 1.22
C VAL A 86 3.79 7.85 1.65
N GLU A 87 3.94 8.07 2.96
CA GLU A 87 5.02 8.90 3.48
C GLU A 87 6.17 8.06 4.06
N THR A 88 5.90 6.88 4.63
CA THR A 88 6.88 6.04 5.30
C THR A 88 6.58 4.55 5.09
N GLY A 89 7.52 3.70 5.50
CA GLY A 89 7.47 2.26 5.30
C GLY A 89 8.25 1.92 4.04
N SER A 90 8.41 0.63 3.77
CA SER A 90 9.00 0.17 2.54
C SER A 90 8.19 0.62 1.31
N GLU A 91 6.89 0.93 1.48
CA GLU A 91 6.03 1.32 0.36
C GLU A 91 6.13 2.80 0.00
N ALA A 92 6.87 3.58 0.77
CA ALA A 92 6.96 5.04 0.73
C ALA A 92 7.12 5.53 -0.70
N GLY A 93 6.06 6.15 -1.23
CA GLY A 93 5.89 6.27 -2.66
C GLY A 93 4.54 6.84 -3.07
N THR A 94 4.28 6.82 -4.36
CA THR A 94 3.35 7.68 -5.06
C THR A 94 2.59 6.81 -6.07
N TYR A 95 1.34 6.48 -5.79
CA TYR A 95 0.63 5.42 -6.51
C TYR A 95 -0.68 5.91 -7.14
N LYS A 96 -1.22 5.06 -8.02
CA LYS A 96 -2.45 5.19 -8.80
C LYS A 96 -3.33 3.98 -8.49
N LYS A 97 -4.58 4.22 -8.11
CA LYS A 97 -5.62 3.20 -7.95
C LYS A 97 -5.79 2.45 -9.28
N GLN A 98 -5.88 1.12 -9.26
CA GLN A 98 -6.12 0.32 -10.46
C GLN A 98 -7.01 -0.90 -10.23
N LYS A 99 -8.03 -0.76 -9.40
CA LYS A 99 -9.14 -1.71 -9.36
C LYS A 99 -9.89 -1.66 -10.69
#